data_4CEI
#
_entry.id   4CEI
#
_cell.length_a   75.944
_cell.length_b   151.335
_cell.length_c   124.560
_cell.angle_alpha   90.00
_cell.angle_beta   95.95
_cell.angle_gamma   90.00
#
_symmetry.space_group_name_H-M   'P 1 21 1'
#
loop_
_entity.id
_entity.type
_entity.pdbx_description
1 polymer 'ATP-DEPENDENT HELICASE/NUCLEASE SUBUNIT A'
2 polymer 'ATP-DEPENDENT HELICASE/DEOXYRIBONUCLEASE SUBUNIT B'
3 polymer DNA
4 non-polymer 'PHOSPHOAMINOPHOSPHONIC ACID-ADENYLATE ESTER'
5 non-polymer 'MAGNESIUM ION'
6 non-polymer 'IRON/SULFUR CLUSTER'
7 water water
#
loop_
_entity_poly.entity_id
_entity_poly.type
_entity_poly.pdbx_seq_one_letter_code
_entity_poly.pdbx_strand_id
1 'polypeptide(L)'
;MNIPKPADSTWTDDQWNAIVSTGQDILVAAAAGSGKTAVLVERMIRKITAEENPIDVDRLLVVTFTNASAAEMKHRIAEA
LEKELVQRPGSLHIRRQLSLLNRASISTLHSFCLQVLKKYYYLIDLDPGFRIADQTEGELIGDEVLDELFEDEYAKGEKA
FFELVDRYTTDRHDLDLQFLVKQVYEYSRSHPNPEAWLESFVHLYDVSEKSAIEELPFYQYVKEDIAMVLNGAKEKLLRA
LELTKAPGGPAPRADNFLDDLAQIDELIQHQDDFSELYKRVPAVSFKRAKAVKGDEFDPALLDEATDLRNGAKKLLEKLK
TDYFTRSPEQHLKSLAEMKPVIETLVQLVISYGKRFEAAKQEKSIIDFSDLEHYCLAILTAENDKGEREPSEAARFYQEQ
FHEVLVDEYQDTNLVQESILQLVTSGPEETGNLFMVGDVKQSIYRFRLAEPLLFLSKYKRFTESGEGTGRKIDLNKNFRS
RADILDSTNFLFKQLMGGKIGEVDYDEQAELKLGAAYPDNDETETELLLIDNAEDTDASEEAEELETVQFEAKAIAKEIR
KLISSPFKVYDGKKKTHRNIQYRDIVILLRSMPWAPQIMEELRAQGIPVYANLTSGYFEAVEVAVALSVLKVIDNPYQDI
PLASVLRSPIVGADENELSLIRLENKKAPYYEAMKDYLAAGDRSDELYQKLNTFYGHLQKWRAFSKNHSVSELIWEVYRD
TKYMDYVGGMPGGKQRQANLRVLYDRARQYESTAFRGLFRFLRFIERMQERGDDLGTARGLSEQEDVVRLMTIHSSKGLE
FPVVFVAGLGRNFNMMDLNKSYLLDKELGFGTKYIHPQLRISYPTLPLIAMKKKMRRELLSEELRVLYVALTRAKEKLFL
IGSCKDHQKQLAKWQASASQTDWLLPEFDRYQARTYLDFIGPALARHRDLGDLAGVPAHADISGHPARFAVQMIHSYDLL
DDDLEERMEEKSERLEAIRRGEPVPGSFAFDEKAREQLSWTYPHQEVTQIRTKQSVSEIKRKREYEDEYSGRAPVKPADG
SILYRRPAFMMKKGLTAAEKGTAMHTVMQHIPLSHVPSIEEAEQTVHRLYEKELLTEEQKDAIDIEEIVQFFHTEIGGQL
IGAKWKDREIPFSLALPAKEIYPDAHEADEPLLVQGIIDCLYETEDGLYLLAYKSDRIEGKFQHGFEGAAPILKKRYETQ
IQLYTKAVEQIAKTKVKGCALYFFDGGHILTL
;
A
2 'polypeptide(L)'
;MGAEFLVGRSGSGKTKLIINSIQDELRRAPFGKPIIFLVPDQMTFLMEYELAKTPDMGGMIRAQVFSFSRLAWRVLQHTG
GMSRPFLTSTGVQMLLRKLIEEHKQEFKVYQKASDKSGFTAQVERMLTEFKRYCLEPEDIRRMAESGTASEYRGERVLSE
KLHDLSILYQQMEKSLADQYLHSEDYLTLLAEHIPLAEDIKGAHIYVDGFYQFTPQEFRVLEQLMVHAEHITFSLTADKP
SYEREPHELELFRMTGKTYYRLHQKAKELNLDITYKELSGTERHTKTPELAHLEAQYEARPAIPYAEKQEALTVMQAANR
RAELEGIAREIHALVREKGYRYKDVAILARQPEDYKDMVKEVFADYEIPYFIDGKASMLNHPLIEFIRSSLDVLKGNWRY
EAVFRCVKTELLFPLNEPKAKVREQVDQLENYCIAYGIKGDRWTKGDRFQYRRFVSLDDDFAQTDQEIEMENMLNDTRDW
IVPPLFQLQKRMKKAKTVQEKAEALYRYLEETDVPLKLDQERQRAEDDGRIIEAQQHQQAWDAVIQLLEEFVEMMGDDEI
SLDLFQQMIEAGAESLTFSLIPPALDQVFVGNMDLSRMYGTSCTFVLGANDGVLPARPDENGVLSDDDREWLKTIGVELS
SGGRERLLDEHFLIYMAFSSPSDRLYVSYPIADAEGKTLLPSMIVKRLEELFPHHKERLLTNEPEQVSDEEQLMYVVNKS
VAQSFTASQLRLWTREYDISDVWWSTYNVLMSEQDRLQSKKLFSSLFFRNEVKQLERSVSRQLYGERIQGSVSRMETFNA
CPFSHFASHGLHLKERQFFKLEAPDIGQLFHSSLKLISDRLRDEKLDWRDLTKEQCELFSYDAVERLAPKLQKEILLSSN
RHYYVKEKLQKIVTRVSGILSEHAKASGFVPIGLELGFGGKGPLPPLTFQLKNGCTMELVGRIDRVDKAESSKGLLLRIV
AYKSSDKGLDLAEVYYGLALQMLTYLDLSITHSADWLGMRATPAGVLYFHIHDPMIQSNLPLGLDEIEQEIFKKFKMKGL
LLGDQEVVRLMDTTLQEGRSNIINAGLKKDGSLRSDSAAVGEKEFDLLTKHVRRTFQEAGEQITDGRVSIEPYKMKNKTP
CTYCAFKSVCQFDESLEENEYRPLKAEKDKTILEWIKKEADGNEHS
;
B
3 'polydeoxyribonucleotide'
;(DT)(DT)(DT)(DT)(DT)(DT)(DT)(DC)(DT)(DA)(DA)(DT)(DG)(DC)(DG)(DA)(DG)(DC)(DA)(DC)
(DT)(DG)(DC)(DT)(DA)(DT)(DT)(DC)(DC)(DC)(DT)(DA)(DG)(DC)(DA)(DG)(DT)(DG)(DC)(DT)
(DC)(DG)(DC)(DA)(DT)(DT)(DA)(DG)(DA)(DT)(DT)(DT)(DT)(DG)(DT)(DT)(DT)(DT)(DT)(DT)
(DA)(DG)(DC)(DG)(DG)
;
X
#
# COMPACT_ATOMS: atom_id res chain seq x y z
N LYS A 5 -37.35 -16.05 -29.99
CA LYS A 5 -37.50 -15.73 -31.40
C LYS A 5 -36.21 -16.04 -32.17
N PRO A 6 -36.35 -16.73 -33.31
CA PRO A 6 -35.20 -17.10 -34.14
C PRO A 6 -34.78 -16.00 -35.10
N ALA A 7 -33.49 -15.68 -35.15
CA ALA A 7 -33.03 -14.59 -36.03
C ALA A 7 -31.75 -14.93 -36.76
N ASP A 8 -31.65 -14.44 -37.98
CA ASP A 8 -30.47 -14.57 -38.83
C ASP A 8 -29.31 -13.74 -38.27
N SER A 9 -28.11 -14.33 -38.24
CA SER A 9 -26.95 -13.63 -37.69
C SER A 9 -25.61 -14.24 -38.09
N THR A 10 -24.55 -13.76 -37.45
CA THR A 10 -23.24 -14.41 -37.50
C THR A 10 -23.17 -15.45 -36.39
N TRP A 11 -24.11 -15.35 -35.45
CA TRP A 11 -24.17 -16.23 -34.29
C TRP A 11 -24.51 -17.67 -34.68
N THR A 12 -23.85 -18.61 -34.02
CA THR A 12 -24.20 -20.01 -34.10
C THR A 12 -25.54 -20.21 -33.39
N ASP A 13 -26.32 -21.21 -33.82
CA ASP A 13 -27.63 -21.49 -33.23
C ASP A 13 -27.56 -21.71 -31.71
N ASP A 14 -26.51 -22.38 -31.25
CA ASP A 14 -26.28 -22.55 -29.82
C ASP A 14 -26.07 -21.20 -29.15
N GLN A 15 -25.27 -20.35 -29.80
CA GLN A 15 -25.00 -19.02 -29.26
C GLN A 15 -26.27 -18.20 -29.18
N TRP A 16 -27.03 -18.18 -30.28
CA TRP A 16 -28.29 -17.46 -30.32
C TRP A 16 -29.21 -17.99 -29.24
N ASN A 17 -29.18 -19.30 -29.04
CA ASN A 17 -29.91 -19.95 -27.97
C ASN A 17 -29.61 -19.29 -26.62
N ALA A 18 -28.32 -19.12 -26.33
CA ALA A 18 -27.88 -18.54 -25.07
C ALA A 18 -28.21 -17.05 -24.97
N ILE A 19 -28.25 -16.38 -26.12
CA ILE A 19 -28.54 -14.95 -26.15
C ILE A 19 -30.02 -14.65 -25.88
N VAL A 20 -30.91 -15.46 -26.44
CA VAL A 20 -32.34 -15.14 -26.42
C VAL A 20 -33.12 -15.93 -25.35
N SER A 21 -32.62 -17.10 -24.98
CA SER A 21 -33.34 -17.93 -24.01
C SER A 21 -33.56 -17.22 -22.69
N THR A 22 -34.73 -17.44 -22.10
CA THR A 22 -35.10 -16.81 -20.83
C THR A 22 -36.12 -17.66 -20.09
N GLY A 23 -36.46 -17.25 -18.87
CA GLY A 23 -37.52 -17.91 -18.12
C GLY A 23 -37.04 -18.73 -16.93
N GLN A 24 -35.80 -19.21 -16.99
CA GLN A 24 -35.23 -19.98 -15.91
C GLN A 24 -33.74 -19.67 -15.76
N ASP A 25 -33.10 -20.27 -14.74
CA ASP A 25 -31.65 -20.21 -14.64
C ASP A 25 -31.01 -20.85 -15.87
N ILE A 26 -30.00 -20.18 -16.41
CA ILE A 26 -29.34 -20.68 -17.61
C ILE A 26 -27.85 -20.85 -17.37
N LEU A 27 -27.33 -22.02 -17.74
CA LEU A 27 -25.90 -22.29 -17.65
C LEU A 27 -25.36 -22.63 -19.03
N VAL A 28 -24.38 -21.84 -19.48
CA VAL A 28 -23.74 -22.10 -20.77
C VAL A 28 -22.37 -22.73 -20.55
N ALA A 29 -22.24 -23.98 -20.98
CA ALA A 29 -20.98 -24.71 -20.83
C ALA A 29 -20.32 -24.92 -22.18
N ALA A 30 -19.08 -24.49 -22.31
CA ALA A 30 -18.37 -24.57 -23.58
C ALA A 30 -16.87 -24.45 -23.40
N ALA A 31 -16.12 -25.07 -24.30
CA ALA A 31 -14.66 -25.03 -24.26
C ALA A 31 -14.15 -23.60 -24.45
N ALA A 32 -12.82 -23.45 -24.40
CA ALA A 32 -12.21 -22.13 -24.51
C ALA A 32 -12.39 -21.53 -25.90
N GLY A 33 -12.79 -20.27 -25.94
CA GLY A 33 -12.91 -19.54 -27.21
C GLY A 33 -14.22 -19.76 -27.94
N SER A 34 -15.24 -20.20 -27.23
CA SER A 34 -16.51 -20.55 -27.86
C SER A 34 -17.42 -19.35 -28.08
N GLY A 35 -17.17 -18.27 -27.34
CA GLY A 35 -17.98 -17.07 -27.44
C GLY A 35 -18.92 -16.91 -26.26
N LYS A 36 -18.57 -17.56 -25.15
CA LYS A 36 -19.37 -17.48 -23.94
C LYS A 36 -19.50 -16.05 -23.46
N THR A 37 -18.37 -15.35 -23.38
CA THR A 37 -18.34 -13.96 -22.95
C THR A 37 -19.03 -13.07 -23.99
N ALA A 38 -18.72 -13.30 -25.26
CA ALA A 38 -19.35 -12.58 -26.36
C ALA A 38 -20.87 -12.69 -26.27
N VAL A 39 -21.35 -13.89 -25.98
CA VAL A 39 -22.78 -14.17 -25.86
C VAL A 39 -23.38 -13.44 -24.66
N LEU A 40 -22.64 -13.41 -23.55
CA LEU A 40 -23.09 -12.72 -22.35
C LEU A 40 -23.31 -11.25 -22.66
N VAL A 41 -22.33 -10.63 -23.30
CA VAL A 41 -22.42 -9.24 -23.72
C VAL A 41 -23.63 -8.98 -24.62
N GLU A 42 -23.74 -9.77 -25.68
CA GLU A 42 -24.81 -9.59 -26.65
C GLU A 42 -26.18 -9.81 -26.03
N ARG A 43 -26.23 -10.70 -25.05
CA ARG A 43 -27.46 -10.93 -24.31
C ARG A 43 -27.89 -9.64 -23.62
N MET A 44 -26.93 -8.99 -22.97
CA MET A 44 -27.14 -7.71 -22.31
C MET A 44 -27.61 -6.64 -23.27
N ILE A 45 -26.83 -6.44 -24.33
CA ILE A 45 -27.10 -5.42 -25.32
C ILE A 45 -28.51 -5.60 -25.90
N ARG A 46 -28.89 -6.84 -26.15
CA ARG A 46 -30.21 -7.13 -26.69
C ARG A 46 -31.31 -6.79 -25.69
N LYS A 47 -31.03 -7.01 -24.41
CA LYS A 47 -32.00 -6.70 -23.36
C LYS A 47 -32.14 -5.19 -23.20
N ILE A 48 -31.06 -4.48 -23.48
CA ILE A 48 -31.02 -3.03 -23.28
C ILE A 48 -31.55 -2.27 -24.49
N THR A 49 -31.05 -2.60 -25.68
CA THR A 49 -31.42 -1.88 -26.88
C THR A 49 -32.55 -2.57 -27.65
N ALA A 50 -33.66 -2.82 -26.97
CA ALA A 50 -34.81 -3.48 -27.58
C ALA A 50 -35.93 -2.48 -27.85
N GLU A 51 -36.78 -2.81 -28.82
CA GLU A 51 -37.85 -1.91 -29.22
C GLU A 51 -39.14 -2.13 -28.42
N GLU A 52 -39.42 -3.38 -28.10
CA GLU A 52 -40.67 -3.72 -27.42
C GLU A 52 -40.68 -3.24 -25.97
N ASN A 53 -39.76 -3.75 -25.16
CA ASN A 53 -39.68 -3.35 -23.77
C ASN A 53 -38.24 -3.28 -23.26
N PRO A 54 -37.54 -2.19 -23.59
CA PRO A 54 -36.13 -2.01 -23.20
C PRO A 54 -35.96 -1.76 -21.71
N ILE A 55 -34.88 -2.29 -21.15
CA ILE A 55 -34.56 -2.08 -19.75
C ILE A 55 -33.30 -1.22 -19.63
N ASP A 56 -33.14 -0.56 -18.48
CA ASP A 56 -31.96 0.25 -18.26
C ASP A 56 -30.81 -0.64 -17.81
N VAL A 57 -29.57 -0.16 -17.99
CA VAL A 57 -28.39 -0.95 -17.70
C VAL A 57 -28.25 -1.25 -16.21
N ASP A 58 -28.81 -0.38 -15.38
CA ASP A 58 -28.66 -0.52 -13.94
C ASP A 58 -29.66 -1.52 -13.35
N ARG A 59 -30.41 -2.21 -14.22
CA ARG A 59 -31.31 -3.26 -13.76
C ARG A 59 -30.69 -4.63 -14.00
N LEU A 60 -29.39 -4.62 -14.28
CA LEU A 60 -28.64 -5.86 -14.46
C LEU A 60 -27.45 -5.95 -13.51
N LEU A 61 -27.21 -7.13 -12.97
CA LEU A 61 -25.99 -7.38 -12.22
C LEU A 61 -25.07 -8.24 -13.07
N VAL A 62 -23.93 -7.67 -13.46
CA VAL A 62 -22.97 -8.39 -14.27
C VAL A 62 -21.69 -8.56 -13.47
N VAL A 63 -21.43 -9.81 -13.07
CA VAL A 63 -20.42 -10.12 -12.07
C VAL A 63 -19.41 -11.17 -12.56
N THR A 64 -18.15 -10.96 -12.24
CA THR A 64 -17.11 -11.97 -12.42
C THR A 64 -16.19 -11.90 -11.21
N PHE A 65 -15.26 -12.83 -11.10
CA PHE A 65 -14.39 -12.86 -9.93
C PHE A 65 -13.19 -11.92 -10.04
N THR A 66 -12.57 -11.88 -11.21
CA THR A 66 -11.34 -11.12 -11.38
C THR A 66 -11.59 -9.70 -11.91
N ASN A 67 -10.77 -8.77 -11.44
CA ASN A 67 -10.88 -7.37 -11.84
C ASN A 67 -10.64 -7.18 -13.32
N ALA A 68 -9.74 -8.00 -13.87
CA ALA A 68 -9.38 -7.92 -15.28
C ALA A 68 -10.56 -8.32 -16.16
N SER A 69 -11.19 -9.44 -15.83
CA SER A 69 -12.32 -9.94 -16.60
C SER A 69 -13.49 -8.96 -16.53
N ALA A 70 -13.64 -8.31 -15.38
CA ALA A 70 -14.68 -7.31 -15.21
C ALA A 70 -14.40 -6.10 -16.09
N ALA A 71 -13.13 -5.74 -16.19
CA ALA A 71 -12.70 -4.67 -17.07
C ALA A 71 -13.03 -5.03 -18.51
N GLU A 72 -12.83 -6.30 -18.84
CA GLU A 72 -13.12 -6.80 -20.19
C GLU A 72 -14.60 -6.70 -20.53
N MET A 73 -15.45 -7.24 -19.66
CA MET A 73 -16.90 -7.18 -19.87
C MET A 73 -17.37 -5.74 -20.01
N LYS A 74 -16.89 -4.88 -19.10
CA LYS A 74 -17.18 -3.45 -19.15
C LYS A 74 -16.83 -2.89 -20.52
N HIS A 75 -15.64 -3.24 -20.99
CA HIS A 75 -15.12 -2.79 -22.27
C HIS A 75 -16.02 -3.23 -23.43
N ARG A 76 -16.29 -4.52 -23.52
CA ARG A 76 -17.12 -5.07 -24.59
C ARG A 76 -18.54 -4.47 -24.60
N ILE A 77 -19.12 -4.32 -23.41
CA ILE A 77 -20.46 -3.75 -23.27
C ILE A 77 -20.49 -2.30 -23.78
N ALA A 78 -19.48 -1.52 -23.39
CA ALA A 78 -19.37 -0.15 -23.83
C ALA A 78 -19.29 -0.07 -25.35
N GLU A 79 -18.32 -0.79 -25.93
CA GLU A 79 -18.14 -0.85 -27.38
C GLU A 79 -19.44 -1.18 -28.12
N ALA A 80 -20.03 -2.31 -27.76
CA ALA A 80 -21.26 -2.77 -28.39
C ALA A 80 -22.38 -1.73 -28.24
N LEU A 81 -22.43 -1.10 -27.07
CA LEU A 81 -23.51 -0.15 -26.78
C LEU A 81 -23.48 1.06 -27.69
N GLU A 82 -22.31 1.70 -27.79
CA GLU A 82 -22.17 2.87 -28.66
C GLU A 82 -22.22 2.45 -30.12
N LYS A 83 -21.87 1.20 -30.39
CA LYS A 83 -22.02 0.65 -31.74
C LYS A 83 -23.49 0.63 -32.12
N GLU A 84 -24.33 0.21 -31.17
CA GLU A 84 -25.78 0.26 -31.35
C GLU A 84 -26.28 1.70 -31.45
N LEU A 85 -25.57 2.61 -30.79
CA LEU A 85 -25.93 4.02 -30.82
C LEU A 85 -25.76 4.60 -32.22
N VAL A 86 -24.72 4.14 -32.91
CA VAL A 86 -24.47 4.59 -34.28
C VAL A 86 -25.63 4.22 -35.19
N GLN A 87 -26.12 2.99 -35.03
CA GLN A 87 -27.23 2.48 -35.84
C GLN A 87 -28.50 3.29 -35.65
N ARG A 88 -28.72 3.79 -34.45
CA ARG A 88 -29.91 4.59 -34.14
C ARG A 88 -29.55 5.80 -33.29
N PRO A 89 -28.93 6.82 -33.91
CA PRO A 89 -28.43 7.99 -33.17
C PRO A 89 -29.54 8.86 -32.57
N GLY A 90 -30.78 8.61 -32.97
CA GLY A 90 -31.89 9.44 -32.52
C GLY A 90 -32.50 9.04 -31.18
N SER A 91 -32.28 7.80 -30.78
CA SER A 91 -32.90 7.27 -29.57
C SER A 91 -32.39 7.94 -28.31
N LEU A 92 -33.31 8.40 -27.47
CA LEU A 92 -32.96 8.95 -26.17
C LEU A 92 -32.57 7.84 -25.20
N HIS A 93 -33.12 6.65 -25.42
CA HIS A 93 -32.88 5.54 -24.53
C HIS A 93 -31.42 5.10 -24.56
N ILE A 94 -30.86 4.98 -25.75
CA ILE A 94 -29.50 4.48 -25.89
C ILE A 94 -28.46 5.45 -25.34
N ARG A 95 -28.66 6.75 -25.57
CA ARG A 95 -27.76 7.73 -24.99
C ARG A 95 -27.89 7.72 -23.47
N ARG A 96 -29.11 7.51 -22.99
CA ARG A 96 -29.38 7.41 -21.56
C ARG A 96 -28.58 6.25 -20.97
N GLN A 97 -28.53 5.16 -21.73
CA GLN A 97 -27.83 3.97 -21.27
C GLN A 97 -26.31 4.18 -21.24
N LEU A 98 -25.80 4.96 -22.18
CA LEU A 98 -24.36 5.24 -22.21
C LEU A 98 -23.98 6.15 -21.04
N SER A 99 -24.94 6.95 -20.58
CA SER A 99 -24.74 7.75 -19.38
C SER A 99 -24.79 6.85 -18.15
N LEU A 100 -25.84 6.02 -18.08
CA LEU A 100 -26.03 5.11 -16.95
C LEU A 100 -24.91 4.09 -16.81
N LEU A 101 -24.14 3.90 -17.87
CA LEU A 101 -23.08 2.89 -17.90
C LEU A 101 -22.04 3.13 -16.80
N ASN A 102 -21.96 4.37 -16.32
CA ASN A 102 -21.10 4.71 -15.20
C ASN A 102 -21.60 4.11 -13.90
N ARG A 103 -22.91 4.21 -13.69
CA ARG A 103 -23.55 3.73 -12.46
C ARG A 103 -23.94 2.26 -12.55
N ALA A 104 -23.60 1.62 -13.66
CA ALA A 104 -23.97 0.23 -13.91
C ALA A 104 -23.27 -0.73 -12.96
N SER A 105 -23.97 -1.81 -12.59
CA SER A 105 -23.42 -2.80 -11.67
C SER A 105 -22.64 -3.87 -12.43
N ILE A 106 -21.58 -3.45 -13.11
CA ILE A 106 -20.76 -4.37 -13.89
C ILE A 106 -19.34 -4.42 -13.33
N SER A 107 -19.04 -5.44 -12.53
CA SER A 107 -17.74 -5.48 -11.84
C SER A 107 -17.40 -6.85 -11.28
N THR A 108 -16.42 -6.86 -10.37
CA THR A 108 -16.15 -8.03 -9.56
C THR A 108 -17.26 -8.22 -8.53
N LEU A 109 -17.40 -9.44 -8.03
CA LEU A 109 -18.39 -9.70 -7.00
C LEU A 109 -17.99 -8.99 -5.71
N HIS A 110 -16.68 -8.82 -5.52
CA HIS A 110 -16.17 -8.12 -4.35
C HIS A 110 -16.55 -6.64 -4.38
N SER A 111 -16.50 -6.05 -5.58
CA SER A 111 -16.90 -4.66 -5.75
C SER A 111 -18.37 -4.47 -5.41
N PHE A 112 -19.21 -5.41 -5.88
CA PHE A 112 -20.62 -5.40 -5.55
C PHE A 112 -20.81 -5.48 -4.04
N CYS A 113 -20.07 -6.39 -3.41
CA CYS A 113 -20.08 -6.55 -1.96
C CYS A 113 -19.80 -5.22 -1.28
N LEU A 114 -18.84 -4.47 -1.82
CA LEU A 114 -18.50 -3.17 -1.26
C LEU A 114 -19.69 -2.23 -1.33
N GLN A 115 -20.43 -2.30 -2.44
CA GLN A 115 -21.62 -1.48 -2.61
C GLN A 115 -22.66 -1.85 -1.57
N VAL A 116 -22.86 -3.14 -1.37
CA VAL A 116 -23.83 -3.64 -0.39
C VAL A 116 -23.49 -3.15 1.03
N LEU A 117 -22.22 -3.27 1.42
CA LEU A 117 -21.80 -2.83 2.74
C LEU A 117 -22.03 -1.33 2.90
N LYS A 118 -21.66 -0.57 1.87
CA LYS A 118 -21.79 0.88 1.91
C LYS A 118 -23.23 1.32 2.14
N LYS A 119 -24.17 0.64 1.48
CA LYS A 119 -25.58 0.99 1.66
C LYS A 119 -26.10 0.51 3.00
N TYR A 120 -25.88 -0.77 3.30
CA TYR A 120 -26.57 -1.43 4.40
C TYR A 120 -25.70 -1.69 5.63
N TYR A 121 -24.68 -0.85 5.83
CA TYR A 121 -23.81 -0.91 7.01
C TYR A 121 -24.58 -1.02 8.32
N TYR A 122 -25.79 -0.44 8.37
CA TYR A 122 -26.55 -0.35 9.60
C TYR A 122 -27.21 -1.66 10.01
N LEU A 123 -27.18 -2.64 9.10
CA LEU A 123 -27.76 -3.95 9.38
C LEU A 123 -26.80 -4.84 10.15
N ILE A 124 -25.51 -4.50 10.10
CA ILE A 124 -24.48 -5.24 10.81
C ILE A 124 -23.65 -4.29 11.65
N ASP A 125 -22.65 -4.81 12.35
CA ASP A 125 -21.81 -3.98 13.21
C ASP A 125 -20.69 -3.35 12.39
N LEU A 126 -21.06 -2.38 11.54
CA LEU A 126 -20.10 -1.77 10.63
C LEU A 126 -20.27 -0.25 10.55
N ASP A 127 -19.15 0.46 10.64
CA ASP A 127 -19.13 1.92 10.47
C ASP A 127 -19.30 2.27 8.99
N PRO A 128 -20.19 3.24 8.68
CA PRO A 128 -20.42 3.63 7.28
C PRO A 128 -19.16 4.14 6.60
N GLY A 129 -18.29 4.78 7.38
CA GLY A 129 -17.06 5.32 6.83
C GLY A 129 -15.92 4.32 6.82
N PHE A 130 -16.26 3.04 6.87
CA PHE A 130 -15.26 1.99 6.91
C PHE A 130 -14.36 2.05 5.69
N ARG A 131 -13.18 1.44 5.82
CA ARG A 131 -12.19 1.42 4.76
C ARG A 131 -11.69 0.00 4.54
N ILE A 132 -11.33 -0.33 3.30
CA ILE A 132 -10.70 -1.61 3.05
C ILE A 132 -9.22 -1.51 3.35
N ALA A 133 -8.75 -2.33 4.29
CA ALA A 133 -7.33 -2.37 4.61
C ALA A 133 -6.56 -2.97 3.45
N ASP A 134 -5.28 -2.64 3.34
CA ASP A 134 -4.44 -3.32 2.36
C ASP A 134 -3.84 -4.52 3.05
N GLN A 135 -3.31 -5.46 2.27
CA GLN A 135 -2.85 -6.75 2.77
C GLN A 135 -1.99 -6.66 4.03
N THR A 136 -0.98 -5.81 3.99
CA THR A 136 0.02 -5.76 5.06
C THR A 136 -0.53 -5.17 6.35
N GLU A 137 -1.33 -4.10 6.24
CA GLU A 137 -1.82 -3.46 7.46
C GLU A 137 -2.84 -4.37 8.15
N GLY A 138 -3.64 -5.06 7.35
CA GLY A 138 -4.56 -6.04 7.89
C GLY A 138 -3.82 -7.16 8.61
N GLU A 139 -2.82 -7.71 7.93
CA GLU A 139 -2.06 -8.84 8.47
C GLU A 139 -1.21 -8.44 9.68
N LEU A 140 -0.78 -7.19 9.72
CA LEU A 140 -0.06 -6.69 10.88
C LEU A 140 -0.96 -6.67 12.10
N ILE A 141 -2.20 -6.22 11.90
CA ILE A 141 -3.19 -6.21 12.95
C ILE A 141 -3.48 -7.64 13.40
N GLY A 142 -3.51 -8.55 12.44
CA GLY A 142 -3.65 -9.96 12.74
C GLY A 142 -2.49 -10.48 13.58
N ASP A 143 -1.28 -10.05 13.25
CA ASP A 143 -0.10 -10.44 14.03
C ASP A 143 -0.20 -9.95 15.47
N GLU A 144 -0.64 -8.70 15.64
CA GLU A 144 -0.79 -8.13 16.97
C GLU A 144 -1.79 -8.92 17.81
N VAL A 145 -2.97 -9.18 17.25
CA VAL A 145 -4.00 -9.88 18.02
C VAL A 145 -3.56 -11.32 18.31
N LEU A 146 -2.80 -11.91 17.40
CA LEU A 146 -2.36 -13.29 17.60
C LEU A 146 -1.36 -13.35 18.75
N ASP A 147 -0.50 -12.35 18.83
CA ASP A 147 0.47 -12.26 19.92
C ASP A 147 -0.25 -12.06 21.25
N GLU A 148 -1.23 -11.17 21.23
CA GLU A 148 -2.06 -10.87 22.39
C GLU A 148 -2.79 -12.11 22.88
N LEU A 149 -3.42 -12.83 21.96
CA LEU A 149 -4.12 -14.06 22.30
C LEU A 149 -3.17 -15.09 22.92
N PHE A 150 -2.04 -15.30 22.25
CA PHE A 150 -1.06 -16.29 22.70
C PHE A 150 -0.58 -16.00 24.11
N GLU A 151 -0.29 -14.73 24.40
CA GLU A 151 0.13 -14.34 25.74
C GLU A 151 -0.93 -14.66 26.78
N ASP A 152 -2.18 -14.36 26.43
CA ASP A 152 -3.31 -14.63 27.32
C ASP A 152 -3.42 -16.11 27.62
N GLU A 153 -3.27 -16.94 26.58
CA GLU A 153 -3.36 -18.39 26.76
C GLU A 153 -2.20 -18.93 27.59
N TYR A 154 -1.01 -18.37 27.41
CA TYR A 154 0.13 -18.78 28.23
C TYR A 154 -0.08 -18.36 29.68
N ALA A 155 -0.80 -17.26 29.88
CA ALA A 155 -1.08 -16.75 31.22
C ALA A 155 -2.06 -17.64 31.95
N LYS A 156 -3.10 -18.08 31.26
CA LYS A 156 -4.05 -19.05 31.80
C LYS A 156 -3.32 -20.31 32.22
N GLY A 157 -2.44 -20.78 31.34
CA GLY A 157 -1.63 -21.95 31.61
C GLY A 157 -2.40 -23.26 31.61
N GLU A 158 -3.52 -23.29 30.90
CA GLU A 158 -4.33 -24.51 30.83
C GLU A 158 -3.56 -25.65 30.16
N LYS A 159 -3.66 -26.84 30.77
CA LYS A 159 -2.94 -28.02 30.31
C LYS A 159 -3.14 -28.31 28.84
N ALA A 160 -4.36 -28.13 28.36
CA ALA A 160 -4.70 -28.42 26.97
C ALA A 160 -3.92 -27.53 26.01
N PHE A 161 -3.74 -26.27 26.37
CA PHE A 161 -3.03 -25.32 25.52
C PHE A 161 -1.58 -25.74 25.36
N PHE A 162 -0.95 -26.10 26.47
CA PHE A 162 0.41 -26.62 26.44
C PHE A 162 0.50 -27.92 25.63
N GLU A 163 -0.56 -28.73 25.72
CA GLU A 163 -0.62 -29.99 24.97
C GLU A 163 -0.61 -29.75 23.48
N LEU A 164 -1.30 -28.69 23.05
CA LEU A 164 -1.34 -28.32 21.63
C LEU A 164 -0.01 -27.70 21.20
N VAL A 165 0.47 -26.75 21.98
CA VAL A 165 1.72 -26.05 21.69
C VAL A 165 2.89 -27.02 21.54
N ASP A 166 3.01 -27.94 22.48
CA ASP A 166 4.10 -28.92 22.48
C ASP A 166 4.14 -29.72 21.19
N ARG A 167 2.97 -29.99 20.63
CA ARG A 167 2.89 -30.85 19.45
C ARG A 167 3.19 -30.14 18.11
N TYR A 168 2.78 -28.87 17.99
CA TYR A 168 2.88 -28.19 16.71
C TYR A 168 3.92 -27.07 16.69
N THR A 169 4.87 -27.15 17.60
CA THR A 169 5.99 -26.20 17.62
C THR A 169 7.33 -26.92 17.73
N THR A 170 8.42 -26.16 17.56
CA THR A 170 9.77 -26.72 17.67
C THR A 170 10.22 -26.72 19.12
N ASP A 171 11.47 -27.10 19.36
CA ASP A 171 11.98 -27.14 20.72
C ASP A 171 12.41 -25.76 21.22
N ARG A 172 12.51 -24.80 20.31
CA ARG A 172 13.05 -23.49 20.64
C ARG A 172 12.03 -22.35 20.71
N HIS A 173 10.96 -22.43 19.91
CA HIS A 173 10.02 -21.32 19.81
C HIS A 173 8.63 -21.83 19.39
N ASP A 174 7.64 -20.93 19.33
CA ASP A 174 6.28 -21.35 19.00
C ASP A 174 5.71 -20.73 17.72
N LEU A 175 6.59 -20.19 16.88
CA LEU A 175 6.16 -19.53 15.65
C LEU A 175 5.33 -20.41 14.72
N ASP A 176 5.60 -21.71 14.73
CA ASP A 176 4.90 -22.63 13.84
C ASP A 176 3.41 -22.74 14.18
N LEU A 177 3.07 -22.62 15.46
CA LEU A 177 1.68 -22.64 15.89
C LEU A 177 0.97 -21.37 15.43
N GLN A 178 1.72 -20.26 15.49
CA GLN A 178 1.28 -18.98 14.98
C GLN A 178 0.84 -19.11 13.52
N PHE A 179 1.75 -19.64 12.70
CA PHE A 179 1.48 -19.86 11.28
C PHE A 179 0.33 -20.84 11.06
N LEU A 180 0.20 -21.80 11.96
CA LEU A 180 -0.86 -22.79 11.89
C LEU A 180 -2.23 -22.13 12.08
N VAL A 181 -2.37 -21.34 13.14
CA VAL A 181 -3.64 -20.68 13.41
C VAL A 181 -4.02 -19.74 12.28
N LYS A 182 -3.03 -18.99 11.81
CA LYS A 182 -3.22 -18.09 10.66
C LYS A 182 -3.76 -18.86 9.47
N GLN A 183 -3.16 -20.01 9.20
CA GLN A 183 -3.50 -20.82 8.04
C GLN A 183 -4.89 -21.44 8.15
N VAL A 184 -5.19 -22.03 9.30
CA VAL A 184 -6.50 -22.65 9.53
C VAL A 184 -7.61 -21.61 9.41
N TYR A 185 -7.39 -20.46 10.02
CA TYR A 185 -8.34 -19.35 9.97
C TYR A 185 -8.58 -18.93 8.52
N GLU A 186 -7.51 -18.61 7.81
CA GLU A 186 -7.60 -18.20 6.41
C GLU A 186 -8.37 -19.19 5.56
N TYR A 187 -8.14 -20.48 5.79
CA TYR A 187 -8.82 -21.52 5.03
C TYR A 187 -10.30 -21.53 5.37
N SER A 188 -10.61 -21.35 6.66
CA SER A 188 -12.00 -21.41 7.11
C SER A 188 -12.81 -20.27 6.53
N ARG A 189 -12.11 -19.23 6.07
CA ARG A 189 -12.76 -18.02 5.57
C ARG A 189 -13.33 -18.22 4.16
N SER A 190 -13.03 -19.37 3.57
CA SER A 190 -13.56 -19.69 2.25
C SER A 190 -14.83 -20.53 2.34
N HIS A 191 -15.32 -20.74 3.55
CA HIS A 191 -16.58 -21.44 3.77
C HIS A 191 -17.68 -20.44 4.11
N PRO A 192 -18.91 -20.69 3.64
CA PRO A 192 -20.06 -19.81 3.92
C PRO A 192 -20.34 -19.69 5.42
N ASN A 193 -19.91 -20.67 6.19
CA ASN A 193 -20.04 -20.63 7.64
C ASN A 193 -18.77 -21.17 8.29
N PRO A 194 -17.77 -20.29 8.42
CA PRO A 194 -16.40 -20.65 8.86
C PRO A 194 -16.38 -21.41 10.19
N GLU A 195 -17.10 -20.91 11.19
CA GLU A 195 -17.06 -21.50 12.53
C GLU A 195 -17.69 -22.89 12.56
N ALA A 196 -18.70 -23.10 11.74
CA ALA A 196 -19.33 -24.42 11.64
C ALA A 196 -18.33 -25.41 11.03
N TRP A 197 -17.62 -24.97 10.00
CA TRP A 197 -16.61 -25.81 9.37
C TRP A 197 -15.51 -26.18 10.37
N LEU A 198 -15.11 -25.21 11.17
CA LEU A 198 -14.11 -25.43 12.22
C LEU A 198 -14.63 -26.40 13.25
N GLU A 199 -15.89 -26.25 13.62
CA GLU A 199 -16.51 -27.12 14.62
C GLU A 199 -16.79 -28.51 14.09
N SER A 200 -16.58 -28.71 12.79
CA SER A 200 -16.79 -30.02 12.17
C SER A 200 -15.48 -30.80 12.14
N PHE A 201 -14.41 -30.19 12.64
CA PHE A 201 -13.11 -30.83 12.67
C PHE A 201 -13.13 -32.16 13.42
N VAL A 202 -13.66 -32.13 14.64
CA VAL A 202 -13.55 -33.26 15.57
C VAL A 202 -14.23 -34.54 15.09
N HIS A 203 -15.26 -34.39 14.26
CA HIS A 203 -16.02 -35.54 13.79
C HIS A 203 -15.15 -36.55 13.06
N LEU A 204 -14.04 -36.08 12.51
CA LEU A 204 -13.06 -36.93 11.87
C LEU A 204 -12.31 -37.77 12.91
N TYR A 205 -12.23 -37.26 14.14
CA TYR A 205 -11.45 -37.89 15.19
C TYR A 205 -12.31 -38.68 16.15
N ASP A 206 -13.63 -38.57 15.97
CA ASP A 206 -14.58 -39.26 16.83
C ASP A 206 -14.71 -40.73 16.44
N VAL A 207 -13.63 -41.48 16.61
CA VAL A 207 -13.65 -42.91 16.32
C VAL A 207 -13.37 -43.72 17.58
N SER A 208 -13.41 -45.05 17.43
CA SER A 208 -13.09 -45.94 18.53
C SER A 208 -12.49 -47.24 17.98
N GLU A 209 -12.22 -48.19 18.87
CA GLU A 209 -11.69 -49.48 18.45
C GLU A 209 -12.77 -50.31 17.73
N LYS A 210 -14.03 -49.99 18.02
CA LYS A 210 -15.14 -50.74 17.46
C LYS A 210 -15.64 -50.13 16.15
N SER A 211 -14.92 -49.12 15.67
CA SER A 211 -15.24 -48.51 14.39
C SER A 211 -14.76 -49.40 13.24
N ALA A 212 -15.38 -49.22 12.08
CA ALA A 212 -14.90 -49.87 10.87
C ALA A 212 -14.27 -48.80 9.96
N ILE A 213 -13.02 -49.02 9.58
CA ILE A 213 -12.29 -48.09 8.74
C ILE A 213 -13.05 -47.77 7.46
N GLU A 214 -13.51 -48.83 6.78
CA GLU A 214 -14.14 -48.69 5.48
C GLU A 214 -15.45 -47.92 5.50
N GLU A 215 -15.97 -47.69 6.70
CA GLU A 215 -17.24 -46.99 6.84
C GLU A 215 -17.04 -45.53 7.23
N LEU A 216 -15.78 -45.12 7.36
CA LEU A 216 -15.45 -43.73 7.66
C LEU A 216 -15.22 -42.97 6.35
N PRO A 217 -15.76 -41.74 6.26
CA PRO A 217 -15.69 -40.90 5.06
C PRO A 217 -14.30 -40.80 4.43
N PHE A 218 -13.28 -40.47 5.21
CA PHE A 218 -11.94 -40.29 4.65
C PHE A 218 -11.43 -41.53 3.93
N TYR A 219 -11.89 -42.71 4.38
CA TYR A 219 -11.41 -43.97 3.82
C TYR A 219 -11.66 -44.06 2.32
N GLN A 220 -12.65 -43.31 1.85
CA GLN A 220 -12.94 -43.22 0.42
C GLN A 220 -11.66 -43.01 -0.39
N TYR A 221 -10.86 -42.03 0.05
CA TYR A 221 -9.64 -41.65 -0.64
C TYR A 221 -8.52 -42.64 -0.43
N VAL A 222 -8.59 -43.38 0.66
CA VAL A 222 -7.71 -44.53 0.87
C VAL A 222 -8.06 -45.62 -0.14
N LYS A 223 -9.35 -45.94 -0.21
CA LYS A 223 -9.91 -46.93 -1.11
C LYS A 223 -9.45 -46.73 -2.56
N GLU A 224 -9.56 -45.50 -3.03
CA GLU A 224 -9.09 -45.12 -4.37
C GLU A 224 -7.60 -45.38 -4.54
N ASP A 225 -6.80 -44.84 -3.62
CA ASP A 225 -5.34 -44.96 -3.66
C ASP A 225 -4.84 -46.38 -3.86
N ILE A 226 -5.22 -47.27 -2.94
CA ILE A 226 -4.93 -48.70 -3.06
C ILE A 226 -5.31 -49.26 -4.42
N ALA A 227 -6.58 -49.05 -4.79
CA ALA A 227 -7.10 -49.48 -6.09
C ALA A 227 -6.22 -49.04 -7.26
N MET A 228 -5.68 -47.82 -7.16
CA MET A 228 -4.84 -47.29 -8.22
C MET A 228 -3.45 -47.93 -8.28
N VAL A 229 -2.83 -48.17 -7.13
CA VAL A 229 -1.48 -48.73 -7.12
C VAL A 229 -1.48 -50.23 -7.41
N LEU A 230 -2.43 -50.97 -6.83
CA LEU A 230 -2.53 -52.40 -7.07
C LEU A 230 -2.73 -52.66 -8.55
N ASN A 231 -3.75 -52.03 -9.13
CA ASN A 231 -3.97 -52.08 -10.57
C ASN A 231 -2.74 -51.58 -11.32
N GLY A 232 -2.17 -50.48 -10.83
CA GLY A 232 -0.93 -49.93 -11.38
C GLY A 232 0.18 -50.96 -11.40
N ALA A 233 0.25 -51.79 -10.36
CA ALA A 233 1.22 -52.87 -10.30
C ALA A 233 0.85 -54.00 -11.27
N LYS A 234 -0.41 -54.42 -11.24
CA LYS A 234 -0.94 -55.39 -12.19
C LYS A 234 -0.61 -54.98 -13.62
N GLU A 235 -0.99 -53.76 -13.97
CA GLU A 235 -0.74 -53.18 -15.28
C GLU A 235 0.73 -53.25 -15.67
N LYS A 236 1.61 -53.05 -14.69
CA LYS A 236 3.04 -53.15 -14.92
C LYS A 236 3.47 -54.58 -15.25
N LEU A 237 3.09 -55.51 -14.39
CA LEU A 237 3.45 -56.92 -14.57
C LEU A 237 2.96 -57.50 -15.90
N LEU A 238 1.74 -57.16 -16.28
CA LEU A 238 1.18 -57.58 -17.56
C LEU A 238 2.09 -57.19 -18.72
N ARG A 239 2.65 -56.00 -18.65
CA ARG A 239 3.60 -55.55 -19.66
C ARG A 239 4.87 -56.37 -19.61
N ALA A 240 5.36 -56.63 -18.40
CA ALA A 240 6.49 -57.54 -18.21
C ALA A 240 6.15 -58.94 -18.73
N LEU A 241 4.87 -59.30 -18.66
CA LEU A 241 4.40 -60.56 -19.22
C LEU A 241 4.38 -60.54 -20.74
N GLU A 242 3.86 -59.46 -21.32
CA GLU A 242 3.83 -59.30 -22.78
C GLU A 242 5.24 -59.30 -23.37
N LEU A 243 6.19 -58.76 -22.60
CA LEU A 243 7.59 -58.73 -23.03
C LEU A 243 8.18 -60.13 -23.11
N THR A 244 7.63 -61.07 -22.34
CA THR A 244 8.07 -62.46 -22.40
C THR A 244 7.72 -63.09 -23.74
N LYS A 245 6.71 -62.53 -24.40
CA LYS A 245 6.22 -63.04 -25.68
C LYS A 245 7.03 -62.53 -26.87
N ALA A 246 7.67 -61.38 -26.71
CA ALA A 246 8.49 -60.77 -27.74
C ALA A 246 9.62 -61.71 -28.18
N PRO A 247 10.08 -61.58 -29.44
CA PRO A 247 11.13 -62.46 -29.97
C PRO A 247 12.43 -62.40 -29.15
N GLY A 248 12.84 -61.20 -28.77
CA GLY A 248 14.01 -61.04 -27.92
C GLY A 248 13.67 -61.33 -26.48
N GLY A 249 12.40 -61.13 -26.13
CA GLY A 249 11.93 -61.22 -24.76
C GLY A 249 12.26 -62.51 -24.03
N PRO A 250 12.43 -62.43 -22.70
CA PRO A 250 12.80 -63.56 -21.85
C PRO A 250 11.61 -64.42 -21.45
N ALA A 251 11.48 -65.57 -22.11
CA ALA A 251 10.36 -66.49 -21.86
C ALA A 251 10.26 -67.03 -20.43
N PRO A 252 11.38 -67.50 -19.84
CA PRO A 252 11.26 -68.15 -18.53
C PRO A 252 10.58 -67.32 -17.45
N ARG A 253 10.98 -66.06 -17.29
CA ARG A 253 10.47 -65.19 -16.23
C ARG A 253 8.95 -65.04 -16.22
N ALA A 254 8.30 -65.55 -17.27
CA ALA A 254 6.84 -65.59 -17.32
C ALA A 254 6.25 -66.23 -16.07
N ASP A 255 6.77 -67.41 -15.72
CA ASP A 255 6.31 -68.12 -14.53
C ASP A 255 6.54 -67.34 -13.25
N ASN A 256 7.58 -66.50 -13.23
CA ASN A 256 7.74 -65.55 -12.13
C ASN A 256 6.64 -64.52 -12.11
N PHE A 257 6.47 -63.84 -13.25
CA PHE A 257 5.48 -62.78 -13.39
C PHE A 257 4.05 -63.26 -13.09
N LEU A 258 3.70 -64.42 -13.64
CA LEU A 258 2.38 -64.99 -13.40
C LEU A 258 2.15 -65.31 -11.93
N ASP A 259 3.22 -65.62 -11.22
CA ASP A 259 3.12 -65.81 -9.77
C ASP A 259 2.84 -64.47 -9.10
N ASP A 260 3.66 -63.47 -9.43
CA ASP A 260 3.48 -62.10 -8.92
C ASP A 260 2.07 -61.59 -9.20
N LEU A 261 1.65 -61.71 -10.46
CA LEU A 261 0.28 -61.38 -10.86
C LEU A 261 -0.75 -62.05 -9.95
N ALA A 262 -0.60 -63.36 -9.77
CA ALA A 262 -1.51 -64.14 -8.93
C ALA A 262 -1.55 -63.62 -7.50
N GLN A 263 -0.40 -63.17 -7.00
CA GLN A 263 -0.34 -62.53 -5.69
C GLN A 263 -1.01 -61.16 -5.70
N ILE A 264 -0.69 -60.37 -6.72
CA ILE A 264 -1.25 -59.03 -6.84
C ILE A 264 -2.76 -59.09 -7.11
N ASP A 265 -3.19 -60.03 -7.95
CA ASP A 265 -4.61 -60.27 -8.16
C ASP A 265 -5.28 -60.70 -6.85
N GLU A 266 -4.57 -61.51 -6.07
CA GLU A 266 -5.05 -61.94 -4.76
C GLU A 266 -5.30 -60.74 -3.84
N LEU A 267 -4.47 -59.71 -3.99
CA LEU A 267 -4.66 -58.47 -3.24
C LEU A 267 -5.86 -57.68 -3.76
N ILE A 268 -6.06 -57.73 -5.07
CA ILE A 268 -7.16 -57.00 -5.70
C ILE A 268 -8.52 -57.53 -5.25
N GLN A 269 -8.60 -58.84 -5.02
CA GLN A 269 -9.82 -59.46 -4.52
C GLN A 269 -10.21 -58.95 -3.12
N HIS A 270 -9.27 -58.32 -2.44
CA HIS A 270 -9.50 -57.86 -1.07
C HIS A 270 -9.23 -56.37 -0.88
N GLN A 271 -9.28 -55.61 -1.97
CA GLN A 271 -9.08 -54.16 -1.92
C GLN A 271 -10.07 -53.47 -0.98
N ASP A 272 -11.28 -54.02 -0.90
CA ASP A 272 -12.33 -53.42 -0.10
C ASP A 272 -12.25 -53.83 1.36
N ASP A 273 -11.39 -54.80 1.66
CA ASP A 273 -11.19 -55.25 3.03
C ASP A 273 -9.83 -54.80 3.55
N PHE A 274 -9.82 -53.63 4.18
CA PHE A 274 -8.59 -53.04 4.72
C PHE A 274 -7.93 -53.95 5.74
N SER A 275 -8.75 -54.52 6.63
CA SER A 275 -8.25 -55.39 7.69
C SER A 275 -7.61 -56.65 7.15
N GLU A 276 -7.97 -56.99 5.92
CA GLU A 276 -7.42 -58.17 5.27
C GLU A 276 -6.16 -57.80 4.51
N LEU A 277 -6.15 -56.60 3.92
CA LEU A 277 -4.97 -56.08 3.25
C LEU A 277 -3.81 -55.96 4.22
N TYR A 278 -4.11 -55.61 5.46
CA TYR A 278 -3.09 -55.50 6.50
C TYR A 278 -2.42 -56.84 6.74
N LYS A 279 -3.13 -57.93 6.50
CA LYS A 279 -2.57 -59.26 6.70
C LYS A 279 -1.82 -59.73 5.46
N ARG A 280 -2.30 -59.34 4.29
CA ARG A 280 -1.80 -59.91 3.04
C ARG A 280 -0.67 -59.11 2.39
N VAL A 281 -0.81 -57.79 2.35
CA VAL A 281 0.18 -56.93 1.67
C VAL A 281 1.60 -57.03 2.27
N PRO A 282 1.72 -56.94 3.61
CA PRO A 282 3.10 -57.09 4.10
C PRO A 282 3.61 -58.53 4.00
N ALA A 283 2.75 -59.46 3.62
CA ALA A 283 3.11 -60.87 3.52
C ALA A 283 3.49 -61.26 2.09
N VAL A 284 3.39 -60.30 1.17
CA VAL A 284 3.69 -60.59 -0.23
C VAL A 284 5.20 -60.62 -0.47
N SER A 285 5.66 -61.66 -1.16
CA SER A 285 7.06 -61.73 -1.58
C SER A 285 7.16 -62.21 -3.03
N PHE A 286 7.96 -61.51 -3.82
CA PHE A 286 8.23 -61.93 -5.19
C PHE A 286 9.40 -62.90 -5.21
N LYS A 287 9.17 -64.10 -5.71
CA LYS A 287 10.21 -65.12 -5.76
C LYS A 287 11.35 -64.65 -6.64
N ARG A 288 12.57 -65.02 -6.26
CA ARG A 288 13.80 -64.58 -6.92
C ARG A 288 13.71 -64.71 -8.44
N ALA A 289 14.08 -63.63 -9.13
CA ALA A 289 13.99 -63.58 -10.58
C ALA A 289 14.83 -64.68 -11.24
N LYS A 290 14.19 -65.47 -12.10
CA LYS A 290 14.90 -66.49 -12.84
C LYS A 290 15.88 -65.86 -13.81
N ALA A 291 17.12 -66.35 -13.80
CA ALA A 291 18.15 -65.84 -14.68
C ALA A 291 17.94 -66.32 -16.11
N VAL A 292 18.05 -65.41 -17.06
CA VAL A 292 17.95 -65.76 -18.47
C VAL A 292 19.31 -65.56 -19.13
N LYS A 293 19.92 -66.65 -19.58
CA LYS A 293 21.27 -66.62 -20.14
C LYS A 293 21.29 -67.11 -21.58
N GLY A 294 22.06 -66.42 -22.41
CA GLY A 294 22.18 -66.78 -23.82
C GLY A 294 22.25 -65.55 -24.70
N ASP A 295 22.41 -65.77 -26.00
CA ASP A 295 22.47 -64.67 -26.96
C ASP A 295 21.17 -64.58 -27.75
N GLU A 296 20.19 -65.39 -27.35
CA GLU A 296 18.87 -65.36 -27.97
C GLU A 296 18.05 -64.21 -27.43
N PHE A 297 18.31 -63.84 -26.17
CA PHE A 297 17.59 -62.75 -25.53
C PHE A 297 18.15 -61.38 -25.89
N ASP A 298 17.27 -60.48 -26.30
CA ASP A 298 17.60 -59.06 -26.40
C ASP A 298 18.02 -58.57 -25.01
N PRO A 299 19.19 -57.93 -24.93
CA PRO A 299 19.65 -57.40 -23.65
C PRO A 299 18.69 -56.36 -23.11
N ALA A 300 18.33 -55.39 -23.96
CA ALA A 300 17.42 -54.30 -23.57
C ALA A 300 16.09 -54.82 -23.03
N LEU A 301 15.59 -55.90 -23.63
CA LEU A 301 14.31 -56.46 -23.22
C LEU A 301 14.39 -57.12 -21.85
N LEU A 302 15.48 -57.86 -21.62
CA LEU A 302 15.75 -58.44 -20.31
C LEU A 302 15.65 -57.36 -19.24
N ASP A 303 16.43 -56.30 -19.42
CA ASP A 303 16.50 -55.17 -18.49
C ASP A 303 15.16 -54.46 -18.33
N GLU A 304 14.41 -54.38 -19.43
CA GLU A 304 13.13 -53.68 -19.42
C GLU A 304 12.13 -54.42 -18.56
N ALA A 305 12.10 -55.75 -18.69
CA ALA A 305 11.22 -56.58 -17.87
C ALA A 305 11.61 -56.51 -16.40
N THR A 306 12.92 -56.52 -16.14
CA THR A 306 13.45 -56.41 -14.79
C THR A 306 12.98 -55.11 -14.15
N ASP A 307 13.13 -54.02 -14.90
CA ASP A 307 12.70 -52.70 -14.44
C ASP A 307 11.23 -52.68 -14.03
N LEU A 308 10.38 -53.24 -14.90
CA LEU A 308 8.94 -53.23 -14.66
C LEU A 308 8.58 -54.01 -13.40
N ARG A 309 9.17 -55.19 -13.25
CA ARG A 309 8.93 -56.02 -12.07
C ARG A 309 9.32 -55.29 -10.80
N ASN A 310 10.49 -54.65 -10.82
CA ASN A 310 10.96 -53.87 -9.69
C ASN A 310 10.04 -52.69 -9.41
N GLY A 311 9.43 -52.17 -10.47
CA GLY A 311 8.42 -51.15 -10.35
C GLY A 311 7.25 -51.65 -9.52
N ALA A 312 6.79 -52.85 -9.83
CA ALA A 312 5.71 -53.48 -9.07
C ALA A 312 6.07 -53.61 -7.60
N LYS A 313 7.29 -54.07 -7.35
CA LYS A 313 7.81 -54.18 -5.97
C LYS A 313 7.71 -52.85 -5.24
N LYS A 314 8.26 -51.81 -5.85
CA LYS A 314 8.26 -50.48 -5.27
C LYS A 314 6.84 -50.02 -4.92
N LEU A 315 5.92 -50.23 -5.85
CA LEU A 315 4.52 -49.86 -5.65
C LEU A 315 3.94 -50.52 -4.41
N LEU A 316 4.25 -51.81 -4.24
CA LEU A 316 3.72 -52.56 -3.10
C LEU A 316 4.33 -52.10 -1.79
N GLU A 317 5.65 -51.92 -1.79
CA GLU A 317 6.35 -51.50 -0.58
C GLU A 317 5.89 -50.11 -0.14
N LYS A 318 5.55 -49.27 -1.12
CA LYS A 318 5.02 -47.94 -0.82
C LYS A 318 3.65 -48.07 -0.18
N LEU A 319 2.85 -48.98 -0.73
CA LEU A 319 1.52 -49.29 -0.24
C LEU A 319 1.59 -49.81 1.19
N LYS A 320 2.53 -50.72 1.42
CA LYS A 320 2.72 -51.32 2.74
C LYS A 320 3.13 -50.30 3.80
N THR A 321 4.12 -49.47 3.49
CA THR A 321 4.62 -48.49 4.44
C THR A 321 3.59 -47.40 4.67
N ASP A 322 2.80 -47.10 3.65
CA ASP A 322 1.74 -46.10 3.79
C ASP A 322 0.64 -46.55 4.75
N TYR A 323 0.17 -47.79 4.60
CA TYR A 323 -1.03 -48.21 5.32
C TYR A 323 -0.86 -49.39 6.27
N PHE A 324 0.12 -50.25 6.02
CA PHE A 324 0.16 -51.53 6.72
C PHE A 324 1.42 -51.82 7.54
N THR A 325 2.01 -50.79 8.14
CA THR A 325 3.04 -51.00 9.14
C THR A 325 2.40 -50.91 10.52
N ARG A 326 1.13 -50.53 10.52
CA ARG A 326 0.35 -50.45 11.75
C ARG A 326 -1.00 -51.12 11.55
N SER A 327 -1.43 -51.91 12.54
CA SER A 327 -2.74 -52.53 12.50
C SER A 327 -3.82 -51.46 12.43
N PRO A 328 -4.98 -51.81 11.83
CA PRO A 328 -6.08 -50.84 11.73
C PRO A 328 -6.54 -50.38 13.11
N GLU A 329 -6.47 -51.29 14.07
CA GLU A 329 -6.87 -50.99 15.45
C GLU A 329 -5.94 -49.91 16.02
N GLN A 330 -4.66 -50.03 15.70
CA GLN A 330 -3.67 -49.07 16.16
C GLN A 330 -3.87 -47.71 15.49
N HIS A 331 -4.17 -47.72 14.20
CA HIS A 331 -4.48 -46.50 13.47
C HIS A 331 -5.64 -45.76 14.11
N LEU A 332 -6.73 -46.49 14.36
CA LEU A 332 -7.90 -45.91 15.01
C LEU A 332 -7.56 -45.37 16.40
N LYS A 333 -6.65 -46.03 17.09
CA LYS A 333 -6.29 -45.62 18.45
C LYS A 333 -5.52 -44.31 18.44
N SER A 334 -4.53 -44.22 17.57
CA SER A 334 -3.75 -42.99 17.44
C SER A 334 -4.63 -41.83 17.04
N LEU A 335 -5.50 -42.08 16.06
CA LEU A 335 -6.47 -41.08 15.61
C LEU A 335 -7.30 -40.54 16.77
N ALA A 336 -8.01 -41.44 17.45
CA ALA A 336 -8.87 -41.07 18.58
C ALA A 336 -8.10 -40.33 19.65
N GLU A 337 -6.84 -40.71 19.84
CA GLU A 337 -6.01 -40.09 20.86
C GLU A 337 -5.77 -38.61 20.55
N MET A 338 -5.79 -38.28 19.26
CA MET A 338 -5.50 -36.92 18.80
C MET A 338 -6.68 -35.96 18.98
N LYS A 339 -7.84 -36.52 19.31
CA LYS A 339 -9.09 -35.75 19.36
C LYS A 339 -9.05 -34.53 20.31
N PRO A 340 -8.56 -34.70 21.55
CA PRO A 340 -8.56 -33.54 22.46
C PRO A 340 -7.73 -32.37 21.93
N VAL A 341 -6.57 -32.67 21.35
CA VAL A 341 -5.68 -31.65 20.82
C VAL A 341 -6.37 -30.81 19.75
N ILE A 342 -7.12 -31.48 18.88
CA ILE A 342 -7.85 -30.82 17.81
C ILE A 342 -8.89 -29.85 18.37
N GLU A 343 -9.55 -30.24 19.44
CA GLU A 343 -10.56 -29.40 20.07
C GLU A 343 -9.97 -28.09 20.59
N THR A 344 -8.76 -28.17 21.13
CA THR A 344 -8.09 -26.98 21.62
C THR A 344 -7.74 -26.06 20.45
N LEU A 345 -7.27 -26.65 19.36
CA LEU A 345 -6.95 -25.90 18.16
C LEU A 345 -8.17 -25.16 17.63
N VAL A 346 -9.30 -25.84 17.59
CA VAL A 346 -10.54 -25.26 17.08
C VAL A 346 -10.96 -24.04 17.90
N GLN A 347 -10.93 -24.18 19.23
CA GLN A 347 -11.33 -23.09 20.11
C GLN A 347 -10.32 -21.95 20.08
N LEU A 348 -9.06 -22.29 19.81
CA LEU A 348 -8.02 -21.27 19.69
C LEU A 348 -8.25 -20.45 18.43
N VAL A 349 -8.47 -21.12 17.30
CA VAL A 349 -8.73 -20.45 16.03
C VAL A 349 -9.98 -19.58 16.10
N ILE A 350 -11.01 -20.09 16.76
CA ILE A 350 -12.27 -19.35 16.89
C ILE A 350 -12.07 -18.07 17.70
N SER A 351 -11.28 -18.16 18.77
CA SER A 351 -10.97 -16.99 19.56
C SER A 351 -10.21 -15.94 18.75
N TYR A 352 -9.18 -16.38 18.04
CA TYR A 352 -8.41 -15.49 17.18
C TYR A 352 -9.31 -14.69 16.26
N GLY A 353 -10.17 -15.41 15.53
CA GLY A 353 -11.10 -14.78 14.61
C GLY A 353 -11.95 -13.71 15.28
N LYS A 354 -12.50 -14.04 16.45
CA LYS A 354 -13.33 -13.09 17.19
C LYS A 354 -12.51 -11.88 17.60
N ARG A 355 -11.32 -12.11 18.16
CA ARG A 355 -10.44 -11.03 18.58
C ARG A 355 -9.97 -10.21 17.39
N PHE A 356 -9.70 -10.89 16.28
CA PHE A 356 -9.27 -10.27 15.04
C PHE A 356 -10.32 -9.29 14.52
N GLU A 357 -11.56 -9.78 14.43
CA GLU A 357 -12.68 -8.94 13.97
C GLU A 357 -12.83 -7.71 14.85
N ALA A 358 -12.68 -7.90 16.15
CA ALA A 358 -12.77 -6.81 17.12
C ALA A 358 -11.72 -5.74 16.85
N ALA A 359 -10.49 -6.16 16.58
CA ALA A 359 -9.39 -5.24 16.33
C ALA A 359 -9.66 -4.38 15.09
N LYS A 360 -10.18 -5.02 14.04
CA LYS A 360 -10.46 -4.31 12.80
C LYS A 360 -11.63 -3.35 12.95
N GLN A 361 -12.64 -3.76 13.72
CA GLN A 361 -13.80 -2.92 13.97
C GLN A 361 -13.40 -1.63 14.68
N GLU A 362 -12.46 -1.74 15.60
CA GLU A 362 -11.93 -0.59 16.33
C GLU A 362 -11.36 0.47 15.37
N LYS A 363 -10.55 0.01 14.41
CA LYS A 363 -9.92 0.91 13.46
C LYS A 363 -10.77 1.08 12.21
N SER A 364 -12.01 0.59 12.27
CA SER A 364 -12.98 0.76 11.19
C SER A 364 -12.46 0.26 9.83
N ILE A 365 -11.78 -0.89 9.83
CA ILE A 365 -11.29 -1.47 8.58
C ILE A 365 -11.80 -2.89 8.39
N ILE A 366 -11.68 -3.41 7.17
CA ILE A 366 -12.12 -4.78 6.85
C ILE A 366 -11.21 -5.50 5.87
N ASP A 367 -11.20 -6.83 5.94
CA ASP A 367 -10.48 -7.67 4.98
C ASP A 367 -11.12 -7.63 3.59
N PHE A 368 -10.52 -8.35 2.66
CA PHE A 368 -11.20 -8.75 1.44
C PHE A 368 -12.24 -9.79 1.83
N SER A 369 -11.88 -10.61 2.81
CA SER A 369 -12.75 -11.66 3.29
C SER A 369 -14.02 -11.08 3.92
N ASP A 370 -13.86 -10.02 4.69
CA ASP A 370 -14.98 -9.37 5.36
C ASP A 370 -15.98 -8.81 4.36
N LEU A 371 -15.51 -8.53 3.15
CA LEU A 371 -16.37 -8.08 2.06
C LEU A 371 -17.45 -9.13 1.80
N GLU A 372 -17.02 -10.33 1.46
CA GLU A 372 -17.95 -11.42 1.15
C GLU A 372 -18.82 -11.82 2.34
N HIS A 373 -18.20 -11.98 3.50
CA HIS A 373 -18.90 -12.49 4.67
C HIS A 373 -19.88 -11.47 5.26
N TYR A 374 -19.48 -10.19 5.31
CA TYR A 374 -20.41 -9.16 5.78
C TYR A 374 -21.53 -8.95 4.78
N CYS A 375 -21.23 -9.06 3.49
CA CYS A 375 -22.24 -8.93 2.46
C CYS A 375 -23.28 -10.04 2.62
N LEU A 376 -22.78 -11.25 2.84
CA LEU A 376 -23.64 -12.40 3.06
C LEU A 376 -24.47 -12.22 4.34
N ALA A 377 -23.87 -11.60 5.35
CA ALA A 377 -24.55 -11.35 6.60
C ALA A 377 -25.70 -10.36 6.40
N ILE A 378 -25.45 -9.33 5.61
CA ILE A 378 -26.47 -8.34 5.29
C ILE A 378 -27.63 -8.98 4.51
N LEU A 379 -27.29 -9.79 3.53
CA LEU A 379 -28.28 -10.37 2.64
C LEU A 379 -29.17 -11.43 3.31
N THR A 380 -28.72 -11.97 4.43
CA THR A 380 -29.54 -12.97 5.14
C THR A 380 -30.30 -12.38 6.31
N ALA A 381 -31.50 -12.90 6.53
CA ALA A 381 -32.29 -12.54 7.71
C ALA A 381 -32.31 -13.71 8.68
N GLU A 382 -32.73 -14.87 8.20
CA GLU A 382 -32.73 -16.09 8.99
C GLU A 382 -31.83 -17.14 8.32
N ASN A 383 -31.07 -17.87 9.13
CA ASN A 383 -30.14 -18.85 8.61
C ASN A 383 -30.24 -20.17 9.36
N ASP A 384 -30.99 -21.11 8.78
CA ASP A 384 -31.16 -22.43 9.39
C ASP A 384 -30.29 -23.47 8.70
N LYS A 385 -29.04 -23.59 9.18
CA LYS A 385 -28.09 -24.58 8.68
C LYS A 385 -27.99 -24.64 7.15
N GLY A 386 -27.84 -23.48 6.51
CA GLY A 386 -27.70 -23.45 5.07
C GLY A 386 -28.90 -22.85 4.37
N GLU A 387 -30.09 -23.13 4.89
CA GLU A 387 -31.31 -22.51 4.36
C GLU A 387 -31.33 -21.04 4.74
N ARG A 388 -30.96 -20.19 3.80
CA ARG A 388 -30.91 -18.75 4.06
C ARG A 388 -32.14 -18.03 3.52
N GLU A 389 -32.80 -17.30 4.40
CA GLU A 389 -33.93 -16.45 4.03
C GLU A 389 -33.49 -15.02 3.76
N PRO A 390 -33.84 -14.49 2.57
CA PRO A 390 -33.47 -13.13 2.15
C PRO A 390 -34.00 -12.05 3.08
N SER A 391 -33.11 -11.14 3.47
CA SER A 391 -33.48 -9.98 4.27
C SER A 391 -34.01 -8.87 3.37
N GLU A 392 -34.30 -7.71 3.95
CA GLU A 392 -34.84 -6.59 3.19
C GLU A 392 -33.87 -6.14 2.10
N ALA A 393 -32.59 -6.09 2.44
CA ALA A 393 -31.55 -5.69 1.49
C ALA A 393 -31.51 -6.66 0.32
N ALA A 394 -31.57 -7.95 0.62
CA ALA A 394 -31.60 -8.98 -0.42
C ALA A 394 -32.80 -8.79 -1.34
N ARG A 395 -33.96 -8.53 -0.74
CA ARG A 395 -35.18 -8.30 -1.51
C ARG A 395 -35.02 -7.07 -2.39
N PHE A 396 -34.35 -6.04 -1.89
CA PHE A 396 -34.08 -4.86 -2.70
C PHE A 396 -33.33 -5.23 -3.98
N TYR A 397 -32.27 -6.00 -3.82
CA TYR A 397 -31.42 -6.35 -4.95
C TYR A 397 -32.12 -7.33 -5.87
N GLN A 398 -33.01 -8.13 -5.32
CA GLN A 398 -33.81 -9.04 -6.13
C GLN A 398 -34.75 -8.24 -7.04
N GLU A 399 -35.32 -7.17 -6.50
CA GLU A 399 -36.20 -6.31 -7.29
C GLU A 399 -35.39 -5.49 -8.29
N GLN A 400 -34.32 -4.86 -7.81
CA GLN A 400 -33.48 -4.00 -8.63
C GLN A 400 -32.89 -4.72 -9.84
N PHE A 401 -32.50 -5.97 -9.64
CA PHE A 401 -31.88 -6.73 -10.70
C PHE A 401 -32.89 -7.63 -11.41
N HIS A 402 -32.99 -7.47 -12.73
CA HIS A 402 -33.89 -8.28 -13.55
C HIS A 402 -33.22 -9.59 -13.93
N GLU A 403 -31.89 -9.55 -13.98
CA GLU A 403 -31.11 -10.74 -14.28
C GLU A 403 -29.71 -10.59 -13.71
N VAL A 404 -29.14 -11.69 -13.24
CA VAL A 404 -27.77 -11.70 -12.75
C VAL A 404 -26.89 -12.51 -13.70
N LEU A 405 -25.87 -11.86 -14.26
CA LEU A 405 -25.00 -12.53 -15.22
C LEU A 405 -23.62 -12.78 -14.63
N VAL A 406 -23.19 -14.04 -14.66
CA VAL A 406 -21.89 -14.41 -14.12
C VAL A 406 -20.99 -15.03 -15.19
N ASP A 407 -19.86 -14.39 -15.47
CA ASP A 407 -18.88 -14.95 -16.40
C ASP A 407 -17.81 -15.69 -15.61
N GLU A 408 -17.17 -16.67 -16.24
CA GLU A 408 -16.16 -17.51 -15.59
C GLU A 408 -16.75 -18.17 -14.34
N TYR A 409 -17.94 -18.74 -14.50
CA TYR A 409 -18.69 -19.26 -13.35
C TYR A 409 -17.98 -20.40 -12.62
N GLN A 410 -17.00 -21.01 -13.26
CA GLN A 410 -16.28 -22.13 -12.66
C GLN A 410 -15.30 -21.67 -11.57
N ASP A 411 -15.26 -20.36 -11.32
CA ASP A 411 -14.44 -19.81 -10.25
C ASP A 411 -15.30 -19.43 -9.04
N THR A 412 -16.58 -19.75 -9.12
CA THR A 412 -17.52 -19.44 -8.04
C THR A 412 -17.42 -20.46 -6.91
N ASN A 413 -17.02 -20.00 -5.73
CA ASN A 413 -17.02 -20.88 -4.58
C ASN A 413 -18.38 -20.83 -3.87
N LEU A 414 -18.50 -21.54 -2.76
CA LEU A 414 -19.79 -21.66 -2.09
C LEU A 414 -20.26 -20.36 -1.45
N VAL A 415 -19.31 -19.48 -1.13
CA VAL A 415 -19.64 -18.20 -0.51
C VAL A 415 -20.25 -17.26 -1.53
N GLN A 416 -19.58 -17.08 -2.66
CA GLN A 416 -20.12 -16.29 -3.77
C GLN A 416 -21.46 -16.84 -4.24
N GLU A 417 -21.57 -18.17 -4.28
CA GLU A 417 -22.79 -18.83 -4.69
C GLU A 417 -23.92 -18.51 -3.72
N SER A 418 -23.59 -18.43 -2.45
CA SER A 418 -24.57 -18.03 -1.45
C SER A 418 -25.09 -16.64 -1.76
N ILE A 419 -24.17 -15.74 -2.08
CA ILE A 419 -24.51 -14.35 -2.38
C ILE A 419 -25.38 -14.26 -3.62
N LEU A 420 -24.96 -14.91 -4.70
CA LEU A 420 -25.75 -14.93 -5.92
C LEU A 420 -27.14 -15.47 -5.67
N GLN A 421 -27.23 -16.54 -4.88
CA GLN A 421 -28.51 -17.17 -4.56
C GLN A 421 -29.40 -16.25 -3.76
N LEU A 422 -28.82 -15.24 -3.14
CA LEU A 422 -29.59 -14.30 -2.36
C LEU A 422 -30.01 -13.08 -3.19
N VAL A 423 -29.24 -12.78 -4.24
CA VAL A 423 -29.55 -11.61 -5.06
C VAL A 423 -30.35 -11.98 -6.31
N THR A 424 -30.44 -13.27 -6.60
CA THR A 424 -31.26 -13.73 -7.72
C THR A 424 -32.73 -13.80 -7.32
N SER A 425 -33.61 -13.73 -8.32
CA SER A 425 -35.04 -13.80 -8.08
C SER A 425 -35.64 -15.12 -8.58
N GLY A 426 -36.43 -15.76 -7.73
CA GLY A 426 -37.09 -17.01 -8.07
C GLY A 426 -36.19 -18.21 -7.87
N PRO A 427 -36.79 -19.41 -7.92
CA PRO A 427 -36.00 -20.64 -7.79
C PRO A 427 -35.25 -20.94 -9.08
N GLU A 428 -34.54 -22.07 -9.11
CA GLU A 428 -33.80 -22.49 -10.28
C GLU A 428 -34.72 -22.62 -11.50
N GLU A 429 -35.90 -23.18 -11.27
CA GLU A 429 -36.85 -23.50 -12.33
C GLU A 429 -37.38 -22.26 -13.04
N THR A 430 -37.39 -21.13 -12.34
CA THR A 430 -37.87 -19.88 -12.92
C THR A 430 -37.04 -18.68 -12.46
N GLY A 431 -35.73 -18.82 -12.50
CA GLY A 431 -34.85 -17.78 -12.00
C GLY A 431 -34.27 -16.87 -13.06
N ASN A 432 -33.53 -15.87 -12.60
CA ASN A 432 -32.92 -14.87 -13.46
C ASN A 432 -31.40 -14.94 -13.43
N LEU A 433 -30.88 -16.16 -13.30
CA LEU A 433 -29.44 -16.36 -13.22
C LEU A 433 -28.89 -16.89 -14.53
N PHE A 434 -27.95 -16.14 -15.11
CA PHE A 434 -27.31 -16.53 -16.36
C PHE A 434 -25.81 -16.69 -16.12
N MET A 435 -25.29 -17.90 -16.33
CA MET A 435 -23.89 -18.17 -16.06
C MET A 435 -23.20 -18.90 -17.20
N VAL A 436 -22.04 -18.38 -17.57
CA VAL A 436 -21.18 -19.01 -18.56
C VAL A 436 -19.85 -19.37 -17.92
N GLY A 437 -19.23 -20.43 -18.43
CA GLY A 437 -17.97 -20.90 -17.89
C GLY A 437 -17.54 -22.21 -18.52
N ASP A 438 -16.54 -22.84 -17.92
CA ASP A 438 -15.99 -24.09 -18.44
C ASP A 438 -15.18 -24.81 -17.36
N VAL A 439 -15.61 -26.02 -17.01
CA VAL A 439 -14.97 -26.79 -15.96
C VAL A 439 -13.49 -27.02 -16.25
N LYS A 440 -13.14 -27.10 -17.53
CA LYS A 440 -11.75 -27.29 -17.94
C LYS A 440 -10.87 -26.11 -17.57
N GLN A 441 -11.49 -24.98 -17.25
CA GLN A 441 -10.75 -23.78 -16.90
C GLN A 441 -10.98 -23.42 -15.44
N SER A 442 -11.24 -24.44 -14.63
CA SER A 442 -11.38 -24.28 -13.18
C SER A 442 -10.00 -24.31 -12.52
N ILE A 443 -9.52 -23.16 -12.07
CA ILE A 443 -8.15 -23.06 -11.59
C ILE A 443 -8.00 -22.23 -10.30
N TYR A 444 -9.00 -22.28 -9.44
CA TYR A 444 -8.93 -21.57 -8.17
C TYR A 444 -9.29 -22.48 -6.99
N ARG A 445 -8.62 -23.62 -6.91
CA ARG A 445 -8.85 -24.58 -5.83
C ARG A 445 -8.39 -24.01 -4.47
N PHE A 446 -7.45 -23.07 -4.50
CA PHE A 446 -6.96 -22.47 -3.28
C PHE A 446 -8.01 -21.51 -2.71
N ARG A 447 -9.03 -21.22 -3.51
CA ARG A 447 -10.15 -20.38 -3.08
C ARG A 447 -11.38 -21.22 -2.76
N LEU A 448 -11.24 -22.53 -2.85
CA LEU A 448 -12.34 -23.48 -2.70
C LEU A 448 -13.37 -23.31 -3.81
N ALA A 449 -12.94 -22.78 -4.95
CA ALA A 449 -13.78 -22.78 -6.15
C ALA A 449 -13.90 -24.21 -6.63
N GLU A 450 -15.12 -24.71 -6.65
CA GLU A 450 -15.36 -26.12 -6.90
C GLU A 450 -15.91 -26.43 -8.29
N PRO A 451 -15.23 -27.34 -9.02
CA PRO A 451 -15.77 -27.88 -10.27
C PRO A 451 -17.12 -28.55 -10.04
N LEU A 452 -17.29 -29.10 -8.83
CA LEU A 452 -18.50 -29.82 -8.45
C LEU A 452 -19.76 -28.96 -8.54
N LEU A 453 -19.60 -27.66 -8.26
CA LEU A 453 -20.73 -26.73 -8.30
C LEU A 453 -21.24 -26.56 -9.73
N PHE A 454 -20.30 -26.43 -10.67
CA PHE A 454 -20.60 -26.35 -12.09
C PHE A 454 -21.23 -27.65 -12.57
N LEU A 455 -20.54 -28.75 -12.29
CA LEU A 455 -20.93 -30.08 -12.77
C LEU A 455 -22.31 -30.51 -12.26
N SER A 456 -22.61 -30.17 -11.01
CA SER A 456 -23.89 -30.54 -10.41
C SER A 456 -25.06 -29.90 -11.15
N LYS A 457 -24.97 -28.59 -11.36
CA LYS A 457 -25.99 -27.87 -12.11
C LYS A 457 -26.08 -28.39 -13.53
N TYR A 458 -24.93 -28.72 -14.10
CA TYR A 458 -24.86 -29.21 -15.47
C TYR A 458 -25.55 -30.57 -15.61
N LYS A 459 -25.47 -31.38 -14.57
CA LYS A 459 -26.12 -32.70 -14.59
C LYS A 459 -27.60 -32.60 -14.25
N ARG A 460 -27.95 -31.59 -13.45
CA ARG A 460 -29.34 -31.38 -13.04
C ARG A 460 -30.15 -30.74 -14.16
N PHE A 461 -29.54 -29.75 -14.82
CA PHE A 461 -30.22 -29.02 -15.88
C PHE A 461 -30.47 -29.90 -17.11
N THR A 462 -31.39 -29.45 -17.96
CA THR A 462 -31.73 -30.17 -19.19
C THR A 462 -31.66 -29.21 -20.39
N GLU A 463 -31.46 -29.76 -21.58
CA GLU A 463 -31.36 -28.95 -22.78
C GLU A 463 -32.69 -28.26 -23.06
N SER A 464 -33.78 -28.92 -22.70
CA SER A 464 -35.08 -28.26 -22.66
C SER A 464 -35.20 -27.47 -21.37
N GLY A 465 -35.79 -26.29 -21.44
CA GLY A 465 -35.93 -25.45 -20.26
C GLY A 465 -37.15 -25.77 -19.41
N GLU A 466 -37.56 -27.03 -19.39
CA GLU A 466 -38.78 -27.42 -18.69
C GLU A 466 -38.50 -28.08 -17.35
N GLY A 467 -39.14 -27.58 -16.30
CA GLY A 467 -39.09 -28.20 -14.99
C GLY A 467 -37.81 -27.94 -14.22
N THR A 468 -36.81 -27.39 -14.90
CA THR A 468 -35.52 -27.14 -14.29
C THR A 468 -34.76 -26.08 -15.09
N GLY A 469 -33.53 -25.77 -14.64
CA GLY A 469 -32.68 -24.85 -15.35
C GLY A 469 -32.31 -25.37 -16.72
N ARG A 470 -32.05 -24.46 -17.66
CA ARG A 470 -31.65 -24.84 -19.00
C ARG A 470 -30.13 -24.83 -19.15
N LYS A 471 -29.58 -25.90 -19.73
CA LYS A 471 -28.16 -25.94 -20.01
C LYS A 471 -27.92 -25.80 -21.51
N ILE A 472 -26.87 -25.07 -21.88
CA ILE A 472 -26.57 -24.84 -23.29
C ILE A 472 -25.09 -25.07 -23.58
N ASP A 473 -24.80 -26.03 -24.46
CA ASP A 473 -23.44 -26.30 -24.86
C ASP A 473 -23.10 -25.53 -26.13
N LEU A 474 -21.88 -25.01 -26.21
CA LEU A 474 -21.37 -24.43 -27.44
C LEU A 474 -20.18 -25.27 -27.87
N ASN A 475 -20.18 -25.71 -29.13
CA ASN A 475 -19.13 -26.60 -29.60
C ASN A 475 -18.04 -25.90 -30.39
N LYS A 476 -18.40 -24.80 -31.04
CA LYS A 476 -17.48 -24.17 -31.98
C LYS A 476 -16.54 -23.18 -31.32
N ASN A 477 -15.28 -23.19 -31.79
CA ASN A 477 -14.28 -22.21 -31.40
C ASN A 477 -14.12 -21.15 -32.48
N PHE A 478 -14.09 -19.88 -32.08
CA PHE A 478 -13.92 -18.79 -33.05
C PHE A 478 -12.70 -17.93 -32.74
N ARG A 479 -11.70 -18.49 -32.07
CA ARG A 479 -10.57 -17.70 -31.59
C ARG A 479 -9.24 -18.09 -32.22
N SER A 480 -8.96 -19.38 -32.32
CA SER A 480 -7.63 -19.82 -32.70
C SER A 480 -7.53 -20.46 -34.08
N ARG A 481 -6.30 -20.50 -34.61
CA ARG A 481 -6.00 -21.26 -35.81
C ARG A 481 -5.96 -22.75 -35.46
N ALA A 482 -6.25 -23.61 -36.45
CA ALA A 482 -6.32 -25.05 -36.24
C ALA A 482 -5.02 -25.65 -35.69
N ASP A 483 -3.90 -24.95 -35.87
CA ASP A 483 -2.64 -25.41 -35.30
C ASP A 483 -2.74 -25.50 -33.78
N ILE A 484 -3.27 -24.44 -33.17
CA ILE A 484 -3.42 -24.38 -31.73
C ILE A 484 -4.43 -25.39 -31.22
N LEU A 485 -5.61 -25.39 -31.83
CA LEU A 485 -6.67 -26.31 -31.46
C LEU A 485 -6.23 -27.76 -31.54
N ASP A 486 -5.46 -28.08 -32.57
CA ASP A 486 -5.01 -29.45 -32.78
C ASP A 486 -3.92 -29.87 -31.80
N SER A 487 -2.97 -28.98 -31.55
CA SER A 487 -1.93 -29.23 -30.57
C SER A 487 -2.55 -29.43 -29.19
N THR A 488 -3.46 -28.53 -28.83
CA THR A 488 -4.18 -28.61 -27.56
C THR A 488 -4.92 -29.94 -27.42
N ASN A 489 -5.84 -30.18 -28.36
CA ASN A 489 -6.65 -31.40 -28.37
C ASN A 489 -5.77 -32.65 -28.29
N PHE A 490 -4.74 -32.71 -29.12
CA PHE A 490 -3.85 -33.87 -29.14
C PHE A 490 -3.18 -34.09 -27.78
N LEU A 491 -2.92 -33.00 -27.07
CA LEU A 491 -2.23 -33.09 -25.79
C LEU A 491 -3.16 -33.54 -24.65
N PHE A 492 -4.39 -33.02 -24.65
CA PHE A 492 -5.27 -33.24 -23.52
C PHE A 492 -6.17 -34.45 -23.64
N LYS A 493 -6.27 -35.03 -24.84
CA LYS A 493 -6.90 -36.33 -25.00
C LYS A 493 -6.05 -37.37 -24.27
N GLN A 494 -4.78 -37.06 -24.07
CA GLN A 494 -3.83 -37.99 -23.49
C GLN A 494 -3.57 -37.72 -22.01
N LEU A 495 -3.95 -36.53 -21.55
CA LEU A 495 -3.61 -36.12 -20.18
C LEU A 495 -4.81 -35.95 -19.27
N MET A 496 -5.82 -35.19 -19.72
CA MET A 496 -6.97 -34.89 -18.88
C MET A 496 -8.05 -35.95 -18.97
N GLY A 497 -8.23 -36.69 -17.87
CA GLY A 497 -9.28 -37.68 -17.77
C GLY A 497 -10.13 -37.40 -16.54
N GLY A 498 -11.02 -38.33 -16.20
CA GLY A 498 -11.89 -38.17 -15.05
C GLY A 498 -11.16 -38.37 -13.73
N LYS A 499 -10.13 -39.21 -13.76
CA LYS A 499 -9.39 -39.57 -12.55
C LYS A 499 -8.30 -38.53 -12.25
N ILE A 500 -7.46 -38.26 -13.25
CA ILE A 500 -6.52 -37.15 -13.16
C ILE A 500 -6.92 -36.05 -14.14
N GLY A 501 -7.45 -34.96 -13.60
CA GLY A 501 -7.97 -33.89 -14.42
C GLY A 501 -9.40 -33.57 -14.01
N GLU A 502 -10.06 -34.57 -13.44
CA GLU A 502 -11.42 -34.45 -12.92
C GLU A 502 -12.45 -34.14 -13.99
N VAL A 503 -12.00 -34.15 -15.25
CA VAL A 503 -12.86 -33.87 -16.40
C VAL A 503 -12.55 -34.81 -17.56
N ASP A 504 -13.59 -35.44 -18.11
CA ASP A 504 -13.42 -36.29 -19.29
C ASP A 504 -13.26 -35.44 -20.54
N TYR A 505 -12.11 -35.52 -21.17
CA TYR A 505 -11.82 -34.77 -22.39
C TYR A 505 -12.31 -35.53 -23.62
N ASP A 506 -13.63 -35.67 -23.76
CA ASP A 506 -14.21 -36.45 -24.84
C ASP A 506 -14.46 -35.60 -26.08
N GLU A 507 -15.13 -36.18 -27.07
CA GLU A 507 -15.38 -35.50 -28.35
C GLU A 507 -16.20 -34.24 -28.18
N GLN A 508 -17.17 -34.28 -27.28
CA GLN A 508 -18.00 -33.12 -27.01
C GLN A 508 -17.15 -31.98 -26.45
N ALA A 509 -16.06 -32.35 -25.77
CA ALA A 509 -15.22 -31.39 -25.06
C ALA A 509 -14.05 -30.85 -25.89
N GLU A 510 -13.71 -31.55 -26.97
CA GLU A 510 -12.58 -31.15 -27.81
C GLU A 510 -12.86 -29.81 -28.49
N LEU A 511 -11.80 -29.07 -28.79
CA LEU A 511 -11.92 -27.82 -29.53
C LEU A 511 -12.24 -28.11 -31.00
N LYS A 512 -13.20 -27.37 -31.54
CA LYS A 512 -13.61 -27.55 -32.93
C LYS A 512 -13.46 -26.26 -33.71
N LEU A 513 -12.74 -26.33 -34.83
CA LEU A 513 -12.47 -25.16 -35.65
C LEU A 513 -13.76 -24.49 -36.12
N GLY A 514 -13.78 -23.16 -36.03
CA GLY A 514 -14.92 -22.38 -36.49
C GLY A 514 -14.48 -21.00 -36.92
N ALA A 515 -13.16 -20.79 -36.93
CA ALA A 515 -12.59 -19.52 -37.34
C ALA A 515 -11.71 -19.70 -38.58
N ALA A 516 -11.87 -18.80 -39.55
CA ALA A 516 -11.19 -18.94 -40.84
C ALA A 516 -9.87 -18.17 -40.89
N TYR A 517 -8.77 -18.91 -40.96
CA TYR A 517 -7.43 -18.32 -41.00
C TYR A 517 -6.68 -18.71 -42.27
N PRO A 518 -6.30 -17.72 -43.09
CA PRO A 518 -5.38 -17.96 -44.20
C PRO A 518 -4.05 -18.49 -43.66
N ASP A 519 -3.68 -19.70 -44.07
CA ASP A 519 -2.56 -20.41 -43.44
C ASP A 519 -1.23 -19.66 -43.51
N ASN A 520 -0.37 -19.96 -42.54
CA ASN A 520 1.01 -19.48 -42.54
C ASN A 520 1.96 -20.67 -42.43
N ASP A 521 3.18 -20.50 -42.93
CA ASP A 521 4.12 -21.60 -43.02
C ASP A 521 4.76 -21.97 -41.67
N GLU A 522 4.79 -21.02 -40.74
CA GLU A 522 5.50 -21.24 -39.48
C GLU A 522 4.61 -21.37 -38.26
N THR A 523 3.29 -21.40 -38.47
CA THR A 523 2.35 -21.39 -37.35
C THR A 523 2.33 -22.69 -36.55
N GLU A 524 3.20 -23.64 -36.90
CA GLU A 524 3.27 -24.89 -36.15
C GLU A 524 3.76 -24.66 -34.73
N THR A 525 3.09 -25.29 -33.77
CA THR A 525 3.43 -25.18 -32.36
C THR A 525 4.86 -25.64 -32.08
N GLU A 526 5.62 -24.80 -31.37
CA GLU A 526 7.02 -25.08 -31.15
C GLU A 526 7.27 -25.60 -29.75
N LEU A 527 8.21 -26.54 -29.63
CA LEU A 527 8.62 -27.05 -28.33
C LEU A 527 10.13 -26.94 -28.18
N LEU A 528 10.58 -26.05 -27.30
CA LEU A 528 12.00 -25.81 -27.11
C LEU A 528 12.48 -26.45 -25.81
N LEU A 529 13.15 -27.59 -25.94
CA LEU A 529 13.69 -28.31 -24.78
C LEU A 529 15.16 -27.98 -24.60
N ILE A 530 15.51 -27.43 -23.44
CA ILE A 530 16.86 -26.96 -23.19
C ILE A 530 17.62 -27.89 -22.25
N ASP A 531 18.89 -28.11 -22.54
CA ASP A 531 19.69 -29.12 -21.84
C ASP A 531 20.77 -28.51 -20.95
N ASN A 532 21.27 -29.31 -20.01
CA ASN A 532 22.36 -28.90 -19.12
C ASN A 532 23.61 -29.73 -19.41
N ALA A 533 24.10 -29.65 -20.64
CA ALA A 533 25.20 -30.50 -21.09
C ALA A 533 26.57 -29.84 -20.89
N GLU A 534 27.57 -30.67 -20.63
CA GLU A 534 28.95 -30.23 -20.45
C GLU A 534 29.09 -29.22 -19.33
N GLU A 544 27.80 -20.03 -14.90
CA GLU A 544 27.11 -19.44 -13.75
C GLU A 544 25.83 -18.72 -14.17
N LEU A 545 24.97 -19.43 -14.88
CA LEU A 545 23.66 -18.89 -15.26
C LEU A 545 22.53 -19.79 -14.76
N GLU A 546 21.52 -19.18 -14.16
CA GLU A 546 20.35 -19.91 -13.72
C GLU A 546 19.50 -20.26 -14.93
N THR A 547 18.83 -21.40 -14.87
CA THR A 547 18.16 -21.97 -16.04
C THR A 547 17.10 -21.05 -16.61
N VAL A 548 16.50 -20.22 -15.77
CA VAL A 548 15.51 -19.24 -16.23
C VAL A 548 16.13 -18.30 -17.28
N GLN A 549 17.42 -18.04 -17.14
CA GLN A 549 18.14 -17.15 -18.05
C GLN A 549 18.30 -17.78 -19.41
N PHE A 550 18.73 -19.04 -19.46
CA PHE A 550 18.82 -19.79 -20.72
C PHE A 550 17.46 -19.77 -21.41
N GLU A 551 16.43 -20.09 -20.64
CA GLU A 551 15.05 -20.08 -21.11
C GLU A 551 14.70 -18.73 -21.73
N ALA A 552 15.01 -17.65 -21.00
CA ALA A 552 14.73 -16.30 -21.46
C ALA A 552 15.50 -15.95 -22.73
N LYS A 553 16.71 -16.49 -22.88
CA LYS A 553 17.50 -16.27 -24.08
C LYS A 553 16.81 -16.90 -25.30
N ALA A 554 16.36 -18.14 -25.12
CA ALA A 554 15.64 -18.86 -26.16
C ALA A 554 14.37 -18.11 -26.54
N ILE A 555 13.66 -17.62 -25.54
CA ILE A 555 12.45 -16.84 -25.78
C ILE A 555 12.76 -15.64 -26.67
N ALA A 556 13.69 -14.81 -26.21
CA ALA A 556 14.07 -13.58 -26.90
C ALA A 556 14.57 -13.85 -28.31
N LYS A 557 15.37 -14.90 -28.46
CA LYS A 557 15.86 -15.29 -29.77
C LYS A 557 14.72 -15.57 -30.74
N GLU A 558 13.77 -16.38 -30.31
CA GLU A 558 12.62 -16.73 -31.14
C GLU A 558 11.72 -15.54 -31.39
N ILE A 559 11.59 -14.66 -30.39
CA ILE A 559 10.80 -13.44 -30.57
C ILE A 559 11.40 -12.56 -31.66
N ARG A 560 12.72 -12.44 -31.65
CA ARG A 560 13.42 -11.63 -32.65
C ARG A 560 13.41 -12.33 -34.01
N LYS A 561 13.27 -13.65 -33.99
CA LYS A 561 13.08 -14.42 -35.20
C LYS A 561 11.71 -14.08 -35.80
N LEU A 562 10.73 -13.89 -34.92
CA LEU A 562 9.38 -13.52 -35.32
C LEU A 562 9.32 -12.05 -35.76
N ILE A 563 10.32 -11.28 -35.37
CA ILE A 563 10.35 -9.86 -35.69
C ILE A 563 11.13 -9.64 -36.99
N SER A 564 12.14 -10.47 -37.24
CA SER A 564 12.98 -10.35 -38.42
C SER A 564 12.26 -10.83 -39.67
N SER A 565 11.56 -11.97 -39.54
CA SER A 565 10.59 -12.37 -40.53
C SER A 565 9.23 -11.87 -40.05
N PRO A 566 8.65 -10.88 -40.75
CA PRO A 566 7.47 -10.19 -40.24
C PRO A 566 6.33 -11.17 -39.97
N PHE A 567 5.48 -10.88 -39.00
CA PHE A 567 4.35 -11.74 -38.77
C PHE A 567 3.06 -11.05 -39.16
N LYS A 568 2.08 -11.87 -39.48
CA LYS A 568 0.82 -11.43 -40.04
C LYS A 568 -0.30 -11.63 -39.02
N VAL A 569 -0.95 -10.53 -38.64
CA VAL A 569 -2.02 -10.60 -37.65
C VAL A 569 -3.37 -10.37 -38.32
N TYR A 570 -4.21 -11.39 -38.25
CA TYR A 570 -5.49 -11.37 -38.95
C TYR A 570 -6.61 -10.87 -38.05
N ASP A 571 -7.21 -9.73 -38.42
CA ASP A 571 -8.42 -9.26 -37.75
C ASP A 571 -9.60 -10.00 -38.36
N GLY A 572 -9.64 -11.31 -38.13
CA GLY A 572 -10.65 -12.18 -38.70
C GLY A 572 -12.08 -11.75 -38.41
N LYS A 573 -12.26 -11.06 -37.29
CA LYS A 573 -13.57 -10.53 -36.91
C LYS A 573 -14.11 -9.70 -38.07
N LYS A 574 -13.29 -8.82 -38.62
CA LYS A 574 -13.64 -8.15 -39.88
C LYS A 574 -12.43 -7.83 -40.75
N LYS A 575 -11.81 -8.88 -41.28
CA LYS A 575 -11.21 -8.89 -42.63
C LYS A 575 -9.84 -8.26 -42.90
N THR A 576 -9.20 -7.61 -41.94
CA THR A 576 -8.00 -6.84 -42.26
C THR A 576 -6.72 -7.32 -41.56
N HIS A 577 -5.61 -7.28 -42.29
CA HIS A 577 -4.30 -7.62 -41.72
C HIS A 577 -3.68 -6.48 -40.92
N ARG A 578 -2.79 -6.86 -40.01
CA ARG A 578 -2.03 -5.93 -39.17
C ARG A 578 -0.62 -6.50 -39.02
N ASN A 579 0.41 -5.68 -39.21
CA ASN A 579 1.77 -6.15 -38.97
C ASN A 579 1.95 -6.46 -37.50
N ILE A 580 2.79 -7.44 -37.18
CA ILE A 580 2.95 -7.86 -35.79
C ILE A 580 3.61 -6.74 -34.99
N GLN A 581 3.06 -6.48 -33.81
CA GLN A 581 3.65 -5.54 -32.88
C GLN A 581 4.15 -6.34 -31.68
N TYR A 582 5.00 -5.73 -30.85
CA TYR A 582 5.45 -6.39 -29.63
C TYR A 582 4.24 -6.69 -28.76
N ARG A 583 3.28 -5.76 -28.81
CA ARG A 583 1.95 -5.89 -28.23
C ARG A 583 1.33 -7.28 -28.41
N ASP A 584 1.62 -7.90 -29.55
CA ASP A 584 0.98 -9.16 -29.92
C ASP A 584 1.54 -10.37 -29.20
N ILE A 585 2.84 -10.33 -28.87
CA ILE A 585 3.49 -11.45 -28.19
C ILE A 585 3.24 -11.38 -26.68
N VAL A 586 3.01 -12.54 -26.07
CA VAL A 586 2.70 -12.63 -24.65
C VAL A 586 3.37 -13.85 -24.03
N ILE A 587 4.08 -13.65 -22.92
CA ILE A 587 4.71 -14.76 -22.21
C ILE A 587 3.90 -15.13 -20.97
N LEU A 588 3.55 -16.41 -20.86
CA LEU A 588 2.76 -16.90 -19.72
C LEU A 588 3.61 -17.76 -18.79
N LEU A 589 3.51 -17.49 -17.50
CA LEU A 589 4.19 -18.29 -16.48
C LEU A 589 3.21 -18.81 -15.43
N ARG A 590 3.60 -19.85 -14.72
CA ARG A 590 2.79 -20.37 -13.63
C ARG A 590 2.89 -19.44 -12.43
N SER A 591 4.11 -18.97 -12.16
CA SER A 591 4.35 -18.01 -11.09
C SER A 591 5.44 -17.01 -11.49
N MET A 592 5.43 -15.85 -10.85
CA MET A 592 6.31 -14.74 -11.23
C MET A 592 7.73 -14.65 -10.64
N PRO A 593 8.16 -15.59 -9.76
CA PRO A 593 9.57 -15.44 -9.36
C PRO A 593 10.58 -15.59 -10.49
N TRP A 594 10.15 -16.07 -11.64
CA TRP A 594 11.02 -16.15 -12.83
C TRP A 594 11.00 -14.85 -13.63
N ALA A 595 9.90 -14.11 -13.52
CA ALA A 595 9.64 -12.94 -14.37
C ALA A 595 10.76 -11.88 -14.40
N PRO A 596 11.30 -11.47 -13.24
CA PRO A 596 12.32 -10.41 -13.32
C PRO A 596 13.53 -10.77 -14.18
N GLN A 597 14.10 -11.96 -13.96
CA GLN A 597 15.27 -12.39 -14.72
C GLN A 597 14.96 -12.52 -16.21
N ILE A 598 13.69 -12.80 -16.53
CA ILE A 598 13.26 -12.85 -17.92
C ILE A 598 13.22 -11.44 -18.50
N MET A 599 12.62 -10.52 -17.74
CA MET A 599 12.52 -9.12 -18.17
C MET A 599 13.88 -8.49 -18.40
N GLU A 600 14.84 -8.78 -17.53
CA GLU A 600 16.17 -8.20 -17.63
C GLU A 600 16.86 -8.62 -18.91
N GLU A 601 16.72 -9.89 -19.27
CA GLU A 601 17.36 -10.42 -20.47
C GLU A 601 16.65 -9.94 -21.74
N LEU A 602 15.34 -9.82 -21.69
CA LEU A 602 14.58 -9.35 -22.85
C LEU A 602 14.77 -7.84 -23.03
N ARG A 603 14.91 -7.12 -21.93
CA ARG A 603 15.23 -5.70 -22.00
C ARG A 603 16.66 -5.52 -22.50
N ALA A 604 17.53 -6.45 -22.13
CA ALA A 604 18.94 -6.41 -22.55
C ALA A 604 19.06 -6.63 -24.05
N GLN A 605 17.96 -7.04 -24.68
CA GLN A 605 17.97 -7.31 -26.11
C GLN A 605 16.91 -6.46 -26.82
N GLY A 606 16.71 -5.24 -26.34
CA GLY A 606 15.89 -4.26 -27.02
C GLY A 606 14.40 -4.56 -27.05
N ILE A 607 14.01 -5.69 -26.47
CA ILE A 607 12.62 -6.11 -26.46
C ILE A 607 11.90 -5.51 -25.26
N PRO A 608 10.94 -4.61 -25.53
CA PRO A 608 10.16 -3.94 -24.48
C PRO A 608 9.35 -4.94 -23.65
N VAL A 609 9.45 -4.86 -22.33
CA VAL A 609 8.72 -5.80 -21.47
C VAL A 609 7.85 -5.09 -20.45
N TYR A 610 6.66 -5.62 -20.24
CA TYR A 610 5.78 -5.17 -19.16
C TYR A 610 5.36 -6.34 -18.29
N ALA A 611 5.29 -6.12 -16.99
CA ALA A 611 4.84 -7.16 -16.06
C ALA A 611 4.43 -6.55 -14.72
N ASN A 612 3.20 -6.84 -14.30
CA ASN A 612 2.72 -6.41 -12.99
C ASN A 612 3.37 -7.22 -11.87
N LEU A 613 4.46 -6.69 -11.31
CA LEU A 613 5.20 -7.37 -10.27
C LEU A 613 4.72 -6.95 -8.88
N THR A 614 4.88 -7.84 -7.91
CA THR A 614 4.46 -7.56 -6.54
C THR A 614 5.59 -7.77 -5.55
N SER A 615 6.81 -7.99 -6.05
CA SER A 615 7.97 -8.17 -5.19
C SER A 615 9.25 -7.58 -5.78
N GLY A 616 10.28 -7.44 -4.96
CA GLY A 616 11.59 -7.01 -5.41
C GLY A 616 11.92 -5.56 -5.17
N TYR A 617 10.93 -4.80 -4.70
CA TYR A 617 11.07 -3.35 -4.53
C TYR A 617 12.17 -2.95 -3.55
N PHE A 618 12.19 -3.58 -2.38
CA PHE A 618 13.08 -3.16 -1.32
C PHE A 618 14.52 -3.64 -1.47
N GLU A 619 14.81 -4.42 -2.51
CA GLU A 619 16.18 -4.84 -2.73
C GLU A 619 16.85 -3.97 -3.79
N ALA A 620 16.07 -3.10 -4.42
CA ALA A 620 16.65 -2.08 -5.30
C ALA A 620 17.47 -1.09 -4.47
N VAL A 621 18.69 -0.83 -4.91
CA VAL A 621 19.65 -0.04 -4.14
C VAL A 621 19.16 1.39 -3.87
N GLU A 622 18.52 2.01 -4.87
CA GLU A 622 17.99 3.35 -4.70
C GLU A 622 16.99 3.40 -3.56
N VAL A 623 16.20 2.34 -3.43
CA VAL A 623 15.16 2.27 -2.42
C VAL A 623 15.81 2.12 -1.05
N ALA A 624 16.78 1.22 -0.96
CA ALA A 624 17.54 1.04 0.27
C ALA A 624 18.18 2.34 0.72
N VAL A 625 18.66 3.13 -0.24
CA VAL A 625 19.34 4.39 0.03
C VAL A 625 18.37 5.48 0.47
N ALA A 626 17.31 5.68 -0.31
CA ALA A 626 16.30 6.68 0.03
C ALA A 626 15.66 6.37 1.37
N LEU A 627 15.36 5.09 1.59
CA LEU A 627 14.83 4.64 2.87
C LEU A 627 15.81 4.96 4.00
N SER A 628 17.09 4.69 3.77
CA SER A 628 18.14 4.98 4.73
C SER A 628 18.14 6.45 5.12
N VAL A 629 17.94 7.33 4.15
CA VAL A 629 17.85 8.75 4.43
C VAL A 629 16.70 9.03 5.37
N LEU A 630 15.53 8.48 5.05
CA LEU A 630 14.33 8.67 5.85
C LEU A 630 14.54 8.17 7.28
N LYS A 631 15.19 7.03 7.41
CA LYS A 631 15.51 6.48 8.72
C LYS A 631 16.42 7.40 9.53
N VAL A 632 17.47 7.89 8.87
CA VAL A 632 18.43 8.79 9.51
C VAL A 632 17.73 10.07 9.97
N ILE A 633 16.74 10.52 9.20
CA ILE A 633 15.98 11.70 9.59
C ILE A 633 15.10 11.37 10.80
N ASP A 634 14.62 10.13 10.87
CA ASP A 634 13.82 9.69 12.01
C ASP A 634 14.69 9.52 13.24
N ASN A 635 15.83 8.86 13.07
CA ASN A 635 16.77 8.63 14.15
C ASN A 635 18.18 8.36 13.61
N PRO A 636 19.05 9.39 13.65
CA PRO A 636 20.41 9.30 13.09
C PRO A 636 21.28 8.27 13.79
N TYR A 637 20.90 7.87 14.99
CA TYR A 637 21.70 6.95 15.80
C TYR A 637 21.48 5.51 15.36
N GLN A 638 21.45 5.30 14.05
CA GLN A 638 21.44 3.97 13.45
C GLN A 638 22.63 3.84 12.51
N ASP A 639 23.67 3.16 12.98
CA ASP A 639 24.95 3.13 12.27
C ASP A 639 24.84 2.74 10.80
N ILE A 640 24.04 1.71 10.51
CA ILE A 640 23.99 1.16 9.16
C ILE A 640 23.25 2.08 8.16
N PRO A 641 22.07 2.60 8.54
CA PRO A 641 21.49 3.57 7.60
C PRO A 641 22.34 4.82 7.39
N LEU A 642 23.00 5.28 8.44
CA LEU A 642 23.85 6.46 8.32
C LEU A 642 25.01 6.21 7.37
N ALA A 643 25.69 5.08 7.56
CA ALA A 643 26.80 4.68 6.72
C ALA A 643 26.34 4.48 5.28
N SER A 644 25.13 3.96 5.13
CA SER A 644 24.54 3.78 3.81
C SER A 644 24.41 5.11 3.09
N VAL A 645 23.84 6.10 3.78
CA VAL A 645 23.64 7.42 3.20
C VAL A 645 24.96 8.10 2.86
N LEU A 646 25.92 8.03 3.78
CA LEU A 646 27.22 8.63 3.57
C LEU A 646 27.94 8.03 2.36
N ARG A 647 27.85 6.72 2.19
CA ARG A 647 28.54 6.06 1.08
C ARG A 647 27.78 6.20 -0.24
N SER A 648 26.47 6.43 -0.15
CA SER A 648 25.64 6.62 -1.34
C SER A 648 26.06 7.89 -2.08
N PRO A 649 25.72 7.98 -3.39
CA PRO A 649 25.97 9.18 -4.20
C PRO A 649 25.38 10.47 -3.61
N ILE A 650 24.50 10.32 -2.63
CA ILE A 650 23.91 11.46 -1.94
C ILE A 650 24.99 12.30 -1.27
N VAL A 651 26.00 11.62 -0.71
CA VAL A 651 27.11 12.31 -0.07
C VAL A 651 28.41 12.03 -0.80
N GLY A 652 28.67 10.76 -1.08
CA GLY A 652 29.85 10.37 -1.85
C GLY A 652 31.11 10.23 -1.03
N ALA A 653 30.97 9.83 0.23
CA ALA A 653 32.13 9.54 1.06
C ALA A 653 32.71 8.18 0.66
N ASP A 654 34.03 8.10 0.51
CA ASP A 654 34.62 6.82 0.17
C ASP A 654 35.07 6.09 1.42
N GLU A 655 35.61 4.89 1.23
CA GLU A 655 35.94 4.00 2.33
C GLU A 655 36.98 4.62 3.26
N ASN A 656 37.93 5.35 2.69
CA ASN A 656 38.92 6.06 3.48
C ASN A 656 38.27 7.15 4.33
N GLU A 657 37.43 7.97 3.69
CA GLU A 657 36.74 9.05 4.37
C GLU A 657 35.85 8.50 5.46
N LEU A 658 35.26 7.33 5.22
CA LEU A 658 34.44 6.67 6.22
C LEU A 658 35.25 6.28 7.46
N SER A 659 36.31 5.51 7.25
CA SER A 659 37.20 5.09 8.35
C SER A 659 37.80 6.31 9.03
N LEU A 660 37.98 7.38 8.27
CA LEU A 660 38.48 8.63 8.83
C LEU A 660 37.50 9.21 9.83
N ILE A 661 36.21 9.13 9.52
CA ILE A 661 35.16 9.57 10.44
C ILE A 661 35.19 8.69 11.70
N ARG A 662 35.39 7.40 11.50
CA ARG A 662 35.41 6.45 12.61
C ARG A 662 36.57 6.75 13.57
N LEU A 663 37.68 7.21 13.01
CA LEU A 663 38.88 7.44 13.82
C LEU A 663 38.68 8.52 14.89
N GLU A 664 37.75 9.43 14.65
CA GLU A 664 37.50 10.51 15.60
C GLU A 664 36.85 10.01 16.89
N ASN A 665 36.21 8.84 16.81
CA ASN A 665 35.49 8.27 17.94
C ASN A 665 35.13 6.81 17.64
N LYS A 666 35.88 5.88 18.24
CA LYS A 666 35.72 4.48 17.91
C LYS A 666 34.56 3.81 18.66
N LYS A 667 34.41 4.15 19.93
CA LYS A 667 33.42 3.48 20.78
C LYS A 667 31.98 3.94 20.56
N ALA A 668 31.82 5.24 20.28
CA ALA A 668 30.50 5.86 20.16
C ALA A 668 29.74 5.41 18.91
N PRO A 669 28.44 5.76 18.82
CA PRO A 669 27.71 5.58 17.56
C PRO A 669 28.36 6.32 16.40
N TYR A 670 28.12 5.86 15.18
CA TYR A 670 28.74 6.43 13.99
C TYR A 670 28.35 7.90 13.81
N TYR A 671 27.14 8.23 14.24
CA TYR A 671 26.66 9.61 14.17
C TYR A 671 27.48 10.52 15.05
N GLU A 672 27.79 10.03 16.25
CA GLU A 672 28.62 10.76 17.20
C GLU A 672 29.98 11.06 16.57
N ALA A 673 30.57 10.04 15.94
CA ALA A 673 31.86 10.18 15.29
C ALA A 673 31.81 11.22 14.18
N MET A 674 30.70 11.26 13.45
CA MET A 674 30.51 12.23 12.39
C MET A 674 30.47 13.64 12.95
N LYS A 675 29.70 13.81 14.02
CA LYS A 675 29.61 15.09 14.70
C LYS A 675 30.97 15.55 15.19
N ASP A 676 31.75 14.60 15.71
CA ASP A 676 33.08 14.90 16.21
C ASP A 676 34.00 15.34 15.08
N TYR A 677 33.91 14.67 13.95
CA TYR A 677 34.74 15.04 12.81
C TYR A 677 34.45 16.49 12.41
N LEU A 678 33.17 16.83 12.38
CA LEU A 678 32.73 18.19 12.08
C LEU A 678 33.28 19.15 13.11
N ALA A 679 33.26 18.73 14.38
CA ALA A 679 33.71 19.58 15.47
C ALA A 679 35.21 19.89 15.40
N ALA A 680 35.97 18.98 14.82
CA ALA A 680 37.43 19.08 14.81
C ALA A 680 37.98 19.49 13.44
N GLY A 681 37.29 19.07 12.38
CA GLY A 681 37.76 19.32 11.03
C GLY A 681 37.83 20.78 10.64
N ASP A 682 38.71 21.11 9.70
CA ASP A 682 38.81 22.47 9.19
C ASP A 682 38.02 22.58 7.89
N ARG A 683 37.43 23.76 7.67
CA ARG A 683 36.53 23.98 6.55
C ARG A 683 37.20 23.84 5.17
N SER A 684 38.51 23.62 5.15
CA SER A 684 39.23 23.49 3.89
C SER A 684 39.23 22.05 3.39
N ASP A 685 38.92 21.11 4.28
CA ASP A 685 38.87 19.70 3.90
C ASP A 685 37.65 19.39 3.05
N GLU A 686 37.83 18.55 2.04
CA GLU A 686 36.73 18.13 1.18
C GLU A 686 35.76 17.26 1.95
N LEU A 687 36.29 16.34 2.74
CA LEU A 687 35.47 15.48 3.59
C LEU A 687 34.60 16.33 4.50
N TYR A 688 35.19 17.35 5.12
CA TYR A 688 34.43 18.25 5.97
C TYR A 688 33.24 18.85 5.21
N GLN A 689 33.51 19.27 3.98
CA GLN A 689 32.49 19.91 3.16
C GLN A 689 31.33 18.98 2.87
N LYS A 690 31.63 17.75 2.44
CA LYS A 690 30.61 16.72 2.27
C LYS A 690 29.74 16.61 3.52
N LEU A 691 30.41 16.32 4.63
CA LEU A 691 29.74 16.04 5.90
C LEU A 691 28.97 17.24 6.43
N ASN A 692 29.51 18.44 6.24
CA ASN A 692 28.84 19.63 6.75
C ASN A 692 27.58 19.95 5.94
N THR A 693 27.68 19.83 4.63
CA THR A 693 26.53 19.99 3.76
C THR A 693 25.44 18.97 4.10
N PHE A 694 25.84 17.72 4.29
CA PHE A 694 24.90 16.67 4.65
C PHE A 694 24.25 16.93 6.01
N TYR A 695 25.06 17.33 6.97
CA TYR A 695 24.57 17.56 8.32
C TYR A 695 23.56 18.71 8.33
N GLY A 696 23.88 19.77 7.60
CA GLY A 696 22.96 20.88 7.45
C GLY A 696 21.64 20.40 6.89
N HIS A 697 21.73 19.55 5.87
CA HIS A 697 20.56 18.94 5.26
C HIS A 697 19.80 18.09 6.25
N LEU A 698 20.52 17.32 7.05
CA LEU A 698 19.89 16.46 8.05
C LEU A 698 19.02 17.27 9.01
N GLN A 699 19.63 18.30 9.60
CA GLN A 699 18.94 19.15 10.57
C GLN A 699 17.75 19.83 9.93
N LYS A 700 17.92 20.29 8.69
CA LYS A 700 16.82 20.90 7.95
C LYS A 700 15.66 19.93 7.78
N TRP A 701 15.96 18.75 7.25
CA TRP A 701 14.97 17.70 7.04
C TRP A 701 14.32 17.30 8.35
N ARG A 702 15.13 17.21 9.39
CA ARG A 702 14.66 16.88 10.73
C ARG A 702 13.52 17.81 11.16
N ALA A 703 13.80 19.11 11.14
CA ALA A 703 12.81 20.14 11.43
C ALA A 703 11.61 20.05 10.50
N PHE A 704 11.89 19.77 9.24
CA PHE A 704 10.87 19.72 8.19
C PHE A 704 9.82 18.64 8.44
N SER A 705 10.28 17.43 8.75
CA SER A 705 9.39 16.28 8.83
C SER A 705 8.35 16.37 9.95
N LYS A 706 8.62 17.19 10.96
CA LYS A 706 7.72 17.29 12.11
C LYS A 706 6.58 18.26 11.81
N ASN A 707 6.63 18.90 10.65
CA ASN A 707 5.62 19.89 10.28
C ASN A 707 4.95 19.56 8.96
N HIS A 708 5.59 18.72 8.16
CA HIS A 708 5.03 18.30 6.87
C HIS A 708 4.83 16.79 6.84
N SER A 709 4.13 16.31 5.81
CA SER A 709 3.87 14.90 5.64
C SER A 709 5.13 14.14 5.23
N VAL A 710 5.04 12.81 5.16
CA VAL A 710 6.15 11.98 4.72
C VAL A 710 6.50 12.29 3.25
N SER A 711 5.45 12.47 2.44
CA SER A 711 5.62 12.63 1.00
C SER A 711 6.26 13.97 0.66
N GLU A 712 5.82 15.02 1.34
CA GLU A 712 6.45 16.33 1.18
C GLU A 712 7.92 16.22 1.54
N LEU A 713 8.21 15.47 2.59
CA LEU A 713 9.58 15.25 3.05
C LEU A 713 10.39 14.54 1.98
N ILE A 714 9.82 13.48 1.43
CA ILE A 714 10.50 12.69 0.39
C ILE A 714 10.85 13.56 -0.81
N TRP A 715 9.90 14.36 -1.29
CA TRP A 715 10.15 15.24 -2.43
C TRP A 715 11.22 16.27 -2.09
N GLU A 716 11.18 16.76 -0.85
CA GLU A 716 12.15 17.75 -0.39
C GLU A 716 13.55 17.14 -0.34
N VAL A 717 13.63 15.88 0.07
CA VAL A 717 14.88 15.15 0.08
C VAL A 717 15.43 14.99 -1.33
N TYR A 718 14.57 14.60 -2.26
CA TYR A 718 14.95 14.48 -3.67
C TYR A 718 15.41 15.82 -4.23
N ARG A 719 14.73 16.87 -3.81
CA ARG A 719 15.02 18.23 -4.27
C ARG A 719 16.39 18.68 -3.80
N ASP A 720 16.70 18.41 -2.53
CA ASP A 720 17.95 18.87 -1.92
C ASP A 720 19.15 17.99 -2.27
N THR A 721 18.91 16.76 -2.71
CA THR A 721 20.00 15.84 -2.97
C THR A 721 20.18 15.53 -4.45
N LYS A 722 19.13 15.80 -5.24
CA LYS A 722 19.12 15.47 -6.65
C LYS A 722 19.39 13.99 -6.88
N TYR A 723 19.02 13.16 -5.90
CA TYR A 723 19.30 11.73 -5.96
C TYR A 723 18.48 11.03 -7.04
N MET A 724 17.26 11.50 -7.25
CA MET A 724 16.42 10.94 -8.29
C MET A 724 16.99 11.34 -9.65
N ASP A 725 17.32 12.62 -9.80
CA ASP A 725 18.05 13.09 -10.98
C ASP A 725 19.30 12.26 -11.20
N TYR A 726 20.13 12.18 -10.17
CA TYR A 726 21.38 11.42 -10.23
C TYR A 726 21.13 10.01 -10.72
N VAL A 727 20.16 9.36 -10.11
CA VAL A 727 19.91 7.96 -10.36
C VAL A 727 19.39 7.74 -11.78
N GLY A 728 18.86 8.80 -12.38
CA GLY A 728 18.39 8.75 -13.75
C GLY A 728 19.54 8.73 -14.74
N GLY A 729 20.76 8.89 -14.21
CA GLY A 729 21.95 8.95 -15.03
C GLY A 729 22.90 7.78 -14.87
N MET A 730 22.45 6.72 -14.19
CA MET A 730 23.26 5.51 -14.04
C MET A 730 22.59 4.36 -14.79
N PRO A 731 23.32 3.26 -15.02
CA PRO A 731 22.70 2.12 -15.70
C PRO A 731 21.41 1.66 -15.01
N GLY A 732 20.34 1.55 -15.78
CA GLY A 732 19.04 1.19 -15.25
C GLY A 732 18.30 2.40 -14.74
N GLY A 733 18.72 3.58 -15.20
CA GLY A 733 18.17 4.84 -14.73
C GLY A 733 16.66 4.97 -14.76
N LYS A 734 16.06 4.52 -15.86
CA LYS A 734 14.60 4.57 -16.00
C LYS A 734 13.90 3.83 -14.87
N GLN A 735 14.34 2.61 -14.61
CA GLN A 735 13.75 1.79 -13.55
C GLN A 735 13.97 2.40 -12.17
N ARG A 736 15.17 2.93 -11.97
CA ARG A 736 15.54 3.50 -10.68
C ARG A 736 14.71 4.74 -10.37
N GLN A 737 14.62 5.66 -11.32
CA GLN A 737 13.79 6.86 -11.16
C GLN A 737 12.34 6.47 -10.92
N ALA A 738 11.89 5.42 -11.60
CA ALA A 738 10.55 4.88 -11.42
C ALA A 738 10.36 4.47 -9.96
N ASN A 739 11.33 3.72 -9.44
CA ASN A 739 11.26 3.23 -8.07
C ASN A 739 11.15 4.35 -7.03
N LEU A 740 11.90 5.42 -7.25
CA LEU A 740 11.88 6.55 -6.32
C LEU A 740 10.56 7.29 -6.44
N ARG A 741 10.07 7.42 -7.68
CA ARG A 741 8.77 8.03 -7.91
C ARG A 741 7.66 7.34 -7.13
N VAL A 742 7.62 6.00 -7.18
CA VAL A 742 6.55 5.26 -6.49
C VAL A 742 6.80 5.23 -4.99
N LEU A 743 8.03 5.53 -4.57
CA LEU A 743 8.30 5.68 -3.16
C LEU A 743 7.47 6.86 -2.68
N TYR A 744 7.48 7.92 -3.48
CA TYR A 744 6.70 9.10 -3.18
C TYR A 744 5.21 8.79 -3.14
N ASP A 745 4.72 8.16 -4.20
CA ASP A 745 3.29 7.88 -4.33
C ASP A 745 2.80 6.91 -3.27
N ARG A 746 3.61 5.91 -2.95
CA ARG A 746 3.23 4.96 -1.90
C ARG A 746 3.21 5.62 -0.54
N ALA A 747 4.11 6.57 -0.33
CA ALA A 747 4.06 7.40 0.88
C ALA A 747 2.74 8.16 0.93
N ARG A 748 2.34 8.70 -0.22
CA ARG A 748 1.08 9.44 -0.32
C ARG A 748 -0.10 8.58 0.11
N GLN A 749 -0.16 7.34 -0.38
CA GLN A 749 -1.31 6.50 -0.08
C GLN A 749 -1.34 6.06 1.38
N TYR A 750 -0.16 5.74 1.94
CA TYR A 750 -0.08 5.24 3.30
C TYR A 750 -0.29 6.34 4.34
N GLU A 751 0.21 7.54 4.05
CA GLU A 751 -0.09 8.72 4.86
C GLU A 751 -1.59 8.88 5.06
N SER A 752 -2.30 8.74 3.95
CA SER A 752 -3.72 9.04 3.90
C SER A 752 -4.57 8.01 4.63
N THR A 753 -3.93 6.94 5.06
CA THR A 753 -4.65 5.74 5.49
C THR A 753 -4.51 5.42 6.99
N ALA A 754 -3.29 5.25 7.48
CA ALA A 754 -3.11 4.92 8.89
C ALA A 754 -1.68 5.14 9.36
N PHE A 755 -0.86 5.70 8.49
CA PHE A 755 0.57 5.83 8.75
C PHE A 755 1.06 7.21 8.33
N ARG A 756 0.33 8.23 8.76
CA ARG A 756 0.73 9.62 8.55
C ARG A 756 1.98 9.94 9.36
N GLY A 757 2.89 10.72 8.79
CA GLY A 757 4.10 11.10 9.50
C GLY A 757 5.24 10.11 9.38
N LEU A 758 6.46 10.65 9.34
CA LEU A 758 7.68 9.87 9.06
C LEU A 758 7.86 8.64 9.95
N PHE A 759 7.69 8.83 11.26
CA PHE A 759 7.89 7.77 12.23
C PHE A 759 6.94 6.60 12.02
N ARG A 760 5.66 6.90 11.87
CA ARG A 760 4.64 5.89 11.61
C ARG A 760 4.85 5.20 10.28
N PHE A 761 5.16 5.98 9.25
CA PHE A 761 5.40 5.43 7.92
C PHE A 761 6.53 4.41 7.94
N LEU A 762 7.69 4.85 8.41
CA LEU A 762 8.87 4.00 8.47
C LEU A 762 8.61 2.73 9.27
N ARG A 763 7.89 2.89 10.38
CA ARG A 763 7.55 1.74 11.22
C ARG A 763 6.70 0.75 10.43
N PHE A 764 5.80 1.28 9.60
CA PHE A 764 4.94 0.42 8.78
C PHE A 764 5.77 -0.37 7.78
N ILE A 765 6.65 0.33 7.07
CA ILE A 765 7.53 -0.28 6.08
C ILE A 765 8.40 -1.35 6.72
N GLU A 766 8.97 -1.03 7.87
CA GLU A 766 9.85 -1.94 8.59
C GLU A 766 9.13 -3.22 9.02
N ARG A 767 7.96 -3.04 9.64
CA ARG A 767 7.16 -4.18 10.05
C ARG A 767 6.69 -4.98 8.84
N MET A 768 6.47 -4.30 7.73
CA MET A 768 6.07 -4.98 6.50
C MET A 768 7.15 -5.96 6.03
N GLN A 769 8.39 -5.49 5.99
CA GLN A 769 9.50 -6.32 5.52
C GLN A 769 9.82 -7.41 6.53
N GLU A 770 9.69 -7.08 7.81
CA GLU A 770 10.08 -7.99 8.88
C GLU A 770 9.25 -9.28 8.90
N ARG A 771 8.04 -9.23 8.34
CA ARG A 771 7.22 -10.43 8.24
C ARG A 771 7.13 -10.96 6.81
N GLY A 772 8.14 -10.62 6.01
CA GLY A 772 8.28 -11.20 4.68
C GLY A 772 7.41 -10.61 3.59
N ASP A 773 6.61 -9.61 3.92
CA ASP A 773 5.81 -8.94 2.91
C ASP A 773 6.69 -8.03 2.06
N ASP A 774 6.30 -7.86 0.80
CA ASP A 774 7.09 -7.11 -0.14
C ASP A 774 6.21 -6.15 -0.95
N LEU A 775 6.84 -5.38 -1.82
CA LEU A 775 6.12 -4.58 -2.79
C LEU A 775 6.78 -4.77 -4.15
N GLY A 776 6.05 -4.48 -5.22
CA GLY A 776 6.59 -4.68 -6.56
C GLY A 776 7.48 -3.54 -6.99
N THR A 777 8.47 -3.85 -7.83
CA THR A 777 9.27 -2.81 -8.44
C THR A 777 8.37 -1.96 -9.31
N ALA A 778 8.72 -0.70 -9.49
CA ALA A 778 7.89 0.20 -10.28
C ALA A 778 7.88 -0.19 -11.75
N ARG A 779 7.00 0.43 -12.52
CA ARG A 779 6.88 0.15 -13.94
C ARG A 779 7.15 1.42 -14.74
N GLY A 780 7.61 1.25 -15.98
CA GLY A 780 7.92 2.38 -16.83
C GLY A 780 6.92 2.52 -17.95
N LEU A 781 6.88 1.52 -18.83
CA LEU A 781 5.88 1.47 -19.88
C LEU A 781 4.56 0.94 -19.31
N SER A 782 3.46 1.58 -19.68
CA SER A 782 2.15 1.16 -19.20
C SER A 782 1.71 -0.12 -19.91
N GLU A 783 0.67 -0.76 -19.39
CA GLU A 783 0.17 -2.00 -19.95
C GLU A 783 -0.39 -1.77 -21.36
N GLN A 784 -0.96 -0.59 -21.57
CA GLN A 784 -1.56 -0.21 -22.84
C GLN A 784 -0.54 -0.12 -23.98
N GLU A 785 0.67 0.30 -23.64
CA GLU A 785 1.71 0.60 -24.63
C GLU A 785 2.12 -0.65 -25.41
N ASP A 786 2.99 -0.44 -26.40
CA ASP A 786 3.45 -1.53 -27.27
C ASP A 786 4.56 -2.33 -26.61
N VAL A 787 4.17 -3.31 -25.79
CA VAL A 787 5.13 -4.09 -25.02
C VAL A 787 4.80 -5.58 -24.93
N VAL A 788 5.84 -6.42 -24.91
CA VAL A 788 5.66 -7.83 -24.62
C VAL A 788 5.25 -8.01 -23.16
N ARG A 789 4.07 -8.56 -22.94
CA ARG A 789 3.58 -8.71 -21.58
C ARG A 789 3.93 -10.07 -21.00
N LEU A 790 4.60 -10.04 -19.84
CA LEU A 790 4.79 -11.20 -18.99
C LEU A 790 3.65 -11.26 -17.97
N MET A 791 2.97 -12.40 -17.87
CA MET A 791 1.89 -12.51 -16.91
C MET A 791 1.68 -13.95 -16.46
N THR A 792 0.95 -14.09 -15.35
CA THR A 792 0.59 -15.39 -14.82
C THR A 792 -0.49 -16.02 -15.70
N ILE A 793 -0.55 -17.35 -15.70
CA ILE A 793 -1.54 -18.06 -16.48
C ILE A 793 -2.96 -17.79 -15.95
N HIS A 794 -3.07 -17.60 -14.63
CA HIS A 794 -4.34 -17.25 -14.00
C HIS A 794 -4.88 -15.92 -14.53
N SER A 795 -3.99 -14.94 -14.64
CA SER A 795 -4.37 -13.59 -15.05
C SER A 795 -4.86 -13.55 -16.49
N SER A 796 -4.36 -14.47 -17.30
CA SER A 796 -4.67 -14.48 -18.73
C SER A 796 -6.02 -15.11 -19.05
N LYS A 797 -6.66 -15.70 -18.05
CA LYS A 797 -7.89 -16.44 -18.27
C LYS A 797 -9.00 -15.52 -18.79
N GLY A 798 -9.53 -15.86 -19.96
CA GLY A 798 -10.58 -15.07 -20.60
C GLY A 798 -10.05 -14.16 -21.70
N LEU A 799 -8.72 -14.09 -21.82
CA LEU A 799 -8.09 -13.20 -22.79
C LEU A 799 -7.49 -13.95 -23.96
N GLU A 800 -7.13 -13.23 -25.02
CA GLU A 800 -6.60 -13.84 -26.23
C GLU A 800 -5.43 -13.06 -26.82
N PHE A 801 -4.43 -13.80 -27.32
CA PHE A 801 -3.24 -13.17 -27.91
C PHE A 801 -2.79 -13.92 -29.16
N PRO A 802 -2.38 -13.17 -30.20
CA PRO A 802 -1.83 -13.73 -31.44
C PRO A 802 -0.71 -14.75 -31.22
N VAL A 803 0.30 -14.38 -30.43
CA VAL A 803 1.41 -15.30 -30.13
C VAL A 803 1.50 -15.53 -28.63
N VAL A 804 1.78 -16.76 -28.23
CA VAL A 804 1.88 -17.10 -26.82
C VAL A 804 3.07 -17.99 -26.48
N PHE A 805 3.94 -17.50 -25.61
CA PHE A 805 4.98 -18.31 -24.99
C PHE A 805 4.48 -18.86 -23.65
N VAL A 806 4.76 -20.13 -23.40
CA VAL A 806 4.52 -20.72 -22.09
C VAL A 806 5.84 -21.26 -21.55
N ALA A 807 6.32 -20.65 -20.48
CA ALA A 807 7.67 -20.94 -20.00
C ALA A 807 7.69 -21.54 -18.60
N GLY A 808 8.73 -22.30 -18.30
CA GLY A 808 8.90 -22.92 -17.00
C GLY A 808 8.20 -24.26 -16.89
N LEU A 809 8.16 -24.98 -18.01
CA LEU A 809 7.47 -26.27 -18.05
C LEU A 809 8.26 -27.37 -17.35
N GLY A 810 9.52 -27.08 -17.05
CA GLY A 810 10.36 -28.00 -16.31
C GLY A 810 10.36 -27.66 -14.83
N ARG A 811 9.63 -26.62 -14.47
CA ARG A 811 9.50 -26.22 -13.07
C ARG A 811 8.61 -27.20 -12.32
N ASN A 812 9.07 -27.60 -11.13
CA ASN A 812 8.27 -28.46 -10.27
C ASN A 812 6.95 -27.81 -9.89
N PHE A 813 5.91 -28.63 -9.74
CA PHE A 813 4.66 -28.15 -9.17
C PHE A 813 4.86 -27.84 -7.69
N ASN A 814 4.32 -26.70 -7.25
CA ASN A 814 4.35 -26.34 -5.85
C ASN A 814 3.55 -27.33 -5.01
N MET A 815 4.24 -28.26 -4.37
CA MET A 815 3.58 -29.28 -3.55
C MET A 815 4.04 -29.23 -2.09
N MET A 816 4.24 -28.03 -1.58
CA MET A 816 4.71 -27.84 -0.21
C MET A 816 3.68 -28.31 0.81
N ASP A 817 2.40 -28.04 0.53
CA ASP A 817 1.31 -28.40 1.43
C ASP A 817 1.30 -29.88 1.81
N LEU A 818 1.81 -30.72 0.92
CA LEU A 818 1.77 -32.17 1.10
C LEU A 818 2.81 -32.70 2.09
N ASN A 819 3.65 -31.82 2.63
CA ASN A 819 4.79 -32.27 3.41
C ASN A 819 4.80 -31.79 4.86
N LYS A 820 3.83 -30.96 5.22
CA LYS A 820 3.72 -30.48 6.60
C LYS A 820 3.18 -31.59 7.51
N SER A 821 3.11 -31.30 8.81
CA SER A 821 2.59 -32.26 9.78
C SER A 821 1.07 -32.24 9.83
N TYR A 822 0.48 -31.29 9.12
CA TYR A 822 -0.97 -31.15 9.09
C TYR A 822 -1.43 -30.81 7.67
N LEU A 823 -2.72 -30.94 7.44
CA LEU A 823 -3.27 -30.67 6.12
C LEU A 823 -4.73 -30.24 6.21
N LEU A 824 -5.10 -29.23 5.43
CA LEU A 824 -6.46 -28.71 5.46
C LEU A 824 -7.27 -29.21 4.29
N ASP A 825 -8.47 -29.70 4.58
CA ASP A 825 -9.33 -30.24 3.54
C ASP A 825 -10.77 -29.74 3.69
N LYS A 826 -11.30 -29.19 2.60
CA LYS A 826 -12.66 -28.68 2.55
C LYS A 826 -13.67 -29.69 3.08
N GLU A 827 -13.60 -30.91 2.56
CA GLU A 827 -14.54 -31.95 2.96
C GLU A 827 -14.26 -32.53 4.35
N LEU A 828 -12.99 -32.81 4.63
CA LEU A 828 -12.63 -33.62 5.79
C LEU A 828 -12.09 -32.82 6.98
N GLY A 829 -11.74 -31.57 6.75
CA GLY A 829 -11.30 -30.71 7.84
C GLY A 829 -9.79 -30.61 8.04
N PHE A 830 -9.33 -31.01 9.22
CA PHE A 830 -7.93 -30.85 9.61
C PHE A 830 -7.30 -32.20 9.93
N GLY A 831 -6.48 -32.70 9.03
CA GLY A 831 -5.81 -33.97 9.23
C GLY A 831 -4.40 -33.74 9.74
N THR A 832 -3.93 -34.62 10.61
CA THR A 832 -2.63 -34.40 11.24
C THR A 832 -1.88 -35.69 11.53
N LYS A 833 -0.58 -35.53 11.75
CA LYS A 833 0.23 -36.62 12.28
C LYS A 833 -0.20 -36.91 13.71
N TYR A 834 -0.10 -38.17 14.11
CA TYR A 834 -0.09 -38.46 15.52
C TYR A 834 1.20 -37.87 16.08
N ILE A 835 1.08 -37.06 17.12
CA ILE A 835 2.26 -36.46 17.74
C ILE A 835 2.21 -36.67 19.24
N HIS A 836 3.31 -37.12 19.83
CA HIS A 836 3.38 -37.25 21.28
C HIS A 836 4.59 -36.49 21.81
N PRO A 837 4.33 -35.37 22.49
CA PRO A 837 5.38 -34.46 22.96
C PRO A 837 6.28 -35.05 24.03
N GLN A 838 5.78 -36.04 24.79
CA GLN A 838 6.58 -36.64 25.85
C GLN A 838 7.35 -37.86 25.36
N LEU A 839 6.69 -38.71 24.58
CA LEU A 839 7.32 -39.90 24.02
C LEU A 839 8.27 -39.56 22.88
N ARG A 840 8.14 -38.34 22.36
CA ARG A 840 8.99 -37.83 21.28
C ARG A 840 8.83 -38.64 19.97
N ILE A 841 7.62 -39.10 19.69
CA ILE A 841 7.37 -39.82 18.43
C ILE A 841 6.24 -39.18 17.63
N SER A 842 6.33 -39.29 16.32
CA SER A 842 5.30 -38.78 15.43
C SER A 842 5.22 -39.62 14.15
N TYR A 843 4.00 -39.82 13.68
CA TYR A 843 3.74 -40.58 12.45
C TYR A 843 2.36 -40.24 11.90
N PRO A 844 2.20 -40.29 10.58
CA PRO A 844 0.91 -39.90 10.00
C PRO A 844 -0.22 -40.83 10.43
N THR A 845 -1.36 -40.22 10.75
CA THR A 845 -2.59 -40.96 10.94
C THR A 845 -3.19 -41.32 9.59
N LEU A 846 -4.19 -42.18 9.57
CA LEU A 846 -4.84 -42.57 8.33
C LEU A 846 -5.49 -41.40 7.59
N PRO A 847 -6.22 -40.52 8.31
CA PRO A 847 -6.81 -39.41 7.54
C PRO A 847 -5.77 -38.48 6.92
N LEU A 848 -4.59 -38.34 7.53
CA LEU A 848 -3.56 -37.49 6.95
C LEU A 848 -3.09 -38.03 5.61
N ILE A 849 -2.75 -39.31 5.59
CA ILE A 849 -2.35 -39.98 4.36
C ILE A 849 -3.45 -39.87 3.31
N ALA A 850 -4.67 -40.16 3.74
CA ALA A 850 -5.86 -40.07 2.89
C ALA A 850 -5.95 -38.71 2.23
N MET A 851 -5.85 -37.66 3.03
CA MET A 851 -5.93 -36.29 2.52
C MET A 851 -4.75 -35.94 1.60
N LYS A 852 -3.59 -36.52 1.89
CA LYS A 852 -2.40 -36.25 1.09
C LYS A 852 -2.57 -36.82 -0.30
N LYS A 853 -3.09 -38.04 -0.38
CA LYS A 853 -3.40 -38.69 -1.64
C LYS A 853 -4.44 -37.88 -2.41
N LYS A 854 -5.56 -37.63 -1.74
CA LYS A 854 -6.65 -36.81 -2.27
C LYS A 854 -6.14 -35.49 -2.83
N MET A 855 -5.36 -34.79 -2.03
CA MET A 855 -4.84 -33.47 -2.39
C MET A 855 -3.88 -33.55 -3.58
N ARG A 856 -3.06 -34.59 -3.63
CA ARG A 856 -2.11 -34.72 -4.73
C ARG A 856 -2.85 -34.79 -6.07
N ARG A 857 -3.91 -35.60 -6.11
CA ARG A 857 -4.59 -35.81 -7.39
C ARG A 857 -5.48 -34.61 -7.71
N GLU A 858 -5.97 -33.93 -6.68
CA GLU A 858 -6.71 -32.70 -6.91
C GLU A 858 -5.78 -31.62 -7.46
N LEU A 859 -4.57 -31.52 -6.91
CA LEU A 859 -3.59 -30.54 -7.37
C LEU A 859 -3.15 -30.78 -8.82
N LEU A 860 -2.86 -32.04 -9.14
CA LEU A 860 -2.41 -32.44 -10.48
C LEU A 860 -3.50 -32.15 -11.49
N SER A 861 -4.73 -32.51 -11.11
CA SER A 861 -5.89 -32.22 -11.93
C SER A 861 -5.94 -30.74 -12.30
N GLU A 862 -5.73 -29.88 -11.31
CA GLU A 862 -5.84 -28.43 -11.55
C GLU A 862 -4.69 -27.91 -12.39
N GLU A 863 -3.48 -28.40 -12.12
CA GLU A 863 -2.31 -27.98 -12.89
C GLU A 863 -2.54 -28.31 -14.35
N LEU A 864 -3.17 -29.45 -14.60
CA LEU A 864 -3.56 -29.85 -15.94
C LEU A 864 -4.47 -28.79 -16.56
N ARG A 865 -5.48 -28.38 -15.81
CA ARG A 865 -6.44 -27.36 -16.26
C ARG A 865 -5.74 -26.04 -16.51
N VAL A 866 -4.82 -25.70 -15.61
CA VAL A 866 -4.01 -24.49 -15.76
C VAL A 866 -3.31 -24.50 -17.12
N LEU A 867 -2.70 -25.64 -17.45
CA LEU A 867 -2.03 -25.79 -18.75
C LEU A 867 -3.00 -25.55 -19.90
N TYR A 868 -4.22 -26.05 -19.74
CA TYR A 868 -5.25 -25.93 -20.77
C TYR A 868 -5.60 -24.48 -21.01
N VAL A 869 -5.76 -23.73 -19.92
CA VAL A 869 -6.01 -22.30 -20.02
C VAL A 869 -4.89 -21.63 -20.79
N ALA A 870 -3.65 -21.93 -20.38
CA ALA A 870 -2.46 -21.37 -21.01
C ALA A 870 -2.42 -21.59 -22.51
N LEU A 871 -2.59 -22.84 -22.93
CA LEU A 871 -2.50 -23.18 -24.34
C LEU A 871 -3.65 -22.59 -25.16
N THR A 872 -4.81 -22.43 -24.54
CA THR A 872 -5.98 -21.95 -25.26
C THR A 872 -6.03 -20.42 -25.32
N ARG A 873 -4.98 -19.77 -24.82
CA ARG A 873 -4.91 -18.32 -24.88
C ARG A 873 -4.51 -17.87 -26.27
N ALA A 874 -3.73 -18.73 -26.93
CA ALA A 874 -3.13 -18.38 -28.22
C ALA A 874 -4.13 -18.33 -29.37
N LYS A 875 -3.92 -17.39 -30.27
CA LYS A 875 -4.71 -17.27 -31.50
C LYS A 875 -4.04 -17.96 -32.68
N GLU A 876 -2.75 -17.70 -32.86
CA GLU A 876 -2.05 -18.13 -34.06
C GLU A 876 -0.75 -18.88 -33.79
N LYS A 877 -0.06 -18.51 -32.70
CA LYS A 877 1.25 -19.12 -32.41
C LYS A 877 1.39 -19.58 -30.96
N LEU A 878 2.04 -20.71 -30.77
CA LEU A 878 2.24 -21.30 -29.46
C LEU A 878 3.67 -21.80 -29.27
N PHE A 879 4.30 -21.38 -28.17
CA PHE A 879 5.64 -21.84 -27.83
C PHE A 879 5.66 -22.52 -26.47
N LEU A 880 6.20 -23.73 -26.41
CA LEU A 880 6.32 -24.46 -25.15
C LEU A 880 7.79 -24.59 -24.76
N ILE A 881 8.17 -23.93 -23.67
CA ILE A 881 9.57 -23.94 -23.27
C ILE A 881 9.77 -24.56 -21.89
N GLY A 882 10.71 -25.51 -21.81
CA GLY A 882 11.02 -26.20 -20.57
C GLY A 882 12.49 -26.51 -20.44
N SER A 883 12.91 -27.01 -19.28
CA SER A 883 14.31 -27.31 -19.04
C SER A 883 14.50 -28.63 -18.28
N CYS A 884 15.51 -29.39 -18.69
CA CYS A 884 15.85 -30.65 -18.05
C CYS A 884 17.36 -30.81 -17.97
N LYS A 885 17.81 -31.81 -17.22
CA LYS A 885 19.24 -32.07 -17.09
C LYS A 885 19.80 -32.66 -18.38
N ASP A 886 19.18 -33.74 -18.84
CA ASP A 886 19.66 -34.45 -20.02
C ASP A 886 18.53 -34.80 -20.99
N HIS A 887 18.74 -34.53 -22.27
CA HIS A 887 17.76 -34.81 -23.31
C HIS A 887 17.48 -36.30 -23.47
N GLN A 888 18.54 -37.07 -23.66
CA GLN A 888 18.45 -38.49 -23.97
C GLN A 888 17.79 -39.29 -22.85
N LYS A 889 18.21 -39.03 -21.62
CA LYS A 889 17.68 -39.73 -20.46
C LYS A 889 16.18 -39.49 -20.33
N GLN A 890 15.76 -38.25 -20.58
CA GLN A 890 14.35 -37.90 -20.42
C GLN A 890 13.49 -38.44 -21.57
N LEU A 891 14.08 -38.52 -22.76
CA LEU A 891 13.40 -39.11 -23.89
C LEU A 891 13.21 -40.60 -23.64
N ALA A 892 14.21 -41.21 -23.03
CA ALA A 892 14.13 -42.60 -22.62
C ALA A 892 12.99 -42.80 -21.63
N LYS A 893 12.88 -41.88 -20.67
CA LYS A 893 11.82 -41.93 -19.67
C LYS A 893 10.46 -41.70 -20.32
N TRP A 894 10.42 -40.86 -21.34
CA TRP A 894 9.17 -40.52 -22.01
C TRP A 894 8.63 -41.67 -22.84
N GLN A 895 9.53 -42.42 -23.47
CA GLN A 895 9.13 -43.54 -24.33
C GLN A 895 8.80 -44.78 -23.49
N ALA A 896 9.39 -44.86 -22.31
CA ALA A 896 9.16 -46.00 -21.41
C ALA A 896 7.82 -45.90 -20.71
N SER A 897 7.03 -44.89 -21.07
CA SER A 897 5.69 -44.74 -20.53
C SER A 897 4.65 -44.80 -21.65
N ALA A 898 5.12 -44.56 -22.87
CA ALA A 898 4.24 -44.50 -24.03
C ALA A 898 4.51 -45.63 -25.02
N SER A 899 3.98 -46.80 -24.73
CA SER A 899 3.93 -47.91 -25.68
C SER A 899 2.45 -48.28 -25.83
N GLN A 900 1.68 -47.85 -24.85
CA GLN A 900 0.24 -48.06 -24.81
C GLN A 900 -0.43 -47.46 -26.04
N THR A 901 -1.56 -48.03 -26.46
CA THR A 901 -2.21 -47.57 -27.67
C THR A 901 -3.48 -46.77 -27.37
N ASP A 902 -3.88 -46.73 -26.11
CA ASP A 902 -5.02 -45.90 -25.72
C ASP A 902 -4.58 -44.44 -25.67
N TRP A 903 -5.49 -43.53 -26.02
CA TRP A 903 -5.20 -42.10 -25.97
C TRP A 903 -4.74 -41.67 -24.59
N LEU A 904 -5.54 -41.98 -23.58
CA LEU A 904 -5.25 -41.60 -22.21
C LEU A 904 -4.04 -42.36 -21.67
N LEU A 905 -3.02 -41.62 -21.27
CA LEU A 905 -1.83 -42.20 -20.65
C LEU A 905 -2.24 -42.88 -19.35
N PRO A 906 -1.45 -43.86 -18.88
CA PRO A 906 -1.77 -44.57 -17.63
C PRO A 906 -2.04 -43.64 -16.45
N GLU A 907 -3.05 -43.98 -15.64
CA GLU A 907 -3.43 -43.17 -14.49
C GLU A 907 -2.26 -42.97 -13.53
N PHE A 908 -1.63 -44.06 -13.15
CA PHE A 908 -0.54 -44.04 -12.17
C PHE A 908 0.64 -43.21 -12.66
N ASP A 909 0.96 -43.33 -13.95
CA ASP A 909 2.06 -42.55 -14.53
C ASP A 909 1.79 -41.06 -14.46
N ARG A 910 0.60 -40.65 -14.91
CA ARG A 910 0.19 -39.25 -14.84
C ARG A 910 0.15 -38.78 -13.39
N TYR A 911 -0.19 -39.69 -12.49
CA TYR A 911 -0.23 -39.39 -11.06
C TYR A 911 1.17 -39.08 -10.52
N GLN A 912 2.19 -39.61 -11.19
CA GLN A 912 3.58 -39.48 -10.72
C GLN A 912 4.25 -38.19 -11.17
N ALA A 913 3.52 -37.37 -11.91
CA ALA A 913 4.09 -36.18 -12.53
C ALA A 913 4.48 -35.12 -11.49
N ARG A 914 5.66 -34.53 -11.71
CA ARG A 914 6.15 -33.47 -10.83
C ARG A 914 6.26 -32.13 -11.58
N THR A 915 6.44 -32.20 -12.89
CA THR A 915 6.51 -30.99 -13.71
C THR A 915 5.55 -31.09 -14.89
N TYR A 916 5.38 -29.98 -15.60
CA TYR A 916 4.54 -29.96 -16.79
C TYR A 916 5.12 -30.85 -17.89
N LEU A 917 6.44 -31.00 -17.90
CA LEU A 917 7.11 -31.82 -18.91
C LEU A 917 6.86 -33.30 -18.69
N ASP A 918 6.52 -33.68 -17.46
CA ASP A 918 6.16 -35.06 -17.15
C ASP A 918 4.80 -35.39 -17.76
N PHE A 919 4.03 -34.34 -18.05
CA PHE A 919 2.76 -34.49 -18.76
C PHE A 919 2.97 -34.44 -20.27
N ILE A 920 3.47 -33.32 -20.75
CA ILE A 920 3.63 -33.06 -22.17
C ILE A 920 4.56 -34.05 -22.86
N GLY A 921 5.62 -34.44 -22.16
CA GLY A 921 6.62 -35.36 -22.69
C GLY A 921 6.07 -36.62 -23.33
N PRO A 922 5.67 -37.61 -22.50
CA PRO A 922 5.12 -38.87 -23.00
C PRO A 922 3.89 -38.71 -23.89
N ALA A 923 3.19 -37.59 -23.77
CA ALA A 923 2.03 -37.32 -24.63
C ALA A 923 2.50 -36.94 -26.03
N LEU A 924 3.74 -36.46 -26.11
CA LEU A 924 4.33 -36.02 -27.37
C LEU A 924 5.20 -37.11 -27.97
N ALA A 925 5.53 -38.10 -27.16
CA ALA A 925 6.43 -39.18 -27.56
C ALA A 925 5.89 -39.99 -28.73
N ARG A 926 4.61 -40.32 -28.67
CA ARG A 926 3.98 -41.15 -29.70
C ARG A 926 3.68 -40.38 -30.97
N HIS A 927 4.12 -39.13 -31.02
CA HIS A 927 3.93 -38.32 -32.21
C HIS A 927 5.04 -38.59 -33.22
N ARG A 928 4.72 -38.40 -34.49
CA ARG A 928 5.70 -38.56 -35.57
C ARG A 928 6.84 -37.56 -35.41
N ASP A 929 6.49 -36.34 -35.04
CA ASP A 929 7.46 -35.25 -34.94
C ASP A 929 8.50 -35.44 -33.84
N LEU A 930 8.25 -36.38 -32.92
CA LEU A 930 9.20 -36.67 -31.86
C LEU A 930 9.53 -38.15 -31.79
N HIS A 939 -0.45 -46.93 -35.06
CA HIS A 939 -1.57 -46.13 -34.57
C HIS A 939 -1.69 -44.83 -35.37
N ALA A 940 -2.40 -44.90 -36.49
CA ALA A 940 -2.62 -43.72 -37.33
C ALA A 940 -3.51 -42.71 -36.62
N ASP A 941 -4.29 -43.19 -35.66
CA ASP A 941 -5.20 -42.34 -34.90
C ASP A 941 -4.43 -41.31 -34.09
N ILE A 942 -3.34 -41.76 -33.45
CA ILE A 942 -2.53 -40.88 -32.61
C ILE A 942 -1.46 -40.13 -33.39
N SER A 943 -0.61 -40.88 -34.11
CA SER A 943 0.49 -40.26 -34.84
C SER A 943 0.02 -39.50 -36.07
N GLY A 944 -1.15 -39.87 -36.59
CA GLY A 944 -1.71 -39.20 -37.75
C GLY A 944 -2.73 -38.13 -37.35
N HIS A 945 -2.61 -37.65 -36.12
CA HIS A 945 -3.42 -36.52 -35.66
C HIS A 945 -2.94 -35.28 -36.40
N PRO A 946 -3.87 -34.43 -36.85
CA PRO A 946 -3.52 -33.19 -37.57
C PRO A 946 -2.75 -32.17 -36.70
N ALA A 947 -1.95 -32.67 -35.77
CA ALA A 947 -1.16 -31.80 -34.89
C ALA A 947 0.27 -31.71 -35.38
N ARG A 948 0.78 -30.49 -35.53
CA ARG A 948 2.13 -30.28 -36.01
C ARG A 948 3.02 -29.70 -34.91
N PHE A 949 4.02 -30.46 -34.50
CA PHE A 949 4.94 -30.01 -33.46
C PHE A 949 6.35 -29.81 -33.98
N ALA A 950 6.92 -28.63 -33.68
CA ALA A 950 8.29 -28.33 -34.06
C ALA A 950 9.22 -28.43 -32.85
N VAL A 951 10.04 -29.49 -32.82
CA VAL A 951 10.89 -29.74 -31.66
C VAL A 951 12.32 -29.25 -31.86
N GLN A 952 12.75 -28.36 -30.97
CA GLN A 952 14.13 -27.90 -30.92
C GLN A 952 14.81 -28.40 -29.66
N MET A 953 15.87 -29.19 -29.81
CA MET A 953 16.57 -29.75 -28.67
C MET A 953 17.77 -28.89 -28.28
N ILE A 954 17.48 -27.66 -27.87
CA ILE A 954 18.50 -26.66 -27.57
C ILE A 954 19.44 -27.05 -26.43
N HIS A 955 20.71 -26.66 -26.55
CA HIS A 955 21.65 -26.77 -25.46
C HIS A 955 21.81 -25.41 -24.77
N SER A 956 22.16 -25.44 -23.49
CA SER A 956 22.34 -24.21 -22.72
C SER A 956 23.33 -23.27 -23.38
N TYR A 957 24.46 -23.82 -23.83
CA TYR A 957 25.56 -22.99 -24.31
C TYR A 957 25.27 -22.29 -25.64
N ASP A 958 24.38 -22.88 -26.45
CA ASP A 958 24.12 -22.35 -27.78
C ASP A 958 23.30 -21.07 -27.74
N LEU A 959 22.56 -20.88 -26.66
CA LEU A 959 21.74 -19.69 -26.49
C LEU A 959 22.58 -18.48 -26.09
N LEU A 960 23.68 -18.72 -25.39
CA LEU A 960 24.57 -17.65 -24.96
C LEU A 960 25.79 -17.53 -25.87
N GLU A 970 39.02 2.05 -26.81
CA GLU A 970 38.34 3.16 -27.46
C GLU A 970 38.41 4.44 -26.62
N LYS A 971 38.03 5.56 -27.21
CA LYS A 971 37.92 6.82 -26.50
C LYS A 971 36.93 7.74 -27.19
N SER A 972 36.10 8.42 -26.39
CA SER A 972 35.12 9.36 -26.92
C SER A 972 35.41 10.76 -26.40
N GLU A 973 35.42 11.74 -27.31
CA GLU A 973 35.72 13.11 -26.95
C GLU A 973 34.68 13.67 -25.98
N ARG A 974 33.40 13.41 -26.26
CA ARG A 974 32.32 13.97 -25.47
C ARG A 974 32.25 13.36 -24.08
N LEU A 975 32.47 12.05 -23.98
CA LEU A 975 32.45 11.38 -22.69
C LEU A 975 33.49 11.98 -21.74
N GLU A 976 34.71 12.15 -22.24
CA GLU A 976 35.78 12.71 -21.42
C GLU A 976 35.52 14.18 -21.13
N ALA A 977 34.84 14.85 -22.06
CA ALA A 977 34.46 16.24 -21.86
C ALA A 977 33.48 16.35 -20.71
N ILE A 978 32.56 15.39 -20.63
CA ILE A 978 31.57 15.35 -19.56
C ILE A 978 32.22 15.00 -18.23
N ARG A 979 33.21 14.11 -18.26
CA ARG A 979 33.91 13.73 -17.04
C ARG A 979 34.71 14.89 -16.47
N ARG A 980 35.35 15.65 -17.35
CA ARG A 980 36.16 16.78 -16.91
C ARG A 980 35.30 17.94 -16.41
N GLY A 981 34.01 17.87 -16.70
CA GLY A 981 33.10 18.93 -16.31
C GLY A 981 33.18 20.08 -17.30
N GLU A 982 33.73 19.77 -18.48
CA GLU A 982 33.90 20.77 -19.52
C GLU A 982 32.74 20.73 -20.50
N PRO A 983 32.40 21.89 -21.09
CA PRO A 983 31.39 21.89 -22.14
C PRO A 983 31.90 21.14 -23.37
N VAL A 984 31.03 20.41 -24.04
CA VAL A 984 31.44 19.72 -25.26
C VAL A 984 31.69 20.77 -26.34
N PRO A 985 32.75 20.58 -27.14
CA PRO A 985 33.03 21.56 -28.19
C PRO A 985 32.20 21.33 -29.44
N GLY A 986 31.74 22.43 -30.04
CA GLY A 986 30.90 22.35 -31.22
C GLY A 986 29.89 23.48 -31.24
N SER A 987 29.05 23.49 -32.28
CA SER A 987 27.96 24.44 -32.36
C SER A 987 26.67 23.67 -32.55
N PHE A 988 25.61 24.07 -31.84
CA PHE A 988 24.37 23.33 -31.87
C PHE A 988 23.17 24.25 -32.16
N ALA A 989 22.18 23.69 -32.84
CA ALA A 989 21.06 24.48 -33.36
C ALA A 989 20.22 25.18 -32.29
N PHE A 990 20.36 24.73 -31.05
CA PHE A 990 19.52 25.25 -29.97
C PHE A 990 20.32 25.94 -28.89
N ASP A 991 21.54 26.36 -29.22
CA ASP A 991 22.40 27.03 -28.26
C ASP A 991 21.81 28.35 -27.78
N GLU A 992 21.43 29.22 -28.71
CA GLU A 992 20.96 30.56 -28.33
C GLU A 992 19.65 30.51 -27.56
N LYS A 993 18.74 29.64 -27.97
CA LYS A 993 17.44 29.55 -27.32
C LYS A 993 17.55 28.91 -25.94
N ALA A 994 18.39 27.88 -25.82
CA ALA A 994 18.64 27.26 -24.52
C ALA A 994 19.24 28.29 -23.56
N ARG A 995 20.23 29.03 -24.04
CA ARG A 995 20.89 30.06 -23.25
C ARG A 995 19.90 31.12 -22.77
N GLU A 996 19.02 31.54 -23.69
CA GLU A 996 18.09 32.63 -23.39
C GLU A 996 17.02 32.18 -22.40
N GLN A 997 16.62 30.91 -22.49
CA GLN A 997 15.56 30.40 -21.64
C GLN A 997 16.06 30.11 -20.23
N LEU A 998 17.33 29.73 -20.13
CA LEU A 998 17.93 29.43 -18.83
C LEU A 998 18.33 30.72 -18.10
N SER A 999 18.34 31.83 -18.82
CA SER A 999 18.66 33.12 -18.23
C SER A 999 17.40 33.96 -18.02
N TRP A 1000 16.28 33.46 -18.51
CA TRP A 1000 15.00 34.17 -18.43
C TRP A 1000 14.49 34.27 -16.99
N THR A 1001 13.89 35.41 -16.67
CA THR A 1001 13.16 35.56 -15.42
C THR A 1001 11.80 36.21 -15.72
N TYR A 1002 10.81 35.88 -14.90
CA TYR A 1002 9.47 36.43 -15.06
C TYR A 1002 9.45 37.93 -14.79
N PRO A 1003 9.02 38.72 -15.79
CA PRO A 1003 9.00 40.18 -15.73
C PRO A 1003 8.33 40.72 -14.47
N HIS A 1004 7.29 40.03 -14.01
CA HIS A 1004 6.51 40.49 -12.86
C HIS A 1004 6.71 39.59 -11.64
N GLN A 1005 7.95 39.12 -11.46
CA GLN A 1005 8.27 38.19 -10.37
C GLN A 1005 8.02 38.78 -8.99
N GLU A 1006 8.34 40.05 -8.83
CA GLU A 1006 8.32 40.70 -7.51
C GLU A 1006 6.93 40.77 -6.89
N VAL A 1007 5.89 40.78 -7.72
CA VAL A 1007 4.54 40.93 -7.21
C VAL A 1007 3.74 39.63 -7.16
N THR A 1008 4.42 38.50 -7.39
CA THR A 1008 3.72 37.21 -7.40
C THR A 1008 3.38 36.73 -5.99
N GLN A 1009 4.08 37.27 -5.00
CA GLN A 1009 3.86 36.86 -3.61
C GLN A 1009 3.11 37.93 -2.81
N ILE A 1010 2.91 39.09 -3.43
CA ILE A 1010 2.22 40.19 -2.75
C ILE A 1010 0.72 39.93 -2.63
N ARG A 1011 0.24 39.89 -1.39
CA ARG A 1011 -1.19 39.68 -1.15
C ARG A 1011 -2.02 40.83 -1.73
N THR A 1012 -2.99 40.46 -2.56
CA THR A 1012 -3.88 41.44 -3.16
C THR A 1012 -4.62 42.25 -2.11
N LYS A 1013 -5.45 41.57 -1.32
CA LYS A 1013 -6.29 42.23 -0.33
C LYS A 1013 -5.45 42.71 0.87
N GLN A 1014 -5.65 43.95 1.27
CA GLN A 1014 -4.93 44.49 2.41
C GLN A 1014 -5.88 45.12 3.42
N SER A 1015 -5.49 45.09 4.69
CA SER A 1015 -6.29 45.69 5.75
C SER A 1015 -5.68 47.03 6.17
N VAL A 1016 -6.49 47.90 6.76
CA VAL A 1016 -6.00 49.18 7.25
C VAL A 1016 -4.93 48.95 8.30
N SER A 1017 -5.15 47.94 9.13
CA SER A 1017 -4.18 47.54 10.14
C SER A 1017 -2.91 46.99 9.47
N GLU A 1018 -3.10 46.24 8.39
CA GLU A 1018 -1.99 45.58 7.70
C GLU A 1018 -1.00 46.55 7.07
N ILE A 1019 -1.51 47.68 6.57
CA ILE A 1019 -0.65 48.67 5.92
C ILE A 1019 0.20 49.43 6.94
N LEU A 1043 -0.90 36.35 20.07
CA LEU A 1043 -1.49 35.95 21.35
C LEU A 1043 -2.17 34.59 21.26
N TYR A 1044 -1.83 33.71 22.21
CA TYR A 1044 -2.39 32.37 22.25
C TYR A 1044 -3.36 32.26 23.43
N ARG A 1045 -4.63 32.55 23.16
CA ARG A 1045 -5.64 32.72 24.20
C ARG A 1045 -5.93 31.46 25.00
N ARG A 1046 -6.55 31.65 26.16
CA ARG A 1046 -7.04 30.57 26.99
C ARG A 1046 -8.49 30.28 26.63
N PRO A 1047 -8.94 29.03 26.85
CA PRO A 1047 -10.33 28.65 26.56
C PRO A 1047 -11.34 29.45 27.38
N ALA A 1048 -12.58 29.51 26.91
CA ALA A 1048 -13.63 30.23 27.61
C ALA A 1048 -13.85 29.70 29.02
N PHE A 1049 -13.93 28.38 29.14
CA PHE A 1049 -14.27 27.75 30.41
C PHE A 1049 -13.17 27.82 31.46
N MET A 1050 -12.03 28.43 31.09
CA MET A 1050 -10.90 28.55 32.01
C MET A 1050 -10.78 29.96 32.59
N MET A 1051 -11.51 30.90 31.99
CA MET A 1051 -11.39 32.31 32.38
C MET A 1051 -12.60 32.81 33.17
N LYS A 1052 -12.46 34.00 33.75
CA LYS A 1052 -13.55 34.64 34.49
C LYS A 1052 -14.69 35.00 33.54
N LYS A 1053 -15.82 35.44 34.10
CA LYS A 1053 -17.02 35.67 33.30
C LYS A 1053 -16.99 36.94 32.47
N GLY A 1054 -16.74 36.79 31.18
CA GLY A 1054 -16.86 37.85 30.18
C GLY A 1054 -16.27 39.20 30.53
N LEU A 1055 -16.85 40.24 29.92
CA LEU A 1055 -16.47 41.62 30.18
C LEU A 1055 -14.97 41.86 29.93
N THR A 1056 -14.59 41.86 28.66
CA THR A 1056 -13.22 42.23 28.28
C THR A 1056 -13.22 43.59 27.61
N ALA A 1057 -12.02 44.09 27.30
CA ALA A 1057 -11.88 45.41 26.70
C ALA A 1057 -12.57 45.48 25.34
N ALA A 1058 -12.30 44.49 24.49
CA ALA A 1058 -12.89 44.44 23.16
C ALA A 1058 -14.41 44.30 23.22
N GLU A 1059 -14.89 43.48 24.15
CA GLU A 1059 -16.33 43.30 24.36
C GLU A 1059 -17.03 44.61 24.65
N LYS A 1060 -16.56 45.31 25.67
CA LYS A 1060 -17.17 46.56 26.08
C LYS A 1060 -17.09 47.61 24.98
N GLY A 1061 -15.92 47.68 24.34
CA GLY A 1061 -15.68 48.63 23.27
C GLY A 1061 -16.65 48.46 22.13
N THR A 1062 -16.84 47.21 21.70
CA THR A 1062 -17.76 46.91 20.62
C THR A 1062 -19.20 47.11 21.07
N ALA A 1063 -19.44 46.89 22.37
CA ALA A 1063 -20.77 47.06 22.95
C ALA A 1063 -21.17 48.53 22.96
N MET A 1064 -20.19 49.42 23.08
CA MET A 1064 -20.42 50.85 23.02
C MET A 1064 -20.59 51.28 21.57
N HIS A 1065 -19.75 50.73 20.70
CA HIS A 1065 -19.78 51.04 19.28
C HIS A 1065 -21.14 50.71 18.67
N THR A 1066 -21.74 49.62 19.14
CA THR A 1066 -23.06 49.21 18.68
C THR A 1066 -24.10 50.26 19.05
N VAL A 1067 -23.96 50.86 20.23
CA VAL A 1067 -24.89 51.89 20.67
C VAL A 1067 -24.73 53.17 19.85
N MET A 1068 -23.49 53.52 19.55
CA MET A 1068 -23.21 54.74 18.79
C MET A 1068 -23.81 54.68 17.39
N GLN A 1069 -23.80 53.49 16.79
CA GLN A 1069 -24.31 53.34 15.43
C GLN A 1069 -25.81 53.10 15.41
N HIS A 1070 -26.42 52.99 16.58
CA HIS A 1070 -27.85 52.71 16.66
C HIS A 1070 -28.63 53.76 17.44
N ILE A 1071 -27.92 54.66 18.11
CA ILE A 1071 -28.58 55.73 18.84
C ILE A 1071 -29.13 56.76 17.85
N PRO A 1072 -30.40 57.17 18.02
CA PRO A 1072 -31.02 58.18 17.16
C PRO A 1072 -30.26 59.50 17.16
N LEU A 1073 -30.13 60.12 15.99
CA LEU A 1073 -29.36 61.35 15.85
C LEU A 1073 -30.23 62.57 15.60
N SER A 1074 -31.55 62.41 15.74
CA SER A 1074 -32.49 63.51 15.55
C SER A 1074 -32.20 64.65 16.51
N HIS A 1075 -31.98 64.31 17.77
CA HIS A 1075 -31.68 65.28 18.81
C HIS A 1075 -30.76 64.70 19.87
N VAL A 1076 -30.25 65.55 20.75
CA VAL A 1076 -29.40 65.10 21.85
C VAL A 1076 -30.24 64.35 22.87
N PRO A 1077 -29.86 63.10 23.16
CA PRO A 1077 -30.63 62.25 24.08
C PRO A 1077 -30.17 62.36 25.54
N SER A 1078 -31.08 62.10 26.46
CA SER A 1078 -30.76 62.08 27.88
C SER A 1078 -30.19 60.72 28.26
N ILE A 1079 -29.88 60.54 29.54
CA ILE A 1079 -29.40 59.27 30.04
C ILE A 1079 -30.51 58.23 29.90
N GLU A 1080 -31.74 58.65 30.14
CA GLU A 1080 -32.90 57.77 30.05
C GLU A 1080 -33.10 57.25 28.63
N GLU A 1081 -32.98 58.14 27.65
CA GLU A 1081 -33.19 57.78 26.25
C GLU A 1081 -32.08 56.85 25.76
N ALA A 1082 -30.87 57.09 26.23
CA ALA A 1082 -29.73 56.25 25.87
C ALA A 1082 -29.93 54.84 26.44
N GLU A 1083 -30.30 54.76 27.71
CA GLU A 1083 -30.60 53.48 28.36
C GLU A 1083 -31.74 52.76 27.65
N GLN A 1084 -32.69 53.53 27.14
CA GLN A 1084 -33.83 52.97 26.44
C GLN A 1084 -33.40 52.35 25.11
N THR A 1085 -32.55 53.07 24.37
CA THR A 1085 -32.00 52.55 23.12
C THR A 1085 -31.24 51.26 23.37
N VAL A 1086 -30.36 51.29 24.38
CA VAL A 1086 -29.59 50.11 24.79
C VAL A 1086 -30.52 48.94 25.09
N HIS A 1087 -31.61 49.21 25.80
CA HIS A 1087 -32.56 48.17 26.16
C HIS A 1087 -33.23 47.56 24.93
N ARG A 1088 -33.62 48.42 23.99
CA ARG A 1088 -34.17 47.97 22.73
C ARG A 1088 -33.20 47.08 21.97
N LEU A 1089 -31.92 47.46 22.01
CA LEU A 1089 -30.86 46.68 21.38
C LEU A 1089 -30.68 45.36 22.11
N TYR A 1090 -31.10 45.32 23.37
CA TYR A 1090 -31.02 44.10 24.18
C TYR A 1090 -32.20 43.18 23.88
N GLU A 1091 -33.32 43.76 23.46
CA GLU A 1091 -34.51 42.99 23.16
C GLU A 1091 -34.60 42.62 21.68
N LYS A 1092 -33.83 43.31 20.85
CA LYS A 1092 -33.69 42.94 19.46
C LYS A 1092 -32.61 41.89 19.29
N GLU A 1093 -31.94 41.56 20.39
CA GLU A 1093 -30.78 40.68 20.38
C GLU A 1093 -29.69 41.27 19.49
N LEU A 1094 -29.54 42.59 19.55
CA LEU A 1094 -28.44 43.30 18.92
C LEU A 1094 -27.33 43.50 19.94
N LEU A 1095 -27.65 43.16 21.18
CA LEU A 1095 -26.75 43.36 22.31
C LEU A 1095 -27.08 42.33 23.38
N THR A 1096 -26.10 41.47 23.70
CA THR A 1096 -26.30 40.44 24.69
C THR A 1096 -26.48 41.06 26.07
N GLU A 1097 -26.94 40.28 27.03
CA GLU A 1097 -27.16 40.76 28.39
C GLU A 1097 -25.85 41.28 29.01
N GLU A 1098 -24.79 40.48 28.90
CA GLU A 1098 -23.49 40.90 29.42
C GLU A 1098 -22.97 42.12 28.65
N GLN A 1099 -23.35 42.22 27.38
CA GLN A 1099 -23.00 43.37 26.56
C GLN A 1099 -23.75 44.60 27.04
N LYS A 1100 -25.02 44.41 27.37
CA LYS A 1100 -25.87 45.49 27.85
C LYS A 1100 -25.36 46.06 29.17
N ASP A 1101 -24.97 45.18 30.08
CA ASP A 1101 -24.56 45.59 31.41
C ASP A 1101 -23.17 46.19 31.43
N ALA A 1102 -22.43 46.01 30.33
CA ALA A 1102 -21.11 46.61 30.19
C ALA A 1102 -21.19 47.93 29.42
N ILE A 1103 -22.08 48.80 29.85
CA ILE A 1103 -22.29 50.08 29.18
C ILE A 1103 -22.18 51.26 30.14
N ASP A 1104 -21.32 52.22 29.79
CA ASP A 1104 -21.23 53.46 30.55
C ASP A 1104 -22.03 54.53 29.83
N ILE A 1105 -23.31 54.61 30.17
CA ILE A 1105 -24.26 55.51 29.53
C ILE A 1105 -23.82 56.96 29.57
N GLU A 1106 -23.23 57.36 30.69
CA GLU A 1106 -22.67 58.70 30.85
C GLU A 1106 -21.64 59.00 29.77
N GLU A 1107 -20.73 58.07 29.54
CA GLU A 1107 -19.65 58.25 28.57
C GLU A 1107 -20.15 58.53 27.15
N ILE A 1108 -21.20 57.82 26.73
CA ILE A 1108 -21.72 58.02 25.38
C ILE A 1108 -22.60 59.25 25.26
N VAL A 1109 -23.35 59.57 26.32
CA VAL A 1109 -24.22 60.75 26.31
C VAL A 1109 -23.37 62.02 26.22
N GLN A 1110 -22.19 61.98 26.86
CA GLN A 1110 -21.28 63.12 26.86
C GLN A 1110 -20.87 63.54 25.45
N PHE A 1111 -20.84 62.59 24.53
CA PHE A 1111 -20.46 62.85 23.14
C PHE A 1111 -21.40 63.84 22.46
N PHE A 1112 -22.67 63.80 22.85
CA PHE A 1112 -23.69 64.63 22.22
C PHE A 1112 -23.71 66.03 22.85
N HIS A 1113 -22.89 66.22 23.88
CA HIS A 1113 -22.71 67.54 24.48
C HIS A 1113 -21.46 68.20 23.92
N THR A 1114 -20.79 67.49 23.00
CA THR A 1114 -19.58 68.01 22.38
C THR A 1114 -19.93 68.85 21.16
N GLU A 1115 -18.95 69.58 20.64
CA GLU A 1115 -19.15 70.44 19.48
C GLU A 1115 -19.36 69.61 18.22
N ILE A 1116 -18.46 68.66 18.00
CA ILE A 1116 -18.55 67.75 16.86
C ILE A 1116 -19.87 66.97 16.89
N GLY A 1117 -20.29 66.60 18.10
CA GLY A 1117 -21.55 65.92 18.30
C GLY A 1117 -22.74 66.78 17.92
N GLY A 1118 -22.70 68.04 18.34
CA GLY A 1118 -23.75 69.00 18.00
C GLY A 1118 -23.84 69.18 16.49
N GLN A 1119 -22.68 69.35 15.87
CA GLN A 1119 -22.60 69.50 14.42
C GLN A 1119 -23.07 68.23 13.71
N LEU A 1120 -22.93 67.09 14.38
CA LEU A 1120 -23.44 65.83 13.85
C LEU A 1120 -24.96 65.86 13.83
N ILE A 1121 -25.56 66.21 14.96
CA ILE A 1121 -27.02 66.29 15.07
C ILE A 1121 -27.57 67.29 14.05
N GLY A 1122 -26.84 68.38 13.85
CA GLY A 1122 -27.23 69.39 12.88
C GLY A 1122 -26.43 69.30 11.60
N ALA A 1123 -26.81 68.37 10.74
CA ALA A 1123 -26.15 68.19 9.45
C ALA A 1123 -27.18 67.98 8.34
N LYS A 1124 -26.82 68.39 7.13
CA LYS A 1124 -27.67 68.17 5.95
C LYS A 1124 -27.97 66.69 5.79
N TRP A 1125 -26.92 65.88 5.86
CA TRP A 1125 -27.01 64.45 5.57
C TRP A 1125 -26.02 63.67 6.44
N LYS A 1126 -26.44 62.51 6.93
CA LYS A 1126 -25.63 61.71 7.84
C LYS A 1126 -25.66 60.23 7.47
N ASP A 1127 -24.59 59.52 7.82
CA ASP A 1127 -24.52 58.08 7.60
C ASP A 1127 -23.51 57.44 8.55
N ARG A 1128 -23.80 56.21 8.97
CA ARG A 1128 -22.94 55.49 9.90
C ARG A 1128 -22.67 54.06 9.43
N GLU A 1129 -21.59 53.49 9.94
CA GLU A 1129 -21.15 52.16 9.55
C GLU A 1129 -20.99 52.06 8.04
N ILE A 1130 -20.06 52.85 7.50
CA ILE A 1130 -19.85 52.91 6.06
C ILE A 1130 -18.76 51.95 5.60
N PRO A 1131 -19.15 50.91 4.85
CA PRO A 1131 -18.20 49.96 4.29
C PRO A 1131 -17.53 50.51 3.04
N PHE A 1132 -16.25 50.24 2.84
CA PHE A 1132 -15.58 50.73 1.64
C PHE A 1132 -14.43 49.84 1.17
N SER A 1133 -14.25 49.79 -0.14
CA SER A 1133 -13.10 49.15 -0.74
C SER A 1133 -12.38 50.18 -1.60
N LEU A 1134 -11.05 50.23 -1.49
CA LEU A 1134 -10.26 51.22 -2.22
C LEU A 1134 -9.09 50.56 -2.94
N ALA A 1135 -8.87 50.96 -4.20
CA ALA A 1135 -7.84 50.35 -5.03
C ALA A 1135 -6.58 51.22 -5.10
N LEU A 1136 -5.58 50.83 -4.33
CA LEU A 1136 -4.30 51.53 -4.32
C LEU A 1136 -3.25 50.78 -5.15
N PRO A 1137 -2.68 51.44 -6.17
CA PRO A 1137 -1.61 50.84 -6.97
C PRO A 1137 -0.47 50.32 -6.10
N ALA A 1138 0.03 49.14 -6.43
CA ALA A 1138 0.92 48.41 -5.54
C ALA A 1138 2.21 49.19 -5.17
N LYS A 1139 2.66 50.10 -6.04
CA LYS A 1139 3.91 50.84 -5.82
C LYS A 1139 3.84 51.70 -4.56
N GLU A 1140 2.64 52.22 -4.28
CA GLU A 1140 2.44 53.05 -3.11
C GLU A 1140 2.72 52.29 -1.81
N ILE A 1141 2.32 51.02 -1.75
CA ILE A 1141 2.55 50.24 -0.54
C ILE A 1141 3.91 49.52 -0.62
N TYR A 1142 4.28 49.11 -1.84
CA TYR A 1142 5.49 48.35 -2.10
C TYR A 1142 6.40 49.02 -3.12
N PRO A 1143 7.68 49.17 -2.75
CA PRO A 1143 8.56 49.54 -3.88
C PRO A 1143 8.62 48.39 -4.89
N ASP A 1144 8.91 48.71 -6.14
CA ASP A 1144 9.10 47.79 -7.28
C ASP A 1144 7.83 47.29 -7.94
N ALA A 1145 6.70 47.88 -7.61
CA ALA A 1145 5.51 47.40 -8.30
C ALA A 1145 5.46 48.05 -9.67
N HIS A 1146 4.46 47.71 -10.46
CA HIS A 1146 4.41 48.23 -11.80
C HIS A 1146 3.03 48.77 -12.16
N GLU A 1147 3.01 49.70 -13.11
CA GLU A 1147 1.77 50.34 -13.51
C GLU A 1147 0.79 49.31 -14.05
N ALA A 1148 1.34 48.31 -14.74
CA ALA A 1148 0.55 47.20 -15.26
C ALA A 1148 0.04 46.35 -14.13
N ASP A 1149 0.92 46.13 -13.15
CA ASP A 1149 0.58 45.26 -12.03
C ASP A 1149 -0.63 45.83 -11.31
N GLU A 1150 -1.51 44.90 -10.95
CA GLU A 1150 -2.80 45.16 -10.39
C GLU A 1150 -2.77 45.97 -9.09
N PRO A 1151 -3.79 46.81 -8.89
CA PRO A 1151 -3.75 47.53 -7.60
C PRO A 1151 -4.04 46.62 -6.42
N LEU A 1152 -3.59 46.99 -5.23
CA LEU A 1152 -4.00 46.26 -4.05
C LEU A 1152 -5.33 46.81 -3.56
N LEU A 1153 -6.14 45.94 -2.98
CA LEU A 1153 -7.45 46.32 -2.48
C LEU A 1153 -7.45 46.48 -0.95
N VAL A 1154 -7.64 47.71 -0.50
CA VAL A 1154 -7.70 48.01 0.92
C VAL A 1154 -9.16 48.17 1.37
N GLN A 1155 -9.54 47.49 2.45
CA GLN A 1155 -10.94 47.48 2.87
C GLN A 1155 -11.13 47.78 4.35
N GLY A 1156 -12.19 48.52 4.65
CA GLY A 1156 -12.51 48.93 6.01
C GLY A 1156 -13.93 49.45 6.16
N ILE A 1157 -14.25 49.87 7.39
CA ILE A 1157 -15.57 50.41 7.70
C ILE A 1157 -15.44 51.74 8.43
N ILE A 1158 -15.95 52.80 7.83
CA ILE A 1158 -15.98 54.12 8.45
C ILE A 1158 -17.14 54.24 9.43
N ASP A 1159 -16.85 54.73 10.63
CA ASP A 1159 -17.86 54.82 11.67
C ASP A 1159 -18.97 55.80 11.34
N CYS A 1160 -18.60 57.05 11.01
CA CYS A 1160 -19.61 58.05 10.67
C CYS A 1160 -19.13 59.11 9.68
N LEU A 1161 -20.06 59.61 8.88
CA LEU A 1161 -19.84 60.70 7.94
C LEU A 1161 -21.05 61.63 7.93
N TYR A 1162 -20.79 62.93 8.05
CA TYR A 1162 -21.87 63.91 8.02
C TYR A 1162 -21.51 65.14 7.19
N GLU A 1163 -22.53 65.76 6.60
CA GLU A 1163 -22.34 66.90 5.71
C GLU A 1163 -23.06 68.15 6.22
N THR A 1164 -22.31 69.24 6.35
CA THR A 1164 -22.88 70.53 6.73
C THR A 1164 -22.73 71.52 5.57
N GLU A 1165 -23.04 72.79 5.83
CA GLU A 1165 -22.92 73.81 4.81
C GLU A 1165 -21.47 74.20 4.56
N ASP A 1166 -20.56 73.69 5.40
CA ASP A 1166 -19.14 73.98 5.27
C ASP A 1166 -18.43 72.90 4.46
N GLY A 1167 -18.91 71.67 4.58
CA GLY A 1167 -18.31 70.55 3.86
C GLY A 1167 -18.64 69.20 4.46
N LEU A 1168 -17.82 68.21 4.12
CA LEU A 1168 -18.04 66.84 4.59
C LEU A 1168 -17.03 66.47 5.67
N TYR A 1169 -17.53 65.97 6.79
CA TYR A 1169 -16.66 65.64 7.93
C TYR A 1169 -16.72 64.15 8.26
N LEU A 1170 -15.61 63.62 8.76
CA LEU A 1170 -15.54 62.21 9.11
C LEU A 1170 -15.42 62.02 10.61
N LEU A 1171 -16.12 61.02 11.14
CA LEU A 1171 -16.14 60.76 12.57
C LEU A 1171 -15.83 59.30 12.87
N ALA A 1172 -15.01 59.07 13.89
CA ALA A 1172 -14.69 57.71 14.33
C ALA A 1172 -14.66 57.61 15.85
N TYR A 1173 -15.06 56.45 16.36
CA TYR A 1173 -15.09 56.23 17.81
C TYR A 1173 -13.99 55.27 18.24
N LYS A 1174 -13.34 55.58 19.35
CA LYS A 1174 -12.28 54.73 19.89
C LYS A 1174 -12.48 54.50 21.39
N SER A 1175 -12.35 53.25 21.82
CA SER A 1175 -12.44 52.93 23.24
C SER A 1175 -11.05 52.88 23.87
N ASP A 1176 -10.11 53.58 23.25
CA ASP A 1176 -8.73 53.61 23.72
C ASP A 1176 -8.59 54.07 25.16
N ARG A 1177 -7.70 53.42 25.90
CA ARG A 1177 -7.44 53.78 27.28
C ARG A 1177 -6.64 55.08 27.35
N ILE A 1178 -7.08 56.00 28.18
CA ILE A 1178 -6.42 57.30 28.29
C ILE A 1178 -6.19 57.72 29.74
N GLU A 1179 -7.27 57.85 30.49
CA GLU A 1179 -7.19 58.34 31.87
C GLU A 1179 -6.87 57.22 32.86
N ALA A 1189 -1.35 62.32 25.97
CA ALA A 1189 -1.71 61.11 25.22
C ALA A 1189 -2.20 61.47 23.81
N ALA A 1190 -2.46 62.75 23.58
CA ALA A 1190 -3.00 63.22 22.31
C ALA A 1190 -2.03 63.07 21.13
N PRO A 1191 -0.76 63.47 21.29
CA PRO A 1191 0.12 63.28 20.12
C PRO A 1191 0.36 61.81 19.80
N ILE A 1192 0.21 60.94 20.79
CA ILE A 1192 0.40 59.51 20.59
C ILE A 1192 -0.79 58.90 19.86
N LEU A 1193 -2.00 59.26 20.29
CA LEU A 1193 -3.20 58.75 19.64
C LEU A 1193 -3.31 59.29 18.23
N LYS A 1194 -2.78 60.50 18.02
CA LYS A 1194 -2.81 61.14 16.71
C LYS A 1194 -2.06 60.30 15.68
N LYS A 1195 -0.91 59.79 16.06
CA LYS A 1195 -0.08 59.00 15.15
C LYS A 1195 -0.52 57.54 15.14
N ARG A 1196 -1.19 57.11 16.21
CA ARG A 1196 -1.66 55.73 16.32
C ARG A 1196 -2.72 55.42 15.26
N TYR A 1197 -3.48 56.44 14.88
CA TYR A 1197 -4.58 56.26 13.94
C TYR A 1197 -4.45 57.17 12.71
N GLU A 1198 -3.28 57.79 12.57
CA GLU A 1198 -3.05 58.75 11.49
C GLU A 1198 -3.23 58.14 10.11
N THR A 1199 -2.50 57.06 9.84
CA THR A 1199 -2.54 56.40 8.54
C THR A 1199 -3.92 55.85 8.24
N GLN A 1200 -4.62 55.40 9.27
CA GLN A 1200 -5.98 54.91 9.13
C GLN A 1200 -6.90 56.02 8.65
N ILE A 1201 -6.81 57.17 9.30
CA ILE A 1201 -7.61 58.33 8.94
C ILE A 1201 -7.29 58.79 7.52
N GLN A 1202 -6.01 58.77 7.16
CA GLN A 1202 -5.59 59.11 5.81
C GLN A 1202 -6.19 58.15 4.78
N LEU A 1203 -6.28 56.88 5.16
CA LEU A 1203 -6.88 55.87 4.28
C LEU A 1203 -8.35 56.18 4.07
N TYR A 1204 -9.05 56.49 5.15
CA TYR A 1204 -10.47 56.82 5.10
C TYR A 1204 -10.71 58.06 4.25
N THR A 1205 -9.92 59.11 4.49
CA THR A 1205 -10.05 60.35 3.73
C THR A 1205 -9.80 60.16 2.24
N LYS A 1206 -8.72 59.42 1.93
CA LYS A 1206 -8.37 59.15 0.54
C LYS A 1206 -9.46 58.33 -0.13
N ALA A 1207 -10.07 57.43 0.65
CA ALA A 1207 -11.16 56.61 0.15
C ALA A 1207 -12.36 57.47 -0.25
N VAL A 1208 -12.74 58.39 0.64
CA VAL A 1208 -13.86 59.29 0.38
C VAL A 1208 -13.54 60.23 -0.78
N GLU A 1209 -12.33 60.78 -0.77
CA GLU A 1209 -11.93 61.72 -1.81
C GLU A 1209 -11.90 61.08 -3.19
N GLN A 1210 -11.41 59.85 -3.27
CA GLN A 1210 -11.23 59.21 -4.57
C GLN A 1210 -12.54 58.60 -5.10
N ILE A 1211 -13.27 57.92 -4.24
CA ILE A 1211 -14.48 57.22 -4.66
C ILE A 1211 -15.67 58.17 -4.78
N ALA A 1212 -15.86 59.05 -3.80
CA ALA A 1212 -17.00 59.96 -3.81
C ALA A 1212 -16.75 61.21 -4.63
N LYS A 1213 -15.50 61.39 -5.06
CA LYS A 1213 -15.09 62.55 -5.86
C LYS A 1213 -15.43 63.84 -5.14
N THR A 1214 -15.33 63.81 -3.82
CA THR A 1214 -15.66 64.93 -2.96
C THR A 1214 -14.49 65.22 -2.02
N LYS A 1215 -14.36 66.46 -1.57
CA LYS A 1215 -13.30 66.81 -0.64
C LYS A 1215 -13.74 66.52 0.80
N VAL A 1216 -12.78 66.32 1.68
CA VAL A 1216 -13.06 66.09 3.10
C VAL A 1216 -12.36 67.12 3.97
N LYS A 1217 -13.14 67.98 4.61
CA LYS A 1217 -12.58 69.01 5.49
C LYS A 1217 -12.76 68.63 6.96
N GLY A 1218 -11.67 68.27 7.61
CA GLY A 1218 -11.68 67.98 9.03
C GLY A 1218 -12.10 66.57 9.39
N CYS A 1219 -11.33 65.95 10.28
CA CYS A 1219 -11.63 64.61 10.77
C CYS A 1219 -11.64 64.62 12.29
N ALA A 1220 -12.43 63.74 12.89
CA ALA A 1220 -12.60 63.76 14.35
C ALA A 1220 -12.58 62.35 14.95
N LEU A 1221 -11.90 62.21 16.07
CA LEU A 1221 -11.86 60.95 16.79
C LEU A 1221 -12.33 61.12 18.23
N TYR A 1222 -13.40 60.44 18.59
CA TYR A 1222 -13.96 60.55 19.94
C TYR A 1222 -13.59 59.36 20.80
N PHE A 1223 -13.05 59.63 21.99
CA PHE A 1223 -12.66 58.58 22.93
C PHE A 1223 -13.62 58.57 24.12
N PHE A 1224 -14.18 57.40 24.41
CA PHE A 1224 -15.19 57.27 25.45
C PHE A 1224 -14.64 57.63 26.83
N ASP A 1225 -13.39 57.25 27.09
CA ASP A 1225 -12.72 57.59 28.34
C ASP A 1225 -12.47 59.09 28.43
N GLY A 1226 -13.29 59.79 29.21
CA GLY A 1226 -13.11 61.21 29.42
C GLY A 1226 -13.74 62.08 28.34
N GLY A 1227 -14.35 61.44 27.35
CA GLY A 1227 -15.05 62.14 26.29
C GLY A 1227 -14.18 63.05 25.44
N HIS A 1228 -12.92 62.67 25.27
CA HIS A 1228 -11.99 63.47 24.48
C HIS A 1228 -12.32 63.44 23.01
N ILE A 1229 -12.01 64.53 22.32
CA ILE A 1229 -12.16 64.62 20.87
C ILE A 1229 -10.94 65.32 20.26
N LEU A 1230 -10.20 64.59 19.43
CA LEU A 1230 -9.07 65.19 18.73
C LEU A 1230 -9.36 65.28 17.24
N THR A 1231 -8.95 66.38 16.63
CA THR A 1231 -9.22 66.64 15.22
C THR A 1231 -7.97 66.49 14.37
N LEU A 1232 -8.15 65.97 13.15
CA LEU A 1232 -7.05 65.78 12.21
C LEU A 1232 -7.36 66.47 10.89
N GLY B 2 -39.29 45.36 -8.51
CA GLY B 2 -39.35 44.77 -9.84
C GLY B 2 -38.18 43.85 -10.12
N ALA B 3 -38.31 43.00 -11.13
CA ALA B 3 -37.28 42.02 -11.46
C ALA B 3 -36.79 42.14 -12.89
N GLU B 4 -35.54 41.77 -13.11
CA GLU B 4 -34.95 41.77 -14.45
C GLU B 4 -34.17 40.47 -14.68
N PHE B 5 -34.65 39.65 -15.60
CA PHE B 5 -33.97 38.39 -15.88
C PHE B 5 -32.95 38.53 -16.98
N LEU B 6 -31.67 38.57 -16.59
CA LEU B 6 -30.56 38.63 -17.53
C LEU B 6 -30.07 37.22 -17.86
N VAL B 7 -30.29 36.79 -19.10
CA VAL B 7 -30.01 35.41 -19.50
C VAL B 7 -29.12 35.32 -20.73
N GLY B 8 -28.16 34.38 -20.71
CA GLY B 8 -27.27 34.16 -21.84
C GLY B 8 -26.42 32.92 -21.70
N ARG B 9 -25.78 32.51 -22.79
CA ARG B 9 -24.84 31.39 -22.76
C ARG B 9 -23.52 31.86 -22.18
N SER B 10 -22.62 30.92 -21.87
CA SER B 10 -21.34 31.28 -21.28
C SER B 10 -20.48 32.05 -22.28
N GLY B 11 -20.08 33.25 -21.90
CA GLY B 11 -19.28 34.10 -22.78
C GLY B 11 -20.11 35.22 -23.37
N SER B 12 -21.36 35.30 -22.94
CA SER B 12 -22.29 36.31 -23.44
C SER B 12 -21.92 37.72 -23.00
N GLY B 13 -21.54 37.86 -21.73
CA GLY B 13 -21.11 39.14 -21.19
C GLY B 13 -21.94 39.60 -20.02
N LYS B 14 -22.72 38.68 -19.45
CA LYS B 14 -23.61 38.98 -18.33
C LYS B 14 -22.90 39.64 -17.15
N THR B 15 -21.81 39.02 -16.71
CA THR B 15 -21.06 39.51 -15.56
C THR B 15 -20.50 40.92 -15.80
N LYS B 16 -19.78 41.10 -16.91
CA LYS B 16 -19.23 42.41 -17.26
C LYS B 16 -20.32 43.47 -17.35
N LEU B 17 -21.45 43.09 -17.93
CA LEU B 17 -22.60 43.98 -18.05
C LEU B 17 -23.02 44.47 -16.66
N ILE B 18 -23.15 43.54 -15.73
CA ILE B 18 -23.51 43.85 -14.35
C ILE B 18 -22.48 44.77 -13.71
N ILE B 19 -21.21 44.43 -13.88
CA ILE B 19 -20.13 45.25 -13.34
C ILE B 19 -20.21 46.68 -13.86
N ASN B 20 -20.37 46.82 -15.17
CA ASN B 20 -20.48 48.14 -15.79
C ASN B 20 -21.67 48.92 -15.28
N SER B 21 -22.78 48.24 -15.06
CA SER B 21 -23.99 48.87 -14.53
C SER B 21 -23.72 49.45 -13.15
N ILE B 22 -23.12 48.64 -12.29
CA ILE B 22 -22.81 49.03 -10.93
C ILE B 22 -21.79 50.18 -10.92
N GLN B 23 -20.85 50.14 -11.85
CA GLN B 23 -19.83 51.18 -11.93
C GLN B 23 -20.41 52.51 -12.38
N ASP B 24 -21.24 52.49 -13.43
CA ASP B 24 -21.96 53.69 -13.87
C ASP B 24 -22.78 54.26 -12.73
N GLU B 25 -23.49 53.39 -12.03
CA GLU B 25 -24.37 53.79 -10.95
C GLU B 25 -23.57 54.38 -9.79
N LEU B 26 -22.32 53.95 -9.67
CA LEU B 26 -21.43 54.47 -8.64
C LEU B 26 -20.92 55.86 -9.01
N ARG B 27 -20.75 56.10 -10.31
CA ARG B 27 -20.34 57.41 -10.80
C ARG B 27 -21.45 58.43 -10.63
N ARG B 28 -22.68 58.01 -10.92
CA ARG B 28 -23.82 58.91 -10.87
C ARG B 28 -24.19 59.36 -9.46
N ALA B 29 -24.16 58.43 -8.51
CA ALA B 29 -24.52 58.75 -7.14
C ALA B 29 -23.68 58.00 -6.13
N PRO B 30 -22.47 58.51 -5.84
CA PRO B 30 -21.51 57.94 -4.87
C PRO B 30 -22.13 57.62 -3.50
N PHE B 31 -23.13 58.39 -3.07
CA PHE B 31 -23.79 58.15 -1.80
C PHE B 31 -25.28 57.83 -1.98
N GLY B 32 -25.61 57.11 -3.04
CA GLY B 32 -27.00 56.78 -3.32
C GLY B 32 -27.51 55.64 -2.47
N LYS B 33 -28.69 55.15 -2.82
CA LYS B 33 -29.28 53.99 -2.14
C LYS B 33 -28.41 52.75 -2.35
N PRO B 34 -28.39 51.85 -1.36
CA PRO B 34 -27.47 50.69 -1.34
C PRO B 34 -27.48 49.86 -2.63
N ILE B 35 -26.31 49.35 -2.98
CA ILE B 35 -26.20 48.42 -4.10
C ILE B 35 -25.63 47.09 -3.62
N ILE B 36 -26.42 46.03 -3.77
CA ILE B 36 -26.04 44.72 -3.27
C ILE B 36 -25.70 43.75 -4.40
N PHE B 37 -24.43 43.36 -4.47
CA PHE B 37 -23.97 42.37 -5.44
C PHE B 37 -23.94 41.01 -4.76
N LEU B 38 -24.91 40.16 -5.12
CA LEU B 38 -25.03 38.84 -4.49
C LEU B 38 -24.38 37.77 -5.37
N VAL B 39 -23.33 37.14 -4.85
CA VAL B 39 -22.59 36.13 -5.59
C VAL B 39 -22.22 34.97 -4.68
N PRO B 40 -21.86 33.80 -5.26
CA PRO B 40 -21.36 32.72 -4.42
C PRO B 40 -20.09 33.12 -3.68
N ASP B 41 -19.77 32.42 -2.59
CA ASP B 41 -18.62 32.78 -1.75
C ASP B 41 -17.33 32.80 -2.56
N GLN B 42 -17.18 31.82 -3.44
CA GLN B 42 -15.98 31.68 -4.27
C GLN B 42 -15.82 32.82 -5.28
N MET B 43 -16.78 33.74 -5.30
CA MET B 43 -16.82 34.77 -6.32
C MET B 43 -16.74 36.17 -5.71
N THR B 44 -16.99 36.26 -4.40
CA THR B 44 -17.03 37.55 -3.71
C THR B 44 -15.80 38.43 -3.95
N PHE B 45 -14.64 37.95 -3.54
CA PHE B 45 -13.40 38.71 -3.69
C PHE B 45 -13.16 39.12 -5.13
N LEU B 46 -13.43 38.19 -6.06
CA LEU B 46 -13.29 38.45 -7.47
C LEU B 46 -14.03 39.72 -7.87
N MET B 47 -15.30 39.80 -7.48
CA MET B 47 -16.15 40.92 -7.86
C MET B 47 -15.75 42.21 -7.16
N GLU B 48 -15.29 42.08 -5.91
CA GLU B 48 -14.78 43.22 -5.17
C GLU B 48 -13.62 43.85 -5.93
N TYR B 49 -12.70 43.01 -6.38
CA TYR B 49 -11.55 43.47 -7.14
C TYR B 49 -11.96 44.18 -8.43
N GLU B 50 -12.82 43.51 -9.19
CA GLU B 50 -13.23 43.99 -10.50
C GLU B 50 -14.00 45.30 -10.41
N LEU B 51 -14.83 45.44 -9.37
CA LEU B 51 -15.56 46.68 -9.16
C LEU B 51 -14.62 47.81 -8.78
N ALA B 52 -13.51 47.45 -8.12
CA ALA B 52 -12.55 48.42 -7.63
C ALA B 52 -11.60 48.89 -8.73
N LYS B 53 -11.72 48.27 -9.91
CA LYS B 53 -10.82 48.60 -11.01
C LYS B 53 -11.48 49.53 -12.01
N THR B 54 -11.75 50.75 -11.57
CA THR B 54 -12.18 51.82 -12.45
C THR B 54 -11.13 52.93 -12.45
N PRO B 55 -10.76 53.41 -13.65
CA PRO B 55 -9.89 54.58 -13.72
C PRO B 55 -10.65 55.78 -13.14
N ASP B 56 -11.97 55.70 -13.31
CA ASP B 56 -12.92 56.69 -12.84
C ASP B 56 -12.87 56.90 -11.33
N MET B 57 -12.95 55.80 -10.58
CA MET B 57 -13.20 55.86 -9.15
C MET B 57 -12.20 55.08 -8.31
N GLY B 58 -11.83 53.90 -8.77
CA GLY B 58 -10.86 53.07 -8.08
C GLY B 58 -11.33 52.56 -6.73
N GLY B 59 -12.60 52.20 -6.64
CA GLY B 59 -13.16 51.70 -5.40
C GLY B 59 -14.67 51.84 -5.35
N MET B 60 -15.27 51.35 -4.27
CA MET B 60 -16.73 51.49 -4.09
C MET B 60 -17.07 51.92 -2.67
N ILE B 61 -18.27 52.49 -2.51
CA ILE B 61 -18.82 52.79 -1.20
C ILE B 61 -20.31 52.42 -1.18
N ARG B 62 -21.05 52.95 -2.16
CA ARG B 62 -22.47 52.67 -2.27
C ARG B 62 -22.72 51.19 -2.50
N ALA B 63 -21.82 50.54 -3.24
CA ALA B 63 -21.98 49.13 -3.59
C ALA B 63 -21.15 48.22 -2.71
N GLN B 64 -21.74 47.09 -2.32
CA GLN B 64 -21.04 46.07 -1.54
C GLN B 64 -21.24 44.71 -2.19
N VAL B 65 -20.26 43.82 -2.02
CA VAL B 65 -20.38 42.47 -2.53
C VAL B 65 -20.71 41.51 -1.38
N PHE B 66 -21.70 40.66 -1.60
CA PHE B 66 -22.19 39.78 -0.55
C PHE B 66 -22.36 38.32 -1.00
N SER B 67 -22.01 37.41 -0.10
CA SER B 67 -22.49 36.04 -0.20
C SER B 67 -23.75 35.96 0.66
N PHE B 68 -24.53 34.89 0.50
CA PHE B 68 -25.71 34.69 1.35
C PHE B 68 -25.34 34.81 2.82
N SER B 69 -24.20 34.23 3.18
CA SER B 69 -23.71 34.25 4.55
C SER B 69 -23.36 35.66 5.01
N ARG B 70 -22.60 36.39 4.20
CA ARG B 70 -22.23 37.77 4.50
C ARG B 70 -23.45 38.66 4.62
N LEU B 71 -24.35 38.55 3.65
CA LEU B 71 -25.59 39.31 3.64
C LEU B 71 -26.36 39.10 4.92
N ALA B 72 -26.49 37.83 5.31
CA ALA B 72 -27.15 37.46 6.56
C ALA B 72 -26.48 38.13 7.76
N TRP B 73 -25.15 38.10 7.78
CA TRP B 73 -24.38 38.66 8.87
C TRP B 73 -24.61 40.17 8.98
N ARG B 74 -24.62 40.86 7.85
CA ARG B 74 -24.89 42.29 7.83
C ARG B 74 -26.29 42.61 8.33
N VAL B 75 -27.30 42.09 7.65
CA VAL B 75 -28.70 42.37 7.98
C VAL B 75 -29.03 42.00 9.42
N LEU B 76 -28.45 40.90 9.91
CA LEU B 76 -28.68 40.50 11.29
C LEU B 76 -27.90 41.39 12.25
N GLN B 77 -26.80 41.99 11.79
CA GLN B 77 -26.05 42.89 12.66
C GLN B 77 -26.74 44.24 12.78
N HIS B 78 -27.75 44.47 11.94
CA HIS B 78 -28.52 45.70 12.04
C HIS B 78 -29.90 45.44 12.63
N THR B 79 -30.50 44.30 12.28
CA THR B 79 -31.86 44.03 12.72
C THR B 79 -31.93 43.16 13.98
N GLY B 80 -30.86 42.42 14.26
CA GLY B 80 -30.80 41.59 15.45
C GLY B 80 -30.86 40.10 15.19
N GLY B 81 -30.46 39.31 16.18
CA GLY B 81 -30.46 37.86 16.07
C GLY B 81 -29.06 37.32 15.86
N MET B 82 -28.09 38.21 15.78
CA MET B 82 -26.69 37.83 15.59
C MET B 82 -26.03 37.55 16.94
N SER B 83 -26.69 37.97 18.02
CA SER B 83 -26.11 37.89 19.35
C SER B 83 -26.01 36.47 19.90
N ARG B 84 -27.01 35.64 19.62
CA ARG B 84 -27.01 34.27 20.14
C ARG B 84 -25.87 33.45 19.54
N PRO B 85 -25.22 32.61 20.38
CA PRO B 85 -24.03 31.82 20.06
C PRO B 85 -24.10 31.04 18.75
N PHE B 86 -22.93 30.76 18.17
CA PHE B 86 -22.83 30.06 16.90
C PHE B 86 -22.27 28.65 17.07
N LEU B 87 -22.84 27.70 16.34
CA LEU B 87 -22.38 26.31 16.41
C LEU B 87 -21.73 25.86 15.11
N THR B 88 -20.56 25.24 15.22
CA THR B 88 -19.88 24.65 14.09
C THR B 88 -20.53 23.31 13.74
N SER B 89 -20.17 22.75 12.59
CA SER B 89 -20.65 21.43 12.22
C SER B 89 -20.20 20.39 13.23
N THR B 90 -18.98 20.54 13.74
CA THR B 90 -18.43 19.60 14.71
C THR B 90 -19.19 19.67 16.03
N GLY B 91 -19.55 20.88 16.43
CA GLY B 91 -20.35 21.10 17.62
C GLY B 91 -21.70 20.41 17.52
N VAL B 92 -22.33 20.50 16.35
CA VAL B 92 -23.60 19.85 16.10
C VAL B 92 -23.45 18.33 16.16
N GLN B 93 -22.36 17.83 15.60
CA GLN B 93 -22.06 16.40 15.63
C GLN B 93 -21.95 15.94 17.07
N MET B 94 -21.25 16.73 17.87
CA MET B 94 -21.09 16.44 19.29
C MET B 94 -22.44 16.34 19.98
N LEU B 95 -23.28 17.34 19.77
CA LEU B 95 -24.65 17.33 20.30
C LEU B 95 -25.42 16.09 19.85
N LEU B 96 -25.30 15.76 18.56
CA LEU B 96 -26.00 14.61 18.01
C LEU B 96 -25.58 13.31 18.68
N ARG B 97 -24.28 13.14 18.88
CA ARG B 97 -23.76 11.99 19.60
C ARG B 97 -24.39 11.91 20.99
N LYS B 98 -24.40 13.04 21.70
CA LYS B 98 -24.99 13.12 23.03
C LYS B 98 -26.45 12.67 23.02
N LEU B 99 -27.20 13.13 22.02
CA LEU B 99 -28.61 12.79 21.90
C LEU B 99 -28.79 11.32 21.58
N ILE B 100 -27.89 10.78 20.75
CA ILE B 100 -27.92 9.36 20.40
C ILE B 100 -27.83 8.49 21.66
N GLU B 101 -26.89 8.84 22.54
CA GLU B 101 -26.63 8.06 23.74
C GLU B 101 -27.84 7.93 24.66
N GLU B 102 -28.78 8.87 24.56
CA GLU B 102 -29.96 8.82 25.42
C GLU B 102 -31.26 8.59 24.67
N HIS B 103 -31.18 8.41 23.35
CA HIS B 103 -32.38 8.15 22.56
C HIS B 103 -32.20 6.97 21.62
N LYS B 104 -31.09 6.26 21.77
CA LYS B 104 -30.80 5.10 20.91
C LYS B 104 -31.78 3.95 21.12
N GLN B 105 -32.33 3.84 22.32
CA GLN B 105 -33.25 2.75 22.65
C GLN B 105 -34.62 2.97 22.03
N GLU B 106 -34.84 4.15 21.45
CA GLU B 106 -36.12 4.48 20.85
C GLU B 106 -36.10 4.31 19.34
N PHE B 107 -34.93 3.98 18.79
CA PHE B 107 -34.76 3.87 17.35
C PHE B 107 -35.41 2.61 16.79
N LYS B 108 -35.74 2.63 15.50
CA LYS B 108 -36.36 1.49 14.84
C LYS B 108 -35.41 0.78 13.88
N VAL B 109 -34.41 1.50 13.38
CA VAL B 109 -33.52 0.93 12.37
C VAL B 109 -32.04 1.23 12.66
N TYR B 110 -31.75 2.41 13.21
CA TYR B 110 -30.37 2.86 13.38
C TYR B 110 -29.82 2.57 14.75
N GLN B 111 -30.40 1.61 15.46
CA GLN B 111 -30.00 1.30 16.81
C GLN B 111 -28.57 0.75 16.83
N LYS B 112 -28.30 -0.22 15.97
CA LYS B 112 -26.97 -0.82 15.89
C LYS B 112 -25.94 0.16 15.36
N ALA B 113 -26.33 0.95 14.36
CA ALA B 113 -25.43 1.90 13.72
C ALA B 113 -25.11 3.08 14.62
N SER B 114 -25.95 3.31 15.62
CA SER B 114 -25.79 4.44 16.54
C SER B 114 -24.47 4.39 17.30
N ASP B 115 -23.86 3.21 17.32
CA ASP B 115 -22.58 2.99 17.99
C ASP B 115 -21.43 3.73 17.29
N LYS B 116 -21.48 3.79 15.97
CA LYS B 116 -20.37 4.26 15.15
C LYS B 116 -20.28 5.78 15.00
N SER B 117 -19.05 6.30 14.97
CA SER B 117 -18.83 7.74 14.88
C SER B 117 -19.09 8.28 13.48
N GLY B 118 -19.04 7.40 12.48
CA GLY B 118 -19.35 7.79 11.13
C GLY B 118 -20.83 8.04 10.96
N PHE B 119 -21.64 7.36 11.76
CA PHE B 119 -23.08 7.50 11.70
C PHE B 119 -23.54 8.91 12.12
N THR B 120 -22.85 9.48 13.10
CA THR B 120 -23.22 10.80 13.59
C THR B 120 -22.92 11.84 12.52
N ALA B 121 -21.88 11.59 11.72
CA ALA B 121 -21.53 12.48 10.63
C ALA B 121 -22.59 12.41 9.54
N GLN B 122 -23.05 11.20 9.27
CA GLN B 122 -24.09 10.99 8.26
C GLN B 122 -25.37 11.70 8.67
N VAL B 123 -25.75 11.55 9.93
CA VAL B 123 -26.96 12.21 10.44
C VAL B 123 -26.82 13.73 10.38
N GLU B 124 -25.62 14.23 10.69
CA GLU B 124 -25.35 15.67 10.62
C GLU B 124 -25.58 16.17 9.19
N ARG B 125 -24.99 15.46 8.22
CA ARG B 125 -25.16 15.78 6.81
C ARG B 125 -26.63 15.82 6.41
N MET B 126 -27.38 14.81 6.85
CA MET B 126 -28.80 14.70 6.52
C MET B 126 -29.61 15.85 7.08
N LEU B 127 -29.45 16.09 8.38
CA LEU B 127 -30.20 17.16 9.06
C LEU B 127 -29.87 18.51 8.46
N THR B 128 -28.61 18.72 8.12
CA THR B 128 -28.20 19.95 7.44
C THR B 128 -28.95 20.11 6.12
N GLU B 129 -29.08 19.00 5.38
CA GLU B 129 -29.79 19.03 4.11
C GLU B 129 -31.26 19.36 4.32
N PHE B 130 -31.84 18.82 5.39
CA PHE B 130 -33.24 19.11 5.72
C PHE B 130 -33.42 20.61 5.93
N LYS B 131 -32.54 21.21 6.73
CA LYS B 131 -32.64 22.63 7.03
C LYS B 131 -32.41 23.49 5.78
N ARG B 132 -31.56 23.01 4.88
CA ARG B 132 -31.30 23.74 3.64
C ARG B 132 -32.49 23.65 2.69
N TYR B 133 -33.32 22.63 2.85
CA TYR B 133 -34.49 22.47 2.01
C TYR B 133 -35.77 22.71 2.80
N CYS B 134 -35.64 23.47 3.87
CA CYS B 134 -36.76 23.97 4.67
C CYS B 134 -37.72 22.85 5.08
N LEU B 135 -37.22 21.92 5.88
CA LEU B 135 -38.03 20.83 6.41
C LEU B 135 -37.82 20.72 7.92
N GLU B 136 -38.73 21.33 8.67
CA GLU B 136 -38.71 21.27 10.12
C GLU B 136 -39.03 19.86 10.59
N PRO B 137 -38.62 19.52 11.83
CA PRO B 137 -38.84 18.18 12.39
C PRO B 137 -40.27 17.68 12.24
N GLU B 138 -41.24 18.59 12.25
CA GLU B 138 -42.64 18.24 12.04
C GLU B 138 -42.85 17.62 10.66
N ASP B 139 -42.26 18.24 9.64
CA ASP B 139 -42.40 17.75 8.27
C ASP B 139 -41.73 16.40 8.11
N ILE B 140 -40.67 16.16 8.87
CA ILE B 140 -39.99 14.87 8.84
C ILE B 140 -40.91 13.82 9.47
N ARG B 141 -41.59 14.21 10.55
CA ARG B 141 -42.55 13.32 11.22
C ARG B 141 -43.72 12.97 10.30
N ARG B 142 -44.18 13.96 9.54
CA ARG B 142 -45.27 13.76 8.59
C ARG B 142 -44.90 12.66 7.60
N MET B 143 -43.65 12.68 7.14
CA MET B 143 -43.15 11.68 6.21
C MET B 143 -42.91 10.35 6.92
N SER B 150 -48.79 6.11 -4.44
CA SER B 150 -47.73 5.52 -5.24
C SER B 150 -46.88 4.56 -4.41
N GLU B 151 -47.39 3.35 -4.20
CA GLU B 151 -46.76 2.37 -3.33
C GLU B 151 -45.32 2.08 -3.73
N TYR B 152 -44.44 2.01 -2.74
CA TYR B 152 -43.00 1.96 -2.94
C TYR B 152 -42.37 0.88 -2.08
N ARG B 153 -41.46 0.10 -2.67
CA ARG B 153 -40.90 -1.08 -2.01
C ARG B 153 -40.13 -0.75 -0.73
N GLY B 154 -39.42 0.36 -0.73
CA GLY B 154 -38.59 0.71 0.41
C GLY B 154 -39.26 1.60 1.45
N GLU B 155 -40.58 1.75 1.35
CA GLU B 155 -41.34 2.65 2.20
C GLU B 155 -41.20 2.32 3.68
N ARG B 156 -41.25 1.02 4.00
CA ARG B 156 -41.16 0.53 5.36
C ARG B 156 -39.86 0.99 6.02
N VAL B 157 -38.72 0.70 5.37
CA VAL B 157 -37.41 1.06 5.90
C VAL B 157 -37.23 2.58 5.96
N LEU B 158 -37.65 3.24 4.88
CA LEU B 158 -37.58 4.70 4.81
C LEU B 158 -38.30 5.33 6.00
N SER B 159 -39.50 4.85 6.30
CA SER B 159 -40.27 5.41 7.41
C SER B 159 -39.60 5.10 8.74
N GLU B 160 -38.91 3.96 8.81
CA GLU B 160 -38.11 3.64 10.00
C GLU B 160 -37.01 4.68 10.16
N LYS B 161 -36.23 4.88 9.10
CA LYS B 161 -35.18 5.88 9.08
C LYS B 161 -35.70 7.26 9.52
N LEU B 162 -36.62 7.80 8.72
CA LEU B 162 -37.22 9.10 8.96
C LEU B 162 -37.74 9.24 10.39
N HIS B 163 -38.19 8.13 10.95
CA HIS B 163 -38.66 8.08 12.33
C HIS B 163 -37.51 8.36 13.28
N ASP B 164 -36.43 7.61 13.14
CA ASP B 164 -35.22 7.79 13.96
C ASP B 164 -34.67 9.19 13.78
N LEU B 165 -34.55 9.62 12.54
CA LEU B 165 -34.05 10.97 12.23
C LEU B 165 -34.89 12.04 12.91
N SER B 166 -36.21 11.87 12.89
CA SER B 166 -37.11 12.84 13.51
C SER B 166 -36.89 12.92 15.01
N ILE B 167 -36.55 11.79 15.62
CA ILE B 167 -36.26 11.78 17.05
C ILE B 167 -35.03 12.65 17.31
N LEU B 168 -33.96 12.38 16.56
CA LEU B 168 -32.72 13.13 16.68
C LEU B 168 -32.88 14.60 16.33
N TYR B 169 -33.65 14.86 15.27
CA TYR B 169 -33.89 16.24 14.82
C TYR B 169 -34.64 17.05 15.87
N GLN B 170 -35.78 16.54 16.31
CA GLN B 170 -36.62 17.23 17.28
C GLN B 170 -35.87 17.45 18.59
N GLN B 171 -35.12 16.44 19.00
CA GLN B 171 -34.31 16.53 20.21
C GLN B 171 -33.24 17.59 20.07
N MET B 172 -32.67 17.72 18.87
CA MET B 172 -31.66 18.72 18.62
C MET B 172 -32.25 20.13 18.67
N GLU B 173 -33.39 20.31 18.02
CA GLU B 173 -34.07 21.59 17.99
C GLU B 173 -34.52 21.99 19.39
N LYS B 174 -34.88 21.00 20.19
CA LYS B 174 -35.29 21.21 21.57
C LYS B 174 -34.09 21.65 22.42
N SER B 175 -32.97 20.98 22.24
CA SER B 175 -31.75 21.28 22.99
C SER B 175 -31.18 22.64 22.62
N LEU B 176 -31.34 23.03 21.36
CA LEU B 176 -30.78 24.28 20.86
C LEU B 176 -31.71 25.48 21.08
N ALA B 177 -32.98 25.20 21.29
CA ALA B 177 -33.99 26.26 21.44
C ALA B 177 -33.66 27.21 22.57
N ASP B 178 -33.86 28.50 22.31
CA ASP B 178 -33.69 29.56 23.32
C ASP B 178 -32.25 29.67 23.84
N GLN B 179 -31.32 29.00 23.16
CA GLN B 179 -29.95 28.95 23.64
C GLN B 179 -28.92 29.13 22.52
N TYR B 180 -29.09 28.37 21.44
CA TYR B 180 -28.07 28.32 20.39
C TYR B 180 -28.60 28.55 18.99
N LEU B 181 -27.66 28.75 18.07
CA LEU B 181 -27.98 28.95 16.67
C LEU B 181 -27.27 27.90 15.81
N HIS B 182 -28.06 27.07 15.13
CA HIS B 182 -27.54 26.09 14.19
C HIS B 182 -26.86 26.83 13.03
N SER B 183 -25.87 26.18 12.42
CA SER B 183 -25.12 26.79 11.33
C SER B 183 -26.00 27.17 10.15
N GLU B 184 -27.02 26.37 9.90
CA GLU B 184 -27.90 26.59 8.75
C GLU B 184 -29.19 27.29 9.15
N ASP B 185 -29.11 28.21 10.11
CA ASP B 185 -30.28 28.97 10.52
C ASP B 185 -30.17 30.44 10.13
N TYR B 186 -28.95 30.88 9.82
CA TYR B 186 -28.71 32.27 9.43
C TYR B 186 -29.59 32.70 8.26
N LEU B 187 -29.70 31.85 7.26
CA LEU B 187 -30.42 32.18 6.04
C LEU B 187 -31.91 32.30 6.31
N THR B 188 -32.44 31.45 7.19
CA THR B 188 -33.84 31.52 7.55
C THR B 188 -34.13 32.77 8.38
N LEU B 189 -33.22 33.06 9.31
CA LEU B 189 -33.32 34.25 10.15
C LEU B 189 -33.22 35.50 9.30
N LEU B 190 -32.39 35.43 8.26
CA LEU B 190 -32.24 36.53 7.31
C LEU B 190 -33.52 36.76 6.53
N ALA B 191 -34.18 35.66 6.15
CA ALA B 191 -35.41 35.75 5.38
C ALA B 191 -36.51 36.47 6.15
N GLU B 192 -36.47 36.38 7.47
CA GLU B 192 -37.54 36.95 8.28
C GLU B 192 -37.15 38.28 8.92
N HIS B 193 -36.00 38.81 8.55
CA HIS B 193 -35.60 40.14 9.03
C HIS B 193 -35.41 41.12 7.88
N ILE B 194 -35.39 40.60 6.66
CA ILE B 194 -35.31 41.43 5.46
C ILE B 194 -36.49 42.42 5.35
N PRO B 195 -37.73 41.99 5.65
CA PRO B 195 -38.81 42.98 5.63
C PRO B 195 -38.58 44.16 6.57
N LEU B 196 -37.96 43.91 7.71
CA LEU B 196 -37.76 44.92 8.74
C LEU B 196 -36.48 45.75 8.51
N ALA B 197 -35.72 45.39 7.49
CA ALA B 197 -34.44 46.03 7.23
C ALA B 197 -34.56 47.21 6.27
N GLU B 198 -34.10 48.38 6.72
CA GLU B 198 -34.21 49.61 5.96
C GLU B 198 -33.27 49.67 4.75
N ASP B 199 -32.07 49.12 4.90
CA ASP B 199 -31.07 49.16 3.85
C ASP B 199 -31.55 48.44 2.58
N ILE B 200 -32.28 47.34 2.78
CA ILE B 200 -32.84 46.59 1.66
C ILE B 200 -33.87 47.43 0.89
N LYS B 201 -34.63 48.25 1.63
CA LYS B 201 -35.85 48.87 1.11
C LYS B 201 -35.68 49.70 -0.15
N GLY B 202 -34.53 50.36 -0.30
CA GLY B 202 -34.28 51.17 -1.48
C GLY B 202 -33.21 50.56 -2.36
N ALA B 203 -32.72 49.39 -1.97
CA ALA B 203 -31.52 48.80 -2.57
C ALA B 203 -31.75 48.22 -3.96
N HIS B 204 -30.69 48.23 -4.77
CA HIS B 204 -30.65 47.53 -6.04
C HIS B 204 -29.80 46.27 -5.88
N ILE B 205 -30.31 45.13 -6.34
CA ILE B 205 -29.66 43.85 -6.08
C ILE B 205 -29.36 43.06 -7.35
N TYR B 206 -28.11 42.65 -7.50
CA TYR B 206 -27.69 41.80 -8.62
C TYR B 206 -27.27 40.43 -8.09
N VAL B 207 -27.78 39.37 -8.69
CA VAL B 207 -27.39 38.02 -8.30
C VAL B 207 -26.86 37.28 -9.53
N ASP B 208 -25.64 36.76 -9.40
CA ASP B 208 -24.92 36.19 -10.54
C ASP B 208 -23.89 35.16 -10.07
N GLY B 209 -23.66 34.13 -10.89
CA GLY B 209 -22.72 33.08 -10.54
C GLY B 209 -23.42 31.82 -10.08
N PHE B 210 -24.63 31.97 -9.57
CA PHE B 210 -25.41 30.85 -9.08
C PHE B 210 -25.99 30.04 -10.23
N TYR B 211 -25.96 28.72 -10.10
CA TYR B 211 -26.56 27.83 -11.08
C TYR B 211 -27.93 27.39 -10.59
N GLN B 212 -28.09 27.42 -9.26
CA GLN B 212 -29.31 26.97 -8.61
C GLN B 212 -29.36 27.51 -7.18
N PHE B 213 -30.51 27.36 -6.54
CA PHE B 213 -30.66 27.81 -5.16
C PHE B 213 -31.35 26.76 -4.29
N THR B 214 -30.90 26.67 -3.05
CA THR B 214 -31.61 25.87 -2.05
C THR B 214 -32.88 26.63 -1.67
N PRO B 215 -33.96 25.89 -1.34
CA PRO B 215 -35.23 26.50 -0.93
C PRO B 215 -35.03 27.58 0.11
N GLN B 216 -34.09 27.33 1.02
CA GLN B 216 -33.72 28.27 2.05
C GLN B 216 -33.21 29.58 1.46
N GLU B 217 -32.46 29.46 0.36
CA GLU B 217 -31.93 30.63 -0.33
C GLU B 217 -33.02 31.30 -1.15
N PHE B 218 -33.97 30.50 -1.65
CA PHE B 218 -35.10 31.03 -2.41
C PHE B 218 -35.98 31.93 -1.55
N ARG B 219 -36.17 31.52 -0.29
CA ARG B 219 -36.94 32.29 0.67
C ARG B 219 -36.36 33.70 0.79
N VAL B 220 -35.05 33.76 0.91
CA VAL B 220 -34.34 35.03 0.97
C VAL B 220 -34.50 35.82 -0.33
N LEU B 221 -34.40 35.11 -1.45
CA LEU B 221 -34.50 35.73 -2.77
C LEU B 221 -35.85 36.39 -3.01
N GLU B 222 -36.92 35.72 -2.60
CA GLU B 222 -38.26 36.27 -2.82
C GLU B 222 -38.55 37.40 -1.84
N GLN B 223 -37.93 37.33 -0.65
CA GLN B 223 -38.07 38.42 0.31
C GLN B 223 -37.40 39.67 -0.26
N LEU B 224 -36.27 39.45 -0.93
CA LEU B 224 -35.60 40.53 -1.64
C LEU B 224 -36.40 40.98 -2.85
N MET B 225 -37.16 40.06 -3.44
CA MET B 225 -38.07 40.40 -4.53
C MET B 225 -39.14 41.37 -4.03
N VAL B 226 -39.54 41.23 -2.78
CA VAL B 226 -40.62 42.04 -2.21
C VAL B 226 -40.14 43.41 -1.73
N HIS B 227 -39.15 43.42 -0.85
CA HIS B 227 -38.80 44.64 -0.13
C HIS B 227 -37.69 45.48 -0.75
N ALA B 228 -36.98 44.94 -1.73
CA ALA B 228 -35.98 45.73 -2.45
C ALA B 228 -36.62 46.45 -3.62
N GLU B 229 -35.99 47.54 -4.07
CA GLU B 229 -36.52 48.31 -5.19
C GLU B 229 -36.52 47.47 -6.47
N HIS B 230 -35.34 47.06 -6.91
CA HIS B 230 -35.21 46.23 -8.10
C HIS B 230 -34.23 45.10 -7.84
N ILE B 231 -34.36 44.01 -8.58
CA ILE B 231 -33.40 42.91 -8.47
C ILE B 231 -33.21 42.21 -9.83
N THR B 232 -31.95 42.02 -10.19
CA THR B 232 -31.59 41.39 -11.46
C THR B 232 -31.03 39.98 -11.24
N PHE B 233 -31.60 39.01 -11.95
CA PHE B 233 -31.14 37.63 -11.85
C PHE B 233 -30.37 37.23 -13.10
N SER B 234 -29.07 36.98 -12.93
CA SER B 234 -28.21 36.65 -14.06
C SER B 234 -28.01 35.13 -14.17
N LEU B 235 -28.53 34.54 -15.24
CA LEU B 235 -28.45 33.09 -15.40
C LEU B 235 -27.76 32.70 -16.69
N THR B 236 -26.94 31.65 -16.61
CA THR B 236 -26.27 31.10 -17.79
C THR B 236 -27.14 30.01 -18.41
N ALA B 237 -27.87 30.37 -19.47
CA ALA B 237 -28.75 29.45 -20.15
C ALA B 237 -29.06 29.98 -21.55
N ASP B 238 -29.80 29.21 -22.34
CA ASP B 238 -30.13 29.64 -23.69
C ASP B 238 -31.64 29.69 -23.90
N LYS B 239 -32.19 30.89 -23.81
CA LYS B 239 -33.62 31.14 -24.06
C LYS B 239 -34.53 30.21 -23.27
N PRO B 240 -34.42 30.24 -21.93
CA PRO B 240 -35.14 29.28 -21.08
C PRO B 240 -36.65 29.53 -21.09
N SER B 241 -37.41 28.47 -20.81
CA SER B 241 -38.87 28.58 -20.82
C SER B 241 -39.41 28.81 -19.41
N TYR B 242 -40.36 29.74 -19.31
CA TYR B 242 -41.10 29.94 -18.08
C TYR B 242 -42.29 28.99 -18.04
N GLU B 243 -42.61 28.44 -19.21
CA GLU B 243 -43.76 27.56 -19.37
C GLU B 243 -43.56 26.20 -18.70
N ARG B 244 -42.33 25.72 -18.69
CA ARG B 244 -42.04 24.35 -18.26
C ARG B 244 -40.57 24.18 -17.86
N GLU B 245 -40.29 23.21 -16.98
CA GLU B 245 -38.92 22.84 -16.64
C GLU B 245 -38.21 22.18 -17.82
N PRO B 246 -36.87 22.26 -17.85
CA PRO B 246 -36.10 21.67 -18.96
C PRO B 246 -36.11 20.15 -18.95
N HIS B 247 -35.91 19.56 -20.12
CA HIS B 247 -35.81 18.10 -20.25
C HIS B 247 -34.59 17.59 -19.50
N GLU B 248 -34.64 16.32 -19.09
CA GLU B 248 -33.53 15.68 -18.36
C GLU B 248 -32.20 15.83 -19.10
N LEU B 249 -32.23 15.63 -20.41
CA LEU B 249 -31.02 15.54 -21.21
C LEU B 249 -30.56 16.91 -21.71
N GLU B 250 -31.35 17.93 -21.41
CA GLU B 250 -31.03 19.30 -21.83
C GLU B 250 -29.74 19.80 -21.19
N LEU B 251 -28.98 20.61 -21.93
CA LEU B 251 -27.74 21.17 -21.42
C LEU B 251 -27.99 22.05 -20.21
N PHE B 252 -28.79 23.10 -20.40
CA PHE B 252 -29.06 24.06 -19.32
C PHE B 252 -30.25 23.63 -18.47
N ARG B 253 -30.18 22.41 -17.96
CA ARG B 253 -31.21 21.85 -17.10
C ARG B 253 -31.31 22.61 -15.79
N MET B 254 -30.19 22.71 -15.08
CA MET B 254 -30.14 23.33 -13.76
C MET B 254 -30.55 24.80 -13.79
N THR B 255 -29.86 25.60 -14.58
CA THR B 255 -30.13 27.03 -14.66
C THR B 255 -31.49 27.29 -15.29
N GLY B 256 -31.93 26.37 -16.14
CA GLY B 256 -33.25 26.44 -16.72
C GLY B 256 -34.31 26.35 -15.65
N LYS B 257 -34.20 25.31 -14.82
CA LYS B 257 -35.14 25.11 -13.71
C LYS B 257 -35.13 26.30 -12.75
N THR B 258 -33.94 26.84 -12.52
CA THR B 258 -33.79 28.01 -11.67
C THR B 258 -34.58 29.19 -12.26
N TYR B 259 -34.48 29.34 -13.57
CA TYR B 259 -35.20 30.40 -14.28
C TYR B 259 -36.71 30.23 -14.14
N TYR B 260 -37.18 29.01 -14.41
CA TYR B 260 -38.59 28.68 -14.31
C TYR B 260 -39.17 29.01 -12.94
N ARG B 261 -38.50 28.54 -11.89
CA ARG B 261 -38.96 28.77 -10.53
C ARG B 261 -38.90 30.24 -10.14
N LEU B 262 -37.78 30.89 -10.40
CA LEU B 262 -37.63 32.31 -10.10
C LEU B 262 -38.70 33.14 -10.79
N HIS B 263 -38.93 32.86 -12.07
CA HIS B 263 -39.90 33.61 -12.85
C HIS B 263 -41.32 33.41 -12.35
N GLN B 264 -41.65 32.17 -11.98
CA GLN B 264 -43.01 31.87 -11.53
C GLN B 264 -43.27 32.48 -10.15
N LYS B 265 -42.22 32.74 -9.39
CA LYS B 265 -42.35 33.39 -8.10
C LYS B 265 -42.37 34.91 -8.26
N ALA B 266 -41.73 35.40 -9.31
CA ALA B 266 -41.83 36.82 -9.62
C ALA B 266 -43.25 37.13 -10.10
N LYS B 267 -43.81 36.21 -10.88
CA LYS B 267 -45.18 36.32 -11.36
C LYS B 267 -46.18 36.16 -10.23
N GLU B 268 -45.86 35.26 -9.30
CA GLU B 268 -46.73 34.98 -8.16
C GLU B 268 -46.89 36.21 -7.27
N LEU B 269 -45.92 37.12 -7.34
CA LEU B 269 -45.95 38.32 -6.50
C LEU B 269 -46.21 39.60 -7.30
N ASN B 270 -46.65 39.43 -8.54
CA ASN B 270 -47.04 40.53 -9.40
C ASN B 270 -45.96 41.61 -9.58
N LEU B 271 -44.73 41.17 -9.85
CA LEU B 271 -43.62 42.09 -10.07
C LEU B 271 -43.53 42.50 -11.53
N ASP B 272 -43.00 43.70 -11.77
CA ASP B 272 -42.73 44.14 -13.13
C ASP B 272 -41.44 43.52 -13.62
N ILE B 273 -41.55 42.67 -14.64
CA ILE B 273 -40.42 41.88 -15.10
C ILE B 273 -39.82 42.40 -16.40
N THR B 274 -38.50 42.30 -16.52
CA THR B 274 -37.78 42.74 -17.71
C THR B 274 -36.88 41.62 -18.24
N TYR B 275 -36.98 41.34 -19.54
CA TYR B 275 -36.21 40.26 -20.16
C TYR B 275 -35.06 40.77 -21.00
N LYS B 276 -33.86 40.30 -20.70
CA LYS B 276 -32.70 40.62 -21.52
C LYS B 276 -31.96 39.35 -21.93
N GLU B 277 -31.86 39.14 -23.23
CA GLU B 277 -31.23 37.95 -23.80
C GLU B 277 -29.93 38.30 -24.51
N LEU B 278 -28.83 37.75 -24.04
CA LEU B 278 -27.53 37.98 -24.67
C LEU B 278 -27.25 36.91 -25.72
N SER B 279 -27.05 37.34 -26.96
CA SER B 279 -26.97 36.44 -28.10
C SER B 279 -25.54 36.15 -28.55
N GLY B 280 -24.91 37.16 -29.15
CA GLY B 280 -23.56 37.00 -29.66
C GLY B 280 -22.54 36.78 -28.57
N THR B 281 -21.42 36.15 -28.94
CA THR B 281 -20.34 35.91 -27.99
C THR B 281 -19.47 37.15 -27.83
N GLU B 282 -18.91 37.31 -26.63
CA GLU B 282 -17.98 38.40 -26.37
C GLU B 282 -16.62 37.84 -25.96
N ARG B 283 -16.64 36.69 -25.28
CA ARG B 283 -15.42 36.06 -24.79
C ARG B 283 -14.62 35.46 -25.94
N HIS B 284 -15.29 34.69 -26.80
CA HIS B 284 -14.61 33.98 -27.89
C HIS B 284 -14.77 34.71 -29.22
N THR B 285 -14.81 36.04 -29.17
CA THR B 285 -14.93 36.85 -30.37
C THR B 285 -13.74 36.65 -31.30
N LYS B 286 -12.56 36.54 -30.71
CA LYS B 286 -11.32 36.44 -31.47
C LYS B 286 -10.80 35.01 -31.60
N THR B 287 -11.52 34.05 -31.02
CA THR B 287 -11.05 32.67 -31.02
C THR B 287 -12.09 31.69 -31.56
N PRO B 288 -12.08 31.47 -32.89
CA PRO B 288 -13.03 30.64 -33.64
C PRO B 288 -13.23 29.24 -33.06
N GLU B 289 -12.15 28.61 -32.62
CA GLU B 289 -12.21 27.25 -32.11
C GLU B 289 -13.06 27.17 -30.83
N LEU B 290 -12.88 28.13 -29.94
CA LEU B 290 -13.57 28.13 -28.66
C LEU B 290 -15.04 28.51 -28.80
N ALA B 291 -15.34 29.35 -29.78
CA ALA B 291 -16.72 29.71 -30.07
C ALA B 291 -17.45 28.53 -30.70
N HIS B 292 -16.73 27.80 -31.55
CA HIS B 292 -17.27 26.60 -32.16
C HIS B 292 -17.57 25.55 -31.10
N LEU B 293 -16.64 25.40 -30.16
CA LEU B 293 -16.82 24.45 -29.06
C LEU B 293 -17.98 24.83 -28.16
N GLU B 294 -18.09 26.12 -27.86
CA GLU B 294 -19.15 26.62 -26.98
C GLU B 294 -20.52 26.46 -27.61
N ALA B 295 -20.61 26.68 -28.92
CA ALA B 295 -21.89 26.63 -29.63
C ALA B 295 -22.29 25.21 -29.97
N GLN B 296 -21.34 24.42 -30.47
CA GLN B 296 -21.63 23.08 -30.98
C GLN B 296 -21.49 22.00 -29.92
N TYR B 297 -21.41 22.38 -28.65
CA TYR B 297 -21.21 21.43 -27.56
C TYR B 297 -22.33 20.40 -27.46
N GLU B 298 -23.56 20.91 -27.36
CA GLU B 298 -24.74 20.07 -27.19
C GLU B 298 -25.20 19.43 -28.50
N ALA B 299 -24.88 20.08 -29.61
CA ALA B 299 -25.43 19.74 -30.93
C ALA B 299 -25.25 18.28 -31.34
N ARG B 300 -26.35 17.66 -31.76
CA ARG B 300 -26.33 16.31 -32.31
C ARG B 300 -27.15 16.24 -33.59
N PRO B 301 -26.53 15.83 -34.70
CA PRO B 301 -25.10 15.49 -34.78
C PRO B 301 -24.23 16.76 -34.85
N ALA B 302 -23.01 16.67 -34.33
CA ALA B 302 -22.15 17.84 -34.25
C ALA B 302 -21.49 18.14 -35.59
N ILE B 303 -21.48 19.41 -35.97
CA ILE B 303 -20.80 19.79 -37.21
C ILE B 303 -19.32 19.94 -36.89
N PRO B 304 -18.47 19.27 -37.69
CA PRO B 304 -17.02 19.33 -37.45
C PRO B 304 -16.45 20.71 -37.74
N TYR B 305 -15.42 21.07 -36.97
CA TYR B 305 -14.67 22.29 -37.21
C TYR B 305 -13.78 22.09 -38.44
N ALA B 306 -13.85 23.03 -39.39
CA ALA B 306 -13.19 22.85 -40.67
C ALA B 306 -11.90 23.67 -40.81
N GLU B 307 -11.64 24.54 -39.83
CA GLU B 307 -10.46 25.41 -39.91
C GLU B 307 -9.25 24.81 -39.20
N LYS B 308 -8.31 25.71 -38.84
CA LYS B 308 -7.00 25.32 -38.33
C LYS B 308 -6.96 25.18 -36.81
N GLN B 309 -6.02 24.37 -36.31
CA GLN B 309 -5.80 24.19 -34.88
C GLN B 309 -4.76 25.15 -34.31
N GLU B 310 -5.12 25.86 -33.24
CA GLU B 310 -4.17 26.76 -32.59
C GLU B 310 -4.45 26.91 -31.09
N ALA B 311 -5.71 27.16 -30.75
CA ALA B 311 -6.05 27.53 -29.38
C ALA B 311 -6.73 26.39 -28.62
N LEU B 312 -6.88 25.24 -29.26
CA LEU B 312 -7.49 24.09 -28.62
C LEU B 312 -6.58 22.88 -28.72
N THR B 313 -6.20 22.34 -27.57
CA THR B 313 -5.34 21.17 -27.55
C THR B 313 -5.82 20.10 -26.59
N VAL B 314 -5.99 18.89 -27.11
CA VAL B 314 -6.23 17.72 -26.28
C VAL B 314 -4.89 17.03 -26.03
N MET B 315 -4.59 16.77 -24.76
CA MET B 315 -3.28 16.24 -24.43
C MET B 315 -3.38 14.91 -23.71
N GLN B 316 -2.52 13.98 -24.06
CA GLN B 316 -2.46 12.68 -23.40
C GLN B 316 -1.18 12.54 -22.61
N ALA B 317 -1.30 12.29 -21.30
CA ALA B 317 -0.14 12.16 -20.44
C ALA B 317 0.08 10.71 -20.03
N ALA B 318 1.33 10.36 -19.74
CA ALA B 318 1.67 9.01 -19.32
C ALA B 318 1.15 8.73 -17.91
N ASN B 319 1.03 9.80 -17.13
CA ASN B 319 0.51 9.76 -15.76
C ASN B 319 0.29 11.18 -15.24
N ARG B 320 -0.24 11.32 -14.03
CA ARG B 320 -0.59 12.64 -13.51
C ARG B 320 0.66 13.48 -13.29
N ARG B 321 1.76 12.81 -13.01
CA ARG B 321 3.05 13.47 -12.87
C ARG B 321 3.43 14.10 -14.21
N ALA B 322 3.36 13.30 -15.27
CA ALA B 322 3.64 13.78 -16.62
C ALA B 322 2.66 14.87 -17.05
N GLU B 323 1.40 14.71 -16.64
CA GLU B 323 0.36 15.68 -16.96
C GLU B 323 0.69 17.04 -16.37
N LEU B 324 1.03 17.05 -15.09
CA LEU B 324 1.33 18.31 -14.41
C LEU B 324 2.60 18.98 -14.92
N GLU B 325 3.62 18.17 -15.21
CA GLU B 325 4.88 18.70 -15.69
C GLU B 325 4.71 19.23 -17.11
N GLY B 326 3.95 18.51 -17.93
CA GLY B 326 3.64 18.96 -19.27
C GLY B 326 2.93 20.31 -19.27
N ILE B 327 1.94 20.44 -18.41
CA ILE B 327 1.20 21.69 -18.25
C ILE B 327 2.11 22.80 -17.74
N ALA B 328 3.02 22.44 -16.85
CA ALA B 328 3.99 23.40 -16.33
C ALA B 328 4.85 23.97 -17.44
N ARG B 329 5.35 23.09 -18.31
CA ARG B 329 6.13 23.51 -19.47
C ARG B 329 5.32 24.45 -20.37
N GLU B 330 4.08 24.06 -20.64
CA GLU B 330 3.22 24.84 -21.51
C GLU B 330 2.97 26.22 -20.95
N ILE B 331 2.72 26.28 -19.64
CA ILE B 331 2.48 27.56 -18.97
C ILE B 331 3.72 28.44 -19.08
N HIS B 332 4.89 27.84 -18.93
CA HIS B 332 6.15 28.55 -19.11
C HIS B 332 6.23 29.13 -20.52
N ALA B 333 5.94 28.30 -21.51
CA ALA B 333 5.89 28.74 -22.91
C ALA B 333 4.96 29.94 -23.07
N LEU B 334 3.78 29.86 -22.47
CA LEU B 334 2.77 30.91 -22.59
C LEU B 334 3.22 32.24 -21.98
N VAL B 335 3.97 32.19 -20.87
CA VAL B 335 4.40 33.42 -20.21
C VAL B 335 5.75 33.89 -20.72
N ARG B 336 6.42 33.04 -21.49
CA ARG B 336 7.75 33.37 -22.00
C ARG B 336 7.72 33.79 -23.47
N GLU B 337 6.84 33.17 -24.26
CA GLU B 337 6.74 33.48 -25.69
C GLU B 337 5.43 34.18 -26.05
N LYS B 338 4.32 33.65 -25.55
CA LYS B 338 3.00 34.14 -25.96
C LYS B 338 2.58 35.40 -25.21
N GLY B 339 3.41 35.87 -24.30
CA GLY B 339 3.19 37.14 -23.62
C GLY B 339 2.08 37.20 -22.59
N TYR B 340 1.60 36.04 -22.14
CA TYR B 340 0.61 35.99 -21.07
C TYR B 340 1.24 36.24 -19.70
N ARG B 341 0.39 36.36 -18.69
CA ARG B 341 0.85 36.38 -17.31
C ARG B 341 0.21 35.19 -16.58
N TYR B 342 0.76 34.85 -15.42
CA TYR B 342 0.30 33.69 -14.66
C TYR B 342 -1.18 33.82 -14.27
N LYS B 343 -1.59 35.04 -13.95
CA LYS B 343 -2.97 35.30 -13.54
C LYS B 343 -3.98 35.02 -14.64
N ASP B 344 -3.50 34.95 -15.88
CA ASP B 344 -4.37 34.69 -17.02
C ASP B 344 -4.72 33.21 -17.14
N VAL B 345 -4.00 32.38 -16.39
CA VAL B 345 -4.13 30.94 -16.52
C VAL B 345 -5.03 30.34 -15.45
N ALA B 346 -5.79 29.32 -15.82
CA ALA B 346 -6.60 28.58 -14.87
C ALA B 346 -6.43 27.08 -15.07
N ILE B 347 -6.38 26.36 -13.95
CA ILE B 347 -6.24 24.91 -13.97
C ILE B 347 -7.37 24.30 -13.15
N LEU B 348 -8.20 23.48 -13.79
CA LEU B 348 -9.37 22.93 -13.14
C LEU B 348 -9.37 21.40 -13.15
N ALA B 349 -9.74 20.81 -12.02
CA ALA B 349 -9.88 19.37 -11.92
C ALA B 349 -11.23 19.02 -11.28
N ARG B 350 -11.88 18.00 -11.82
CA ARG B 350 -13.14 17.51 -11.25
C ARG B 350 -12.91 16.97 -9.84
N GLN B 351 -11.71 16.44 -9.62
CA GLN B 351 -11.36 15.80 -8.37
C GLN B 351 -9.96 16.27 -7.90
N PRO B 352 -9.87 17.51 -7.39
CA PRO B 352 -8.61 18.18 -7.05
C PRO B 352 -7.70 17.36 -6.13
N GLU B 353 -8.29 16.44 -5.38
CA GLU B 353 -7.55 15.63 -4.43
C GLU B 353 -6.53 14.74 -5.15
N ASP B 354 -6.78 14.48 -6.43
CA ASP B 354 -5.87 13.66 -7.22
C ASP B 354 -4.61 14.41 -7.63
N TYR B 355 -4.62 15.73 -7.50
CA TYR B 355 -3.51 16.56 -8.00
C TYR B 355 -2.87 17.50 -6.98
N LYS B 356 -3.66 17.91 -5.99
CA LYS B 356 -3.25 18.96 -5.02
C LYS B 356 -1.80 18.92 -4.56
N ASP B 357 -1.41 17.82 -3.92
CA ASP B 357 -0.04 17.68 -3.42
C ASP B 357 0.98 17.76 -4.54
N MET B 358 0.75 17.00 -5.60
CA MET B 358 1.68 16.96 -6.73
C MET B 358 1.76 18.31 -7.43
N VAL B 359 0.64 19.02 -7.50
CA VAL B 359 0.63 20.38 -8.07
C VAL B 359 1.57 21.28 -7.28
N LYS B 360 1.45 21.24 -5.95
CA LYS B 360 2.29 22.05 -5.06
C LYS B 360 3.76 21.83 -5.35
N GLU B 361 4.18 20.57 -5.39
CA GLU B 361 5.59 20.23 -5.59
C GLU B 361 6.07 20.58 -6.99
N VAL B 362 5.37 20.08 -8.00
CA VAL B 362 5.76 20.35 -9.39
C VAL B 362 5.86 21.85 -9.68
N PHE B 363 4.86 22.62 -9.25
CA PHE B 363 4.86 24.05 -9.51
C PHE B 363 5.93 24.77 -8.72
N ALA B 364 6.35 24.16 -7.60
CA ALA B 364 7.48 24.69 -6.84
C ALA B 364 8.74 24.56 -7.70
N ASP B 365 8.93 23.38 -8.29
CA ASP B 365 10.10 23.10 -9.10
C ASP B 365 10.17 23.97 -10.36
N TYR B 366 9.05 24.11 -11.05
CA TYR B 366 9.01 24.87 -12.30
C TYR B 366 8.80 26.37 -12.04
N GLU B 367 8.84 26.76 -10.77
CA GLU B 367 8.75 28.16 -10.36
C GLU B 367 7.48 28.85 -10.83
N ILE B 368 6.36 28.13 -10.77
CA ILE B 368 5.06 28.68 -11.13
C ILE B 368 4.25 29.03 -9.88
N PRO B 369 3.93 30.32 -9.70
CA PRO B 369 3.07 30.71 -8.57
C PRO B 369 1.61 30.30 -8.78
N TYR B 370 0.95 29.91 -7.70
CA TYR B 370 -0.41 29.38 -7.79
C TYR B 370 -1.24 29.74 -6.57
N PHE B 371 -2.54 29.52 -6.69
CA PHE B 371 -3.47 29.61 -5.57
C PHE B 371 -4.39 28.40 -5.61
N ILE B 372 -4.48 27.67 -4.50
CA ILE B 372 -5.37 26.53 -4.45
C ILE B 372 -6.72 26.93 -3.88
N ASP B 373 -7.78 26.68 -4.65
CA ASP B 373 -9.14 26.92 -4.19
C ASP B 373 -9.57 25.82 -3.24
N GLY B 374 -8.89 25.72 -2.09
CA GLY B 374 -9.15 24.69 -1.11
C GLY B 374 -8.31 24.84 0.14
N LYS B 375 -8.92 24.55 1.29
CA LYS B 375 -8.23 24.64 2.57
C LYS B 375 -7.41 23.38 2.84
N ALA B 376 -6.29 23.54 3.55
CA ALA B 376 -5.40 22.42 3.82
C ALA B 376 -5.63 21.85 5.22
N SER B 377 -5.40 20.55 5.37
CA SER B 377 -5.58 19.86 6.64
C SER B 377 -4.54 20.29 7.69
N MET B 378 -4.91 20.19 8.96
CA MET B 378 -4.00 20.51 10.05
C MET B 378 -3.29 19.28 10.59
N LEU B 379 -3.62 18.12 10.04
CA LEU B 379 -3.19 16.84 10.61
C LEU B 379 -1.67 16.59 10.58
N ASN B 380 -0.93 17.47 9.91
CA ASN B 380 0.52 17.33 9.88
C ASN B 380 1.21 18.24 10.88
N HIS B 381 0.42 19.10 11.53
CA HIS B 381 0.95 20.06 12.47
C HIS B 381 1.37 19.37 13.76
N PRO B 382 2.46 19.85 14.39
CA PRO B 382 2.94 19.20 15.62
C PRO B 382 1.92 19.23 16.76
N LEU B 383 1.12 20.29 16.83
CA LEU B 383 0.17 20.45 17.93
C LEU B 383 -0.89 19.36 17.93
N ILE B 384 -1.53 19.16 16.78
CA ILE B 384 -2.58 18.17 16.66
C ILE B 384 -2.06 16.76 16.96
N GLU B 385 -0.90 16.44 16.41
CA GLU B 385 -0.28 15.13 16.65
C GLU B 385 0.12 14.97 18.11
N PHE B 386 0.50 16.08 18.74
CA PHE B 386 0.85 16.08 20.15
C PHE B 386 -0.36 15.72 21.02
N ILE B 387 -1.50 16.34 20.71
CA ILE B 387 -2.74 16.08 21.43
C ILE B 387 -3.23 14.66 21.21
N ARG B 388 -3.28 14.24 19.96
CA ARG B 388 -3.75 12.90 19.63
C ARG B 388 -2.87 11.80 20.22
N SER B 389 -1.56 11.93 20.06
CA SER B 389 -0.63 10.89 20.53
C SER B 389 -0.53 10.87 22.04
N SER B 390 -0.74 12.02 22.66
CA SER B 390 -0.77 12.07 24.12
C SER B 390 -1.96 11.27 24.63
N LEU B 391 -3.10 11.44 23.95
CA LEU B 391 -4.31 10.70 24.28
C LEU B 391 -4.09 9.21 24.08
N ASP B 392 -3.30 8.87 23.06
CA ASP B 392 -2.96 7.48 22.79
C ASP B 392 -2.03 6.94 23.87
N VAL B 393 -1.12 7.78 24.37
CA VAL B 393 -0.25 7.38 25.46
C VAL B 393 -1.09 6.97 26.68
N LEU B 394 -2.15 7.73 26.93
CA LEU B 394 -3.05 7.45 28.06
C LEU B 394 -3.89 6.21 27.80
N LYS B 395 -4.39 6.07 26.57
CA LYS B 395 -5.31 4.99 26.23
C LYS B 395 -4.65 3.63 26.09
N GLY B 396 -3.52 3.56 25.40
CA GLY B 396 -2.88 2.28 25.15
C GLY B 396 -1.93 1.86 26.24
N ASN B 397 -1.87 2.66 27.31
CA ASN B 397 -0.95 2.44 28.41
C ASN B 397 0.50 2.48 27.97
N TRP B 398 0.94 3.68 27.57
CA TRP B 398 2.33 3.97 27.26
C TRP B 398 3.01 2.98 26.32
N ARG B 399 2.36 2.70 25.19
CA ARG B 399 2.98 1.88 24.15
C ARG B 399 4.15 2.63 23.54
N TYR B 400 5.12 1.88 23.01
CA TYR B 400 6.28 2.47 22.34
C TYR B 400 5.88 3.49 21.28
N GLU B 401 5.02 3.08 20.36
CA GLU B 401 4.64 3.95 19.24
C GLU B 401 3.96 5.23 19.71
N ALA B 402 3.07 5.12 20.70
CA ALA B 402 2.37 6.29 21.21
C ALA B 402 3.34 7.26 21.88
N VAL B 403 4.13 6.75 22.81
CA VAL B 403 5.06 7.59 23.57
C VAL B 403 5.99 8.39 22.67
N PHE B 404 6.59 7.73 21.69
CA PHE B 404 7.59 8.38 20.85
C PHE B 404 6.99 9.14 19.68
N ARG B 405 5.77 8.79 19.27
CA ARG B 405 5.01 9.68 18.39
C ARG B 405 4.89 11.02 19.09
N CYS B 406 4.47 10.96 20.36
CA CYS B 406 4.28 12.14 21.19
C CYS B 406 5.55 12.96 21.35
N VAL B 407 6.61 12.29 21.78
CA VAL B 407 7.89 12.96 22.05
C VAL B 407 8.47 13.62 20.80
N LYS B 408 8.34 12.93 19.66
CA LYS B 408 8.95 13.40 18.42
C LYS B 408 8.33 14.67 17.84
N THR B 409 7.19 15.11 18.39
CA THR B 409 6.59 16.37 17.97
C THR B 409 7.29 17.53 18.65
N GLU B 410 8.15 17.21 19.61
CA GLU B 410 9.08 18.15 20.25
C GLU B 410 8.42 19.18 21.16
N LEU B 411 7.13 19.04 21.41
CA LEU B 411 6.42 19.97 22.28
C LEU B 411 6.63 19.62 23.75
N LEU B 412 7.23 18.46 24.00
CA LEU B 412 7.58 18.05 25.35
C LEU B 412 8.99 18.52 25.68
N PHE B 413 9.74 18.91 24.66
CA PHE B 413 11.13 19.31 24.81
C PHE B 413 11.27 20.41 25.86
N PRO B 414 12.25 20.26 26.76
CA PRO B 414 12.54 21.27 27.77
C PRO B 414 12.72 22.65 27.14
N LEU B 415 12.03 23.64 27.70
CA LEU B 415 12.07 25.00 27.18
C LEU B 415 13.50 25.54 27.10
N ASN B 416 13.80 26.21 25.99
CA ASN B 416 15.06 26.90 25.79
C ASN B 416 16.29 26.00 25.83
N GLU B 417 16.10 24.71 25.63
CA GLU B 417 17.21 23.79 25.39
C GLU B 417 17.42 23.62 23.88
N PRO B 418 18.67 23.40 23.46
CA PRO B 418 18.95 23.30 22.01
C PRO B 418 18.23 22.12 21.38
N LYS B 419 17.32 22.41 20.44
CA LYS B 419 16.49 21.39 19.80
C LYS B 419 17.30 20.21 19.27
N ALA B 420 18.44 20.51 18.65
CA ALA B 420 19.30 19.47 18.09
C ALA B 420 19.81 18.52 19.18
N LYS B 421 20.23 19.10 20.30
CA LYS B 421 20.75 18.31 21.41
C LYS B 421 19.66 17.46 22.05
N VAL B 422 18.54 18.09 22.39
CA VAL B 422 17.40 17.38 22.95
C VAL B 422 16.98 16.23 22.04
N ARG B 423 16.94 16.52 20.74
CA ARG B 423 16.61 15.51 19.74
C ARG B 423 17.50 14.30 19.82
N GLU B 424 18.80 14.55 19.94
CA GLU B 424 19.79 13.47 19.95
C GLU B 424 19.63 12.62 21.20
N GLN B 425 19.34 13.29 22.31
CA GLN B 425 19.11 12.59 23.57
C GLN B 425 17.86 11.71 23.49
N VAL B 426 16.80 12.23 22.88
CA VAL B 426 15.58 11.46 22.65
C VAL B 426 15.86 10.25 21.77
N ASP B 427 16.65 10.48 20.71
CA ASP B 427 16.99 9.42 19.78
C ASP B 427 17.61 8.23 20.49
N GLN B 428 18.56 8.52 21.38
CA GLN B 428 19.25 7.47 22.12
C GLN B 428 18.32 6.80 23.11
N LEU B 429 17.41 7.58 23.70
CA LEU B 429 16.42 7.00 24.60
C LEU B 429 15.50 6.08 23.82
N GLU B 430 15.18 6.45 22.58
CA GLU B 430 14.32 5.61 21.75
C GLU B 430 14.97 4.27 21.48
N ASN B 431 16.23 4.31 21.05
CA ASN B 431 17.02 3.10 20.81
C ASN B 431 17.05 2.21 22.05
N TYR B 432 17.16 2.84 23.22
CA TYR B 432 17.15 2.12 24.48
C TYR B 432 15.81 1.45 24.74
N CYS B 433 14.73 2.19 24.52
CA CYS B 433 13.39 1.66 24.75
C CYS B 433 13.06 0.49 23.82
N ILE B 434 13.57 0.54 22.60
CA ILE B 434 13.38 -0.56 21.66
C ILE B 434 14.17 -1.77 22.15
N ALA B 435 15.43 -1.54 22.50
CA ALA B 435 16.33 -2.59 22.91
C ALA B 435 15.87 -3.32 24.17
N TYR B 436 15.25 -2.59 25.10
CA TYR B 436 14.90 -3.16 26.40
C TYR B 436 13.40 -3.40 26.56
N GLY B 437 12.63 -3.09 25.53
CA GLY B 437 11.20 -3.36 25.53
C GLY B 437 10.42 -2.53 26.54
N ILE B 438 10.80 -1.27 26.69
CA ILE B 438 10.16 -0.40 27.66
C ILE B 438 8.77 0.03 27.24
N LYS B 439 7.80 -0.20 28.13
CA LYS B 439 6.40 0.09 27.85
C LYS B 439 5.59 0.08 29.14
N GLY B 440 4.44 0.74 29.15
CA GLY B 440 3.52 0.69 30.27
C GLY B 440 3.99 1.36 31.55
N ASP B 441 3.60 0.80 32.69
CA ASP B 441 3.89 1.43 33.97
C ASP B 441 5.39 1.47 34.26
N ARG B 442 6.17 0.79 33.42
CA ARG B 442 7.63 0.86 33.47
C ARG B 442 8.12 2.30 33.32
N TRP B 443 7.40 3.09 32.52
CA TRP B 443 7.66 4.51 32.40
C TRP B 443 7.36 5.26 33.70
N THR B 444 6.22 4.95 34.30
CA THR B 444 5.66 5.73 35.40
C THR B 444 6.08 5.27 36.79
N LYS B 445 6.69 4.10 36.89
CA LYS B 445 7.01 3.52 38.19
C LYS B 445 8.07 4.32 38.94
N GLY B 446 9.02 4.87 38.20
CA GLY B 446 10.10 5.64 38.80
C GLY B 446 11.39 4.87 38.91
N ASP B 447 11.31 3.54 38.81
CA ASP B 447 12.49 2.68 38.79
C ASP B 447 13.46 3.12 37.71
N ARG B 448 14.61 3.63 38.16
CA ARG B 448 15.66 4.14 37.28
C ARG B 448 16.01 3.18 36.15
N PHE B 449 16.03 3.68 34.92
CA PHE B 449 16.43 2.86 33.77
C PHE B 449 17.90 2.48 33.88
N GLN B 450 18.18 1.18 33.88
CA GLN B 450 19.56 0.71 33.96
C GLN B 450 20.09 0.30 32.59
N TYR B 451 21.37 0.52 32.35
CA TYR B 451 21.94 0.37 31.01
C TYR B 451 23.24 -0.43 30.98
N ARG B 452 23.24 -1.48 30.17
CA ARG B 452 24.45 -2.28 29.92
C ARG B 452 24.76 -2.30 28.42
N ARG B 453 26.05 -2.32 28.09
CA ARG B 453 26.48 -2.24 26.69
C ARG B 453 26.56 -3.62 26.02
N PHE B 454 27.09 -4.60 26.74
CA PHE B 454 27.39 -5.89 26.11
C PHE B 454 26.77 -7.07 26.85
N VAL B 455 26.46 -8.12 26.09
CA VAL B 455 25.89 -9.34 26.65
C VAL B 455 26.90 -10.49 26.66
N SER B 456 27.39 -10.81 27.84
CA SER B 456 28.24 -11.99 28.02
C SER B 456 27.76 -12.77 29.23
N LEU B 457 27.25 -13.97 29.00
CA LEU B 457 26.72 -14.81 30.07
C LEU B 457 27.80 -15.14 31.09
N ASP B 458 29.05 -15.16 30.65
CA ASP B 458 30.18 -15.46 31.53
C ASP B 458 30.60 -14.25 32.36
N ASP B 459 30.48 -13.06 31.79
CA ASP B 459 31.02 -11.85 32.39
C ASP B 459 30.34 -11.42 33.69
N ASP B 460 30.84 -10.32 34.24
CA ASP B 460 30.31 -9.75 35.48
C ASP B 460 29.45 -8.54 35.17
N PHE B 461 28.46 -8.28 36.01
CA PHE B 461 27.47 -7.23 35.76
C PHE B 461 28.06 -5.82 35.76
N ALA B 462 29.22 -5.68 36.40
CA ALA B 462 29.76 -4.38 36.80
C ALA B 462 29.89 -3.36 35.68
N GLN B 463 29.37 -2.15 35.92
CA GLN B 463 29.30 -1.08 34.93
C GLN B 463 30.63 -0.35 34.71
N THR B 464 30.67 0.42 33.63
CA THR B 464 31.84 1.23 33.30
C THR B 464 31.52 2.72 33.42
N ASP B 465 32.54 3.55 33.23
CA ASP B 465 32.37 5.00 33.27
C ASP B 465 31.36 5.42 32.21
N GLN B 466 31.56 4.94 30.99
CA GLN B 466 30.70 5.27 29.86
C GLN B 466 29.25 4.87 30.13
N GLU B 467 29.07 3.61 30.55
CA GLU B 467 27.74 3.08 30.82
C GLU B 467 27.02 3.88 31.91
N ILE B 468 27.77 4.42 32.85
CA ILE B 468 27.22 5.25 33.90
C ILE B 468 26.77 6.60 33.34
N GLU B 469 27.66 7.22 32.56
CA GLU B 469 27.39 8.48 31.88
C GLU B 469 26.13 8.35 31.03
N MET B 470 26.09 7.30 30.22
CA MET B 470 24.93 7.00 29.38
C MET B 470 23.65 6.84 30.19
N GLU B 471 23.70 5.97 31.20
CA GLU B 471 22.55 5.69 32.05
C GLU B 471 21.98 6.97 32.64
N ASN B 472 22.86 7.88 33.05
CA ASN B 472 22.44 9.17 33.55
C ASN B 472 21.68 9.98 32.51
N MET B 473 22.20 9.97 31.29
CA MET B 473 21.60 10.71 30.19
C MET B 473 20.22 10.16 29.87
N LEU B 474 20.13 8.84 29.77
CA LEU B 474 18.86 8.19 29.47
C LEU B 474 17.79 8.54 30.51
N ASN B 475 18.16 8.46 31.78
CA ASN B 475 17.23 8.74 32.87
C ASN B 475 16.87 10.22 32.96
N ASP B 476 17.84 11.08 32.70
CA ASP B 476 17.57 12.52 32.71
C ASP B 476 16.53 12.90 31.67
N THR B 477 16.63 12.27 30.49
CA THR B 477 15.66 12.51 29.42
C THR B 477 14.30 12.00 29.85
N ARG B 478 14.28 10.79 30.41
CA ARG B 478 13.05 10.18 30.92
C ARG B 478 12.34 11.09 31.90
N ASP B 479 13.12 11.68 32.80
CA ASP B 479 12.57 12.48 33.90
C ASP B 479 11.91 13.78 33.46
N TRP B 480 12.11 14.21 32.22
CA TRP B 480 11.34 15.36 31.76
C TRP B 480 10.27 14.94 30.75
N ILE B 481 10.36 13.68 30.29
CA ILE B 481 9.36 13.16 29.38
C ILE B 481 8.14 12.69 30.16
N VAL B 482 8.36 11.97 31.25
CA VAL B 482 7.26 11.34 31.98
C VAL B 482 6.30 12.29 32.74
N PRO B 483 6.82 13.21 33.59
CA PRO B 483 5.92 13.98 34.46
C PRO B 483 4.70 14.66 33.82
N PRO B 484 4.88 15.44 32.72
CA PRO B 484 3.70 16.14 32.20
C PRO B 484 2.66 15.15 31.66
N LEU B 485 3.16 14.05 31.14
CA LEU B 485 2.36 12.99 30.56
C LEU B 485 1.67 12.17 31.65
N PHE B 486 2.44 11.86 32.69
CA PHE B 486 1.94 11.10 33.83
C PHE B 486 0.89 11.91 34.58
N GLN B 487 1.15 13.21 34.74
CA GLN B 487 0.19 14.09 35.42
C GLN B 487 -1.12 14.11 34.65
N LEU B 488 -1.02 14.22 33.33
CA LEU B 488 -2.19 14.17 32.46
C LEU B 488 -2.97 12.87 32.66
N GLN B 489 -2.26 11.77 32.88
CA GLN B 489 -2.89 10.48 33.11
C GLN B 489 -3.62 10.47 34.45
N LYS B 490 -3.05 11.15 35.44
CA LYS B 490 -3.68 11.29 36.75
C LYS B 490 -5.01 12.02 36.63
N ARG B 491 -4.92 13.30 36.29
CA ARG B 491 -6.09 14.17 36.16
C ARG B 491 -7.21 13.56 35.30
N MET B 492 -6.82 12.89 34.22
CA MET B 492 -7.79 12.36 33.27
C MET B 492 -8.59 11.20 33.88
N LYS B 493 -7.91 10.31 34.59
CA LYS B 493 -8.59 9.20 35.28
C LYS B 493 -9.59 9.75 36.28
N LYS B 494 -9.21 10.84 36.93
CA LYS B 494 -9.99 11.48 37.98
C LYS B 494 -11.21 12.18 37.40
N ALA B 495 -11.03 12.81 36.24
CA ALA B 495 -12.08 13.59 35.60
C ALA B 495 -13.19 12.70 35.04
N LYS B 496 -14.44 13.02 35.39
CA LYS B 496 -15.57 12.22 34.95
C LYS B 496 -16.34 12.87 33.81
N THR B 497 -16.48 14.19 33.85
CA THR B 497 -17.25 14.90 32.83
C THR B 497 -16.37 15.45 31.71
N VAL B 498 -17.00 15.79 30.59
CA VAL B 498 -16.30 16.32 29.43
C VAL B 498 -15.48 17.57 29.77
N GLN B 499 -16.04 18.46 30.57
CA GLN B 499 -15.37 19.72 30.88
C GLN B 499 -14.08 19.52 31.67
N GLU B 500 -14.10 18.61 32.65
CA GLU B 500 -12.90 18.43 33.46
C GLU B 500 -11.83 17.67 32.71
N LYS B 501 -12.23 16.87 31.72
CA LYS B 501 -11.26 16.23 30.85
C LYS B 501 -10.65 17.24 29.88
N ALA B 502 -11.48 18.17 29.43
CA ALA B 502 -11.03 19.26 28.57
C ALA B 502 -10.09 20.17 29.35
N GLU B 503 -10.42 20.39 30.62
CA GLU B 503 -9.58 21.17 31.51
C GLU B 503 -8.23 20.47 31.71
N ALA B 504 -8.27 19.16 31.89
CA ALA B 504 -7.07 18.38 32.05
C ALA B 504 -6.17 18.51 30.83
N LEU B 505 -6.75 18.32 29.65
CA LEU B 505 -6.02 18.40 28.40
C LEU B 505 -5.41 19.79 28.21
N TYR B 506 -6.21 20.83 28.41
CA TYR B 506 -5.69 22.17 28.19
C TYR B 506 -4.56 22.52 29.16
N ARG B 507 -4.72 22.14 30.42
CA ARG B 507 -3.69 22.43 31.41
C ARG B 507 -2.43 21.65 31.10
N TYR B 508 -2.59 20.49 30.46
CA TYR B 508 -1.46 19.70 29.99
C TYR B 508 -0.69 20.48 28.92
N LEU B 509 -1.43 21.13 28.02
CA LEU B 509 -0.83 21.95 26.98
C LEU B 509 -0.12 23.16 27.58
N GLU B 510 -0.73 23.75 28.61
CA GLU B 510 -0.24 24.99 29.21
C GLU B 510 0.98 24.76 30.08
N GLU B 511 1.00 23.65 30.81
CA GLU B 511 2.10 23.32 31.69
C GLU B 511 3.38 23.03 30.91
N THR B 512 3.22 22.42 29.73
CA THR B 512 4.36 22.09 28.88
C THR B 512 4.82 23.28 28.05
N ASP B 513 4.21 24.44 28.31
CA ASP B 513 4.56 25.69 27.63
C ASP B 513 4.37 25.63 26.12
N VAL B 514 3.30 24.97 25.68
CA VAL B 514 3.02 24.84 24.26
C VAL B 514 2.87 26.21 23.57
N PRO B 515 2.09 27.14 24.16
CA PRO B 515 1.98 28.44 23.50
C PRO B 515 3.31 29.12 23.19
N LEU B 516 4.25 29.08 24.13
CA LEU B 516 5.54 29.73 23.93
C LEU B 516 6.36 29.01 22.87
N LYS B 517 6.31 27.68 22.88
CA LYS B 517 7.04 26.89 21.89
C LYS B 517 6.52 27.16 20.49
N LEU B 518 5.20 27.25 20.36
CA LEU B 518 4.59 27.60 19.08
C LEU B 518 5.02 28.99 18.63
N ASP B 519 5.06 29.92 19.58
CA ASP B 519 5.43 31.30 19.28
C ASP B 519 6.86 31.38 18.74
N GLN B 520 7.77 30.72 19.44
CA GLN B 520 9.16 30.62 19.02
C GLN B 520 9.27 30.07 17.60
N GLU B 521 8.58 28.96 17.38
CA GLU B 521 8.54 28.30 16.08
C GLU B 521 8.11 29.29 15.00
N ARG B 522 7.02 29.98 15.28
CA ARG B 522 6.48 30.99 14.38
C ARG B 522 7.51 32.05 14.00
N GLN B 523 8.30 32.48 14.98
CA GLN B 523 9.28 33.53 14.74
C GLN B 523 10.45 32.98 13.92
N ARG B 524 10.80 31.72 14.17
CA ARG B 524 11.85 31.07 13.38
C ARG B 524 11.42 30.99 11.91
N ALA B 525 10.15 30.67 11.69
CA ALA B 525 9.61 30.56 10.34
C ALA B 525 9.60 31.92 9.65
N GLU B 526 9.18 32.96 10.38
CA GLU B 526 9.17 34.32 9.85
C GLU B 526 10.58 34.76 9.46
N ASP B 527 11.54 34.42 10.29
CA ASP B 527 12.93 34.77 10.04
C ASP B 527 13.48 34.10 8.78
N ASP B 528 13.01 32.88 8.51
CA ASP B 528 13.47 32.13 7.34
C ASP B 528 12.59 32.42 6.13
N GLY B 529 11.66 33.35 6.27
CA GLY B 529 10.84 33.80 5.15
C GLY B 529 9.62 32.93 4.86
N ARG B 530 9.37 31.96 5.73
CA ARG B 530 8.23 31.06 5.56
C ARG B 530 7.00 31.57 6.32
N ILE B 531 6.51 32.74 5.91
CA ILE B 531 5.48 33.44 6.66
C ILE B 531 4.15 32.69 6.70
N ILE B 532 3.78 32.05 5.59
CA ILE B 532 2.53 31.28 5.54
C ILE B 532 2.57 30.14 6.57
N GLU B 533 3.69 29.44 6.61
CA GLU B 533 3.89 28.38 7.59
C GLU B 533 3.88 28.94 9.01
N ALA B 534 4.22 30.21 9.16
CA ALA B 534 4.36 30.84 10.47
C ALA B 534 3.02 31.18 11.09
N GLN B 535 2.06 31.52 10.24
CA GLN B 535 0.74 31.93 10.71
C GLN B 535 -0.02 30.72 11.20
N GLN B 536 0.27 29.57 10.61
CA GLN B 536 -0.57 28.38 10.81
C GLN B 536 -0.41 27.77 12.20
N HIS B 537 0.62 28.20 12.92
CA HIS B 537 0.79 27.78 14.30
C HIS B 537 -0.31 28.38 15.17
N GLN B 538 -0.51 29.68 15.07
CA GLN B 538 -1.58 30.33 15.81
C GLN B 538 -2.94 29.77 15.40
N GLN B 539 -3.09 29.50 14.10
CA GLN B 539 -4.29 28.89 13.54
C GLN B 539 -4.57 27.58 14.24
N ALA B 540 -3.51 26.80 14.42
CA ALA B 540 -3.64 25.49 15.05
C ALA B 540 -4.13 25.62 16.50
N TRP B 541 -3.47 26.47 17.27
CA TRP B 541 -3.86 26.69 18.67
C TRP B 541 -5.32 27.11 18.75
N ASP B 542 -5.70 28.11 17.96
CA ASP B 542 -7.06 28.63 17.97
C ASP B 542 -8.09 27.56 17.61
N ALA B 543 -7.73 26.69 16.65
CA ALA B 543 -8.62 25.60 16.25
C ALA B 543 -8.86 24.65 17.43
N VAL B 544 -7.79 24.25 18.08
CA VAL B 544 -7.84 23.35 19.22
C VAL B 544 -8.69 23.93 20.35
N ILE B 545 -8.39 25.17 20.74
CA ILE B 545 -9.13 25.86 21.79
C ILE B 545 -10.63 25.93 21.44
N GLN B 546 -10.94 26.20 20.18
CA GLN B 546 -12.34 26.27 19.74
C GLN B 546 -13.02 24.92 19.86
N LEU B 547 -12.30 23.87 19.46
CA LEU B 547 -12.79 22.50 19.53
C LEU B 547 -13.18 22.15 20.97
N LEU B 548 -12.26 22.41 21.88
CA LEU B 548 -12.50 22.20 23.31
C LEU B 548 -13.70 23.01 23.79
N GLU B 549 -13.73 24.28 23.41
CA GLU B 549 -14.79 25.19 23.83
C GLU B 549 -16.18 24.70 23.44
N GLU B 550 -16.33 24.27 22.19
CA GLU B 550 -17.63 23.80 21.73
C GLU B 550 -17.98 22.48 22.40
N PHE B 551 -16.96 21.64 22.59
CA PHE B 551 -17.13 20.35 23.26
C PHE B 551 -17.77 20.53 24.63
N VAL B 552 -17.22 21.45 25.42
CA VAL B 552 -17.76 21.69 26.75
C VAL B 552 -19.09 22.45 26.68
N GLU B 553 -19.31 23.19 25.60
CA GLU B 553 -20.54 23.95 25.46
C GLU B 553 -21.73 23.04 25.25
N MET B 554 -21.51 21.93 24.53
CA MET B 554 -22.59 21.01 24.22
C MET B 554 -22.72 19.87 25.22
N MET B 555 -21.58 19.43 25.77
CA MET B 555 -21.56 18.22 26.59
C MET B 555 -20.74 18.37 27.87
N GLY B 556 -20.50 19.60 28.29
CA GLY B 556 -19.63 19.89 29.41
C GLY B 556 -19.89 19.14 30.71
N ASP B 557 -21.15 19.07 31.10
CA ASP B 557 -21.51 18.49 32.39
C ASP B 557 -21.85 17.02 32.30
N ASP B 558 -21.88 16.49 31.09
CA ASP B 558 -22.15 15.07 30.88
C ASP B 558 -20.92 14.23 31.23
N GLU B 559 -21.14 13.12 31.93
CA GLU B 559 -20.05 12.22 32.29
C GLU B 559 -19.74 11.27 31.14
N ILE B 560 -18.50 11.31 30.65
CA ILE B 560 -18.13 10.51 29.50
C ILE B 560 -16.82 9.75 29.73
N SER B 561 -16.63 8.67 28.98
CA SER B 561 -15.45 7.82 29.12
C SER B 561 -14.30 8.31 28.26
N LEU B 562 -13.08 7.94 28.66
CA LEU B 562 -11.87 8.33 27.95
C LEU B 562 -11.94 7.89 26.49
N ASP B 563 -12.50 6.70 26.27
CA ASP B 563 -12.67 6.14 24.94
C ASP B 563 -13.45 7.08 24.04
N LEU B 564 -14.60 7.53 24.52
CA LEU B 564 -15.47 8.39 23.71
C LEU B 564 -14.92 9.81 23.60
N PHE B 565 -14.34 10.30 24.69
CA PHE B 565 -13.73 11.63 24.68
C PHE B 565 -12.63 11.68 23.62
N GLN B 566 -11.84 10.63 23.55
CA GLN B 566 -10.79 10.53 22.54
C GLN B 566 -11.38 10.42 21.13
N GLN B 567 -12.51 9.72 21.03
CA GLN B 567 -13.21 9.58 19.75
C GLN B 567 -13.63 10.94 19.22
N MET B 568 -14.22 11.75 20.09
CA MET B 568 -14.72 13.07 19.70
C MET B 568 -13.59 14.03 19.36
N ILE B 569 -12.56 14.05 20.20
CA ILE B 569 -11.37 14.84 19.93
C ILE B 569 -10.76 14.45 18.59
N GLU B 570 -10.73 13.15 18.32
CA GLU B 570 -10.14 12.61 17.09
C GLU B 570 -10.91 13.05 15.86
N ALA B 571 -12.23 12.90 15.90
CA ALA B 571 -13.08 13.31 14.80
C ALA B 571 -12.98 14.80 14.54
N GLY B 572 -13.08 15.59 15.61
CA GLY B 572 -12.99 17.03 15.51
C GLY B 572 -11.67 17.47 14.90
N ALA B 573 -10.57 16.86 15.36
CA ALA B 573 -9.25 17.13 14.80
C ALA B 573 -9.20 16.72 13.33
N GLU B 574 -9.88 15.64 12.99
CA GLU B 574 -9.86 15.12 11.62
C GLU B 574 -10.59 16.07 10.66
N SER B 575 -11.36 17.00 11.22
CA SER B 575 -12.10 17.97 10.42
C SER B 575 -11.31 19.27 10.28
N LEU B 576 -10.39 19.51 11.21
CA LEU B 576 -9.68 20.78 11.31
C LEU B 576 -8.97 21.17 10.01
N THR B 577 -8.98 22.47 9.71
CA THR B 577 -8.43 22.95 8.45
C THR B 577 -7.84 24.36 8.56
N PHE B 578 -6.74 24.59 7.85
CA PHE B 578 -6.14 25.93 7.79
C PHE B 578 -6.92 26.86 6.88
N SER B 579 -6.90 28.15 7.19
CA SER B 579 -7.56 29.14 6.36
C SER B 579 -7.00 29.14 4.93
N LEU B 580 -7.76 29.71 4.00
CA LEU B 580 -7.27 29.90 2.64
C LEU B 580 -6.11 30.87 2.62
N ILE B 581 -5.05 30.52 1.91
CA ILE B 581 -3.99 31.47 1.63
C ILE B 581 -4.59 32.59 0.78
N PRO B 582 -4.48 33.84 1.26
CA PRO B 582 -5.04 34.97 0.51
C PRO B 582 -4.39 35.10 -0.87
N PRO B 583 -5.20 35.37 -1.90
CA PRO B 583 -4.72 35.48 -3.29
C PRO B 583 -3.64 36.56 -3.44
N ALA B 584 -2.75 36.37 -4.40
CA ALA B 584 -1.76 37.38 -4.71
C ALA B 584 -2.11 38.05 -6.03
N LEU B 585 -1.31 39.05 -6.41
CA LEU B 585 -1.59 39.85 -7.59
C LEU B 585 -1.44 39.06 -8.89
N ASP B 586 -0.56 38.06 -8.90
CA ASP B 586 -0.26 37.34 -10.12
C ASP B 586 0.08 35.88 -9.88
N GLN B 587 -0.95 35.02 -9.85
CA GLN B 587 -0.77 33.58 -9.69
C GLN B 587 -1.62 32.79 -10.68
N VAL B 588 -1.25 31.53 -10.90
CA VAL B 588 -2.13 30.60 -11.61
C VAL B 588 -3.24 30.16 -10.66
N PHE B 589 -4.48 30.17 -11.14
CA PHE B 589 -5.59 29.70 -10.32
C PHE B 589 -5.84 28.21 -10.53
N VAL B 590 -5.53 27.40 -9.53
CA VAL B 590 -5.86 25.97 -9.59
C VAL B 590 -7.07 25.72 -8.71
N GLY B 591 -8.14 25.21 -9.32
CA GLY B 591 -9.40 24.97 -8.61
C GLY B 591 -10.16 23.79 -9.17
N ASN B 592 -11.47 23.76 -8.91
CA ASN B 592 -12.32 22.63 -9.31
C ASN B 592 -13.39 23.03 -10.31
N MET B 593 -14.27 22.08 -10.63
CA MET B 593 -15.24 22.30 -11.70
C MET B 593 -16.71 22.42 -11.26
N ASP B 594 -16.97 22.45 -9.96
CA ASP B 594 -18.35 22.64 -9.51
C ASP B 594 -18.55 23.87 -8.62
N LEU B 595 -17.51 24.28 -7.90
CA LEU B 595 -17.65 25.42 -6.99
C LEU B 595 -16.81 26.63 -7.38
N SER B 596 -15.64 26.39 -7.97
CA SER B 596 -14.72 27.46 -8.34
C SER B 596 -15.37 28.47 -9.28
N ARG B 597 -15.06 29.74 -9.07
CA ARG B 597 -15.54 30.80 -9.95
C ARG B 597 -14.36 31.61 -10.46
N MET B 598 -14.38 31.94 -11.75
CA MET B 598 -13.32 32.72 -12.36
C MET B 598 -13.89 33.85 -13.20
N TYR B 599 -13.04 34.83 -13.50
CA TYR B 599 -13.43 35.92 -14.38
C TYR B 599 -12.26 36.40 -15.23
N GLY B 600 -12.50 36.57 -16.53
CA GLY B 600 -11.49 37.10 -17.43
C GLY B 600 -10.38 36.13 -17.75
N THR B 601 -10.64 34.85 -17.57
CA THR B 601 -9.65 33.81 -17.83
C THR B 601 -9.29 33.76 -19.31
N SER B 602 -8.00 33.67 -19.59
CA SER B 602 -7.51 33.62 -20.97
C SER B 602 -7.19 32.18 -21.38
N CYS B 603 -6.47 31.47 -20.50
CA CYS B 603 -6.09 30.08 -20.77
C CYS B 603 -6.60 29.17 -19.65
N THR B 604 -7.25 28.08 -20.04
CA THR B 604 -7.73 27.10 -19.07
C THR B 604 -7.21 25.70 -19.38
N PHE B 605 -6.58 25.09 -18.37
CA PHE B 605 -6.24 23.67 -18.42
C PHE B 605 -7.26 22.84 -17.63
N VAL B 606 -8.02 22.00 -18.34
CA VAL B 606 -8.86 21.03 -17.64
C VAL B 606 -8.09 19.74 -17.49
N LEU B 607 -8.00 19.23 -16.27
CA LEU B 607 -7.17 18.07 -15.97
C LEU B 607 -7.98 16.79 -15.83
N GLY B 608 -7.30 15.67 -16.03
CA GLY B 608 -7.86 14.36 -15.74
C GLY B 608 -9.22 14.05 -16.34
N ALA B 609 -9.31 14.11 -17.66
CA ALA B 609 -10.54 13.74 -18.33
C ALA B 609 -10.64 12.23 -18.49
N ASN B 610 -10.76 11.54 -17.37
CA ASN B 610 -10.81 10.09 -17.36
C ASN B 610 -12.22 9.55 -17.18
N ASP B 611 -12.44 8.33 -17.66
CA ASP B 611 -13.72 7.65 -17.47
C ASP B 611 -13.96 7.44 -15.99
N GLY B 612 -15.15 7.80 -15.52
CA GLY B 612 -15.49 7.65 -14.13
C GLY B 612 -15.13 8.87 -13.30
N VAL B 613 -14.22 9.70 -13.82
CA VAL B 613 -13.80 10.91 -13.14
C VAL B 613 -14.49 12.14 -13.70
N LEU B 614 -14.54 12.24 -15.04
CA LEU B 614 -15.22 13.35 -15.69
C LEU B 614 -15.87 12.92 -17.01
N PRO B 615 -17.19 12.69 -16.99
CA PRO B 615 -18.19 12.89 -15.93
C PRO B 615 -17.97 12.00 -14.72
N ALA B 616 -18.22 12.54 -13.53
CA ALA B 616 -17.95 11.83 -12.30
C ALA B 616 -19.07 10.88 -11.92
N ARG B 617 -18.68 9.68 -11.49
CA ARG B 617 -19.63 8.76 -10.88
C ARG B 617 -20.17 9.38 -9.59
N PRO B 618 -21.49 9.57 -9.52
CA PRO B 618 -22.13 10.15 -8.34
C PRO B 618 -21.87 9.33 -7.07
N ASP B 619 -22.03 9.96 -5.92
CA ASP B 619 -21.83 9.27 -4.65
C ASP B 619 -23.17 9.11 -3.93
N GLU B 620 -23.68 7.88 -3.87
CA GLU B 620 -24.94 7.64 -3.18
C GLU B 620 -24.72 7.48 -1.69
N ASN B 621 -23.55 7.90 -1.21
CA ASN B 621 -23.28 7.92 0.22
C ASN B 621 -24.27 8.83 0.94
N GLY B 622 -25.00 8.28 1.90
CA GLY B 622 -25.99 9.04 2.63
C GLY B 622 -27.13 8.17 3.11
N VAL B 623 -27.94 8.72 4.01
CA VAL B 623 -29.06 8.00 4.62
C VAL B 623 -30.16 7.69 3.60
N LEU B 624 -30.47 8.66 2.74
CA LEU B 624 -31.51 8.48 1.75
C LEU B 624 -30.92 8.03 0.42
N SER B 625 -31.43 6.91 -0.11
CA SER B 625 -30.98 6.38 -1.38
C SER B 625 -31.61 7.11 -2.56
N ASP B 626 -31.15 6.81 -3.77
CA ASP B 626 -31.72 7.40 -4.97
C ASP B 626 -33.19 7.07 -5.11
N ASP B 627 -33.54 5.82 -4.84
CA ASP B 627 -34.92 5.38 -4.89
C ASP B 627 -35.78 6.14 -3.87
N ASP B 628 -35.22 6.33 -2.67
CA ASP B 628 -35.89 7.09 -1.63
C ASP B 628 -36.18 8.53 -2.08
N ARG B 629 -35.15 9.21 -2.59
CA ARG B 629 -35.28 10.60 -3.02
C ARG B 629 -36.25 10.72 -4.19
N GLU B 630 -36.20 9.74 -5.08
CA GLU B 630 -37.07 9.68 -6.26
C GLU B 630 -38.54 9.59 -5.84
N TRP B 631 -38.84 8.64 -4.96
CA TRP B 631 -40.20 8.43 -4.50
C TRP B 631 -40.70 9.59 -3.64
N LEU B 632 -39.82 10.14 -2.82
CA LEU B 632 -40.16 11.32 -2.02
C LEU B 632 -40.47 12.49 -2.93
N LYS B 633 -39.81 12.52 -4.08
CA LYS B 633 -40.06 13.56 -5.07
C LYS B 633 -41.46 13.42 -5.65
N THR B 634 -41.91 12.17 -5.81
CA THR B 634 -43.20 11.89 -6.43
C THR B 634 -44.35 12.25 -5.49
N ILE B 635 -44.07 12.27 -4.18
CA ILE B 635 -45.12 12.61 -3.22
C ILE B 635 -45.05 14.10 -2.85
N GLY B 636 -44.17 14.84 -3.51
CA GLY B 636 -44.15 16.29 -3.36
C GLY B 636 -43.03 16.85 -2.51
N VAL B 637 -42.26 15.97 -1.88
CA VAL B 637 -41.12 16.41 -1.08
C VAL B 637 -39.91 16.67 -1.95
N GLU B 638 -39.46 17.92 -2.00
CA GLU B 638 -38.27 18.25 -2.80
C GLU B 638 -37.04 18.29 -1.91
N LEU B 639 -36.11 17.37 -2.17
CA LEU B 639 -34.83 17.33 -1.50
C LEU B 639 -33.72 17.65 -2.48
N SER B 640 -32.48 17.32 -2.11
CA SER B 640 -31.35 17.53 -3.00
C SER B 640 -31.44 16.58 -4.18
N SER B 641 -30.60 16.83 -5.19
CA SER B 641 -30.63 16.05 -6.43
C SER B 641 -30.32 14.57 -6.20
N GLY B 642 -30.60 13.76 -7.21
CA GLY B 642 -30.28 12.34 -7.15
C GLY B 642 -29.12 12.02 -8.08
N GLY B 643 -28.65 10.77 -8.01
CA GLY B 643 -27.51 10.33 -8.80
C GLY B 643 -27.69 10.57 -10.28
N ARG B 644 -28.86 10.17 -10.80
CA ARG B 644 -29.17 10.36 -12.21
C ARG B 644 -29.04 11.83 -12.62
N GLU B 645 -29.59 12.72 -11.82
CA GLU B 645 -29.63 14.14 -12.16
C GLU B 645 -28.26 14.79 -12.09
N ARG B 646 -27.50 14.47 -11.04
CA ARG B 646 -26.16 15.00 -10.90
C ARG B 646 -25.30 14.53 -12.05
N LEU B 647 -25.42 13.24 -12.38
CA LEU B 647 -24.63 12.67 -13.48
C LEU B 647 -24.96 13.33 -14.82
N LEU B 648 -26.20 13.81 -14.95
CA LEU B 648 -26.61 14.48 -16.17
C LEU B 648 -26.13 15.92 -16.16
N ASP B 649 -26.08 16.52 -14.98
CA ASP B 649 -25.67 17.91 -14.87
C ASP B 649 -24.18 18.08 -15.13
N GLU B 650 -23.44 16.97 -15.11
CA GLU B 650 -22.00 16.98 -15.37
C GLU B 650 -21.68 17.62 -16.71
N HIS B 651 -22.60 17.47 -17.65
CA HIS B 651 -22.42 18.05 -18.98
C HIS B 651 -22.43 19.57 -18.92
N PHE B 652 -23.24 20.15 -18.03
CA PHE B 652 -23.22 21.60 -17.87
C PHE B 652 -21.91 22.04 -17.25
N LEU B 653 -21.45 21.29 -16.26
CA LEU B 653 -20.18 21.57 -15.57
C LEU B 653 -19.04 21.56 -16.57
N ILE B 654 -19.00 20.51 -17.40
CA ILE B 654 -17.98 20.40 -18.44
C ILE B 654 -18.07 21.56 -19.42
N TYR B 655 -19.30 21.91 -19.81
CA TYR B 655 -19.55 23.04 -20.71
C TYR B 655 -18.98 24.34 -20.17
N MET B 656 -19.22 24.60 -18.89
CA MET B 656 -18.75 25.83 -18.25
C MET B 656 -17.23 25.87 -18.16
N ALA B 657 -16.62 24.70 -17.96
CA ALA B 657 -15.17 24.59 -17.90
C ALA B 657 -14.58 24.86 -19.26
N PHE B 658 -15.10 24.17 -20.27
CA PHE B 658 -14.58 24.26 -21.64
C PHE B 658 -14.75 25.67 -22.23
N SER B 659 -15.74 26.42 -21.74
CA SER B 659 -16.03 27.73 -22.31
C SER B 659 -15.60 28.85 -21.38
N SER B 660 -14.77 28.52 -20.41
CA SER B 660 -14.27 29.50 -19.45
C SER B 660 -13.08 30.37 -19.93
N PRO B 661 -12.21 29.84 -20.80
CA PRO B 661 -11.14 30.75 -21.23
C PRO B 661 -11.53 31.58 -22.45
N SER B 662 -10.75 32.63 -22.74
CA SER B 662 -11.02 33.48 -23.89
C SER B 662 -10.09 33.17 -25.06
N ASP B 663 -8.86 32.80 -24.75
CA ASP B 663 -7.86 32.55 -25.77
C ASP B 663 -7.60 31.07 -26.00
N ARG B 664 -7.24 30.34 -24.95
CA ARG B 664 -6.73 28.98 -25.10
C ARG B 664 -7.39 27.97 -24.17
N LEU B 665 -7.63 26.77 -24.69
CA LEU B 665 -8.18 25.69 -23.88
C LEU B 665 -7.40 24.40 -24.04
N TYR B 666 -6.96 23.82 -22.93
CA TYR B 666 -6.26 22.54 -22.96
C TYR B 666 -7.08 21.48 -22.20
N VAL B 667 -7.25 20.30 -22.80
CA VAL B 667 -7.96 19.21 -22.14
C VAL B 667 -7.08 17.97 -22.09
N SER B 668 -6.58 17.64 -20.91
CA SER B 668 -5.63 16.54 -20.75
C SER B 668 -6.18 15.38 -19.92
N TYR B 669 -5.52 14.22 -20.04
CA TYR B 669 -5.88 13.03 -19.29
C TYR B 669 -4.69 12.08 -19.19
N PRO B 670 -4.50 11.46 -18.01
CA PRO B 670 -3.47 10.45 -17.78
C PRO B 670 -3.95 9.08 -18.23
N ILE B 671 -3.05 8.27 -18.78
CA ILE B 671 -3.42 6.94 -19.26
C ILE B 671 -3.17 5.88 -18.18
N ALA B 672 -2.36 6.22 -17.18
CA ALA B 672 -2.06 5.29 -16.11
C ALA B 672 -2.02 6.03 -14.78
N ASP B 673 -2.39 5.34 -13.71
CA ASP B 673 -2.27 5.93 -12.39
C ASP B 673 -0.82 5.81 -11.93
N ALA B 674 -0.52 6.37 -10.76
CA ALA B 674 0.86 6.41 -10.28
C ALA B 674 1.42 5.02 -10.00
N GLU B 675 0.54 4.03 -9.90
CA GLU B 675 0.96 2.67 -9.64
C GLU B 675 1.18 1.90 -10.94
N GLY B 676 0.71 2.46 -12.05
CA GLY B 676 0.90 1.85 -13.35
C GLY B 676 -0.38 1.31 -13.95
N LYS B 677 -1.40 1.15 -13.10
CA LYS B 677 -2.72 0.69 -13.53
C LYS B 677 -3.27 1.58 -14.64
N THR B 678 -3.95 0.97 -15.61
CA THR B 678 -4.47 1.69 -16.77
C THR B 678 -5.63 2.62 -16.42
N LEU B 679 -5.57 3.85 -16.94
CA LEU B 679 -6.67 4.80 -16.85
C LEU B 679 -7.26 5.05 -18.24
N LEU B 680 -8.58 4.96 -18.36
CA LEU B 680 -9.24 5.10 -19.65
C LEU B 680 -9.68 6.53 -19.92
N PRO B 681 -9.60 6.95 -21.20
CA PRO B 681 -10.10 8.26 -21.62
C PRO B 681 -11.60 8.36 -21.36
N SER B 682 -12.07 9.54 -20.97
CA SER B 682 -13.50 9.72 -20.82
C SER B 682 -14.12 9.96 -22.19
N MET B 683 -15.44 9.92 -22.24
CA MET B 683 -16.15 10.03 -23.51
C MET B 683 -15.94 11.39 -24.18
N ILE B 684 -15.57 12.40 -23.39
CA ILE B 684 -15.45 13.75 -23.92
C ILE B 684 -14.23 13.90 -24.82
N VAL B 685 -13.28 12.99 -24.67
CA VAL B 685 -12.10 12.99 -25.54
C VAL B 685 -12.53 12.62 -26.95
N LYS B 686 -13.38 11.61 -27.05
CA LYS B 686 -13.90 11.18 -28.34
C LYS B 686 -14.84 12.23 -28.92
N ARG B 687 -15.69 12.78 -28.06
CA ARG B 687 -16.59 13.87 -28.42
C ARG B 687 -15.80 15.01 -29.04
N LEU B 688 -14.68 15.36 -28.41
CA LEU B 688 -13.82 16.42 -28.92
C LEU B 688 -13.16 16.06 -30.25
N GLU B 689 -12.78 14.79 -30.39
CA GLU B 689 -12.20 14.30 -31.63
C GLU B 689 -13.21 14.42 -32.76
N GLU B 690 -14.48 14.25 -32.43
CA GLU B 690 -15.55 14.39 -33.41
C GLU B 690 -15.69 15.85 -33.85
N LEU B 691 -15.80 16.75 -32.87
CA LEU B 691 -15.99 18.18 -33.14
C LEU B 691 -14.79 18.82 -33.82
N PHE B 692 -13.60 18.28 -33.55
CA PHE B 692 -12.38 18.79 -34.16
C PHE B 692 -11.54 17.64 -34.74
N PRO B 693 -12.01 17.06 -35.85
CA PRO B 693 -11.38 15.84 -36.38
C PRO B 693 -9.98 16.04 -36.94
N HIS B 694 -9.58 17.28 -37.23
CA HIS B 694 -8.27 17.53 -37.79
C HIS B 694 -7.32 18.13 -36.76
N HIS B 695 -7.72 18.06 -35.49
CA HIS B 695 -6.84 18.50 -34.41
C HIS B 695 -5.95 17.36 -33.96
N LYS B 696 -4.66 17.65 -33.83
CA LYS B 696 -3.69 16.65 -33.39
C LYS B 696 -3.57 16.57 -31.88
N GLU B 697 -3.58 15.36 -31.35
CA GLU B 697 -3.45 15.16 -29.91
C GLU B 697 -1.99 15.24 -29.50
N ARG B 698 -1.71 16.08 -28.50
CA ARG B 698 -0.34 16.22 -28.02
C ARG B 698 0.00 15.14 -27.00
N LEU B 699 1.26 14.72 -26.99
CA LEU B 699 1.75 13.76 -26.02
C LEU B 699 2.47 14.49 -24.89
N LEU B 700 2.21 14.07 -23.65
CA LEU B 700 2.94 14.59 -22.51
C LEU B 700 3.70 13.44 -21.86
N THR B 701 5.03 13.57 -21.80
CA THR B 701 5.87 12.52 -21.25
C THR B 701 7.10 13.12 -20.60
N ASN B 702 7.73 12.35 -19.69
CA ASN B 702 8.96 12.78 -19.06
C ASN B 702 10.15 12.11 -19.74
N GLU B 703 9.90 11.53 -20.91
CA GLU B 703 10.95 10.98 -21.75
C GLU B 703 11.05 11.79 -23.04
N PRO B 704 11.80 12.91 -22.99
CA PRO B 704 11.89 13.89 -24.08
C PRO B 704 12.23 13.30 -25.44
N GLU B 705 12.89 12.14 -25.46
CA GLU B 705 13.30 11.53 -26.73
C GLU B 705 12.13 11.00 -27.55
N GLN B 706 10.91 11.26 -27.09
CA GLN B 706 9.71 10.76 -27.75
C GLN B 706 8.89 11.88 -28.40
N VAL B 707 9.42 13.10 -28.34
CA VAL B 707 8.79 14.24 -28.98
C VAL B 707 9.77 14.95 -29.89
N SER B 708 9.29 15.96 -30.62
CA SER B 708 10.14 16.69 -31.55
C SER B 708 11.17 17.56 -30.83
N ASP B 709 12.22 17.95 -31.55
CA ASP B 709 13.26 18.84 -31.02
C ASP B 709 12.64 20.08 -30.39
N GLU B 710 11.74 20.71 -31.13
CA GLU B 710 11.10 21.94 -30.69
C GLU B 710 10.34 21.74 -29.38
N GLU B 711 9.79 20.55 -29.21
CA GLU B 711 9.04 20.21 -28.01
C GLU B 711 9.97 19.82 -26.87
N GLN B 712 11.15 19.30 -27.23
CA GLN B 712 12.15 18.98 -26.21
C GLN B 712 12.73 20.26 -25.64
N LEU B 713 12.76 21.31 -26.46
CA LEU B 713 13.30 22.60 -26.05
C LEU B 713 12.42 23.24 -24.97
N MET B 714 11.15 22.87 -24.93
CA MET B 714 10.24 23.41 -23.93
C MET B 714 10.57 22.92 -22.53
N TYR B 715 11.37 21.86 -22.46
CA TYR B 715 11.74 21.28 -21.17
C TYR B 715 12.74 22.13 -20.39
N VAL B 716 13.53 22.93 -21.09
CA VAL B 716 14.59 23.69 -20.44
C VAL B 716 14.02 25.01 -19.90
N VAL B 717 13.34 24.92 -18.76
CA VAL B 717 12.66 26.07 -18.17
C VAL B 717 13.48 26.72 -17.06
N ASN B 718 14.28 25.92 -16.36
CA ASN B 718 15.17 26.46 -15.34
C ASN B 718 16.35 25.52 -15.10
N LYS B 719 17.28 25.92 -14.24
CA LYS B 719 18.50 25.16 -14.04
C LYS B 719 18.25 23.74 -13.53
N SER B 720 17.40 23.62 -12.52
CA SER B 720 17.14 22.33 -11.89
C SER B 720 16.46 21.33 -12.83
N VAL B 721 15.38 21.77 -13.48
CA VAL B 721 14.66 20.91 -14.40
C VAL B 721 15.56 20.50 -15.55
N ALA B 722 16.33 21.46 -16.06
CA ALA B 722 17.25 21.20 -17.17
C ALA B 722 18.33 20.20 -16.76
N GLN B 723 18.87 20.38 -15.56
CA GLN B 723 19.82 19.43 -15.01
C GLN B 723 19.21 18.04 -14.96
N SER B 724 18.02 17.95 -14.37
CA SER B 724 17.30 16.69 -14.22
C SER B 724 17.19 15.92 -15.54
N PHE B 725 16.73 16.61 -16.58
CA PHE B 725 16.50 15.97 -17.86
C PHE B 725 17.80 15.71 -18.61
N THR B 726 18.77 16.61 -18.48
CA THR B 726 20.06 16.43 -19.15
C THR B 726 20.76 15.15 -18.70
N ALA B 727 20.64 14.84 -17.42
CA ALA B 727 21.25 13.64 -16.85
C ALA B 727 20.68 12.40 -17.51
N SER B 728 19.36 12.32 -17.57
CA SER B 728 18.69 11.20 -18.22
C SER B 728 19.12 11.07 -19.69
N GLN B 729 19.11 12.20 -20.40
CA GLN B 729 19.47 12.21 -21.82
C GLN B 729 20.92 11.76 -22.04
N LEU B 730 21.80 12.12 -21.12
CA LEU B 730 23.19 11.71 -21.22
C LEU B 730 23.31 10.20 -21.08
N ARG B 731 22.55 9.62 -20.16
CA ARG B 731 22.51 8.17 -19.99
C ARG B 731 22.05 7.50 -21.28
N LEU B 732 20.89 7.93 -21.75
CA LEU B 732 20.31 7.45 -23.00
C LEU B 732 21.30 7.58 -24.15
N TRP B 733 22.03 8.68 -24.17
CA TRP B 733 23.05 8.90 -25.19
C TRP B 733 24.17 7.87 -25.13
N THR B 734 24.56 7.46 -23.93
CA THR B 734 25.61 6.44 -23.79
C THR B 734 25.08 5.07 -24.23
N ARG B 735 23.77 5.01 -24.47
CA ARG B 735 23.15 3.79 -24.96
C ARG B 735 22.97 3.91 -26.47
N GLU B 736 23.84 4.72 -27.08
CA GLU B 736 23.90 4.92 -28.52
C GLU B 736 22.57 5.40 -29.10
N TYR B 737 21.96 6.38 -28.43
CA TYR B 737 20.77 7.05 -28.95
C TYR B 737 21.16 8.45 -29.37
N ASP B 738 20.82 8.84 -30.58
CA ASP B 738 21.11 10.20 -31.01
C ASP B 738 20.13 11.15 -30.34
N ILE B 739 20.48 11.59 -29.14
CA ILE B 739 19.65 12.55 -28.42
C ILE B 739 19.64 13.88 -29.13
N SER B 740 18.57 14.65 -28.91
CA SER B 740 18.41 15.95 -29.54
C SER B 740 19.56 16.90 -29.21
N ASP B 741 19.81 17.85 -30.11
CA ASP B 741 20.84 18.86 -29.89
C ASP B 741 20.41 19.80 -28.78
N VAL B 742 19.11 19.78 -28.46
CA VAL B 742 18.57 20.53 -27.34
C VAL B 742 19.40 20.29 -26.07
N TRP B 743 19.81 19.05 -25.88
CA TRP B 743 20.43 18.63 -24.65
C TRP B 743 21.93 18.87 -24.61
N TRP B 744 22.56 18.93 -25.78
CA TRP B 744 23.96 19.31 -25.83
C TRP B 744 24.09 20.81 -25.62
N SER B 745 23.15 21.57 -26.19
CA SER B 745 23.09 23.01 -25.96
C SER B 745 22.85 23.29 -24.49
N THR B 746 21.84 22.63 -23.94
CA THR B 746 21.52 22.74 -22.51
C THR B 746 22.74 22.41 -21.66
N TYR B 747 23.42 21.33 -22.00
CA TYR B 747 24.61 20.91 -21.29
C TYR B 747 25.67 22.01 -21.29
N ASN B 748 25.98 22.52 -22.47
CA ASN B 748 27.02 23.55 -22.62
C ASN B 748 26.71 24.79 -21.79
N VAL B 749 25.45 25.18 -21.76
CA VAL B 749 25.04 26.33 -20.96
C VAL B 749 25.24 26.04 -19.48
N LEU B 750 24.92 24.82 -19.07
CA LEU B 750 25.07 24.42 -17.67
C LEU B 750 26.55 24.38 -17.28
N MET B 751 27.42 24.17 -18.26
CA MET B 751 28.86 24.14 -18.00
C MET B 751 29.46 25.53 -18.06
N SER B 752 28.76 26.47 -18.68
CA SER B 752 29.21 27.85 -18.74
C SER B 752 28.75 28.60 -17.50
N GLU B 753 27.77 28.03 -16.79
CA GLU B 753 27.21 28.64 -15.59
C GLU B 753 28.27 28.73 -14.50
N GLN B 754 28.04 29.60 -13.52
CA GLN B 754 29.02 29.84 -12.48
C GLN B 754 29.18 28.66 -11.53
N ASP B 755 28.11 27.91 -11.33
CA ASP B 755 28.14 26.74 -10.48
C ASP B 755 28.06 25.45 -11.29
N ARG B 756 28.96 25.34 -12.27
CA ARG B 756 29.02 24.17 -13.13
C ARG B 756 29.45 22.92 -12.35
N LEU B 757 29.96 23.11 -11.15
CA LEU B 757 30.43 22.02 -10.31
C LEU B 757 29.29 21.13 -9.84
N GLN B 758 28.17 21.75 -9.51
CA GLN B 758 26.99 21.02 -9.07
C GLN B 758 26.49 20.10 -10.18
N SER B 759 26.39 20.64 -11.39
CA SER B 759 25.94 19.88 -12.54
C SER B 759 26.96 18.79 -12.89
N LYS B 760 28.23 19.10 -12.69
CA LYS B 760 29.31 18.15 -12.92
C LYS B 760 29.13 16.93 -12.02
N LYS B 761 28.91 17.19 -10.73
CA LYS B 761 28.64 16.14 -9.76
C LYS B 761 27.43 15.31 -10.15
N LEU B 762 26.40 15.98 -10.68
CA LEU B 762 25.19 15.31 -11.13
C LEU B 762 25.48 14.36 -12.30
N PHE B 763 26.24 14.85 -13.28
CA PHE B 763 26.52 14.07 -14.48
C PHE B 763 27.63 13.05 -14.27
N SER B 764 28.22 13.04 -13.07
CA SER B 764 29.22 12.03 -12.73
C SER B 764 28.55 10.68 -12.55
N SER B 765 27.22 10.70 -12.54
CA SER B 765 26.40 9.50 -12.48
C SER B 765 26.59 8.65 -13.71
N LEU B 766 27.03 9.29 -14.79
CA LEU B 766 27.30 8.64 -16.07
C LEU B 766 28.35 7.55 -15.92
N PHE B 767 29.35 7.83 -15.10
CA PHE B 767 30.49 6.94 -14.94
C PHE B 767 30.42 6.23 -13.58
N PHE B 768 29.25 6.29 -12.95
CA PHE B 768 29.10 5.68 -11.64
C PHE B 768 29.15 4.17 -11.71
N ARG B 769 30.16 3.62 -11.05
CA ARG B 769 30.19 2.20 -10.73
C ARG B 769 30.44 2.10 -9.23
N ASN B 770 29.85 1.11 -8.59
CA ASN B 770 29.99 0.97 -7.14
C ASN B 770 31.41 0.59 -6.76
N GLU B 771 32.36 1.50 -7.00
CA GLU B 771 33.77 1.24 -6.75
C GLU B 771 34.14 1.54 -5.30
N VAL B 772 35.04 0.74 -4.75
CA VAL B 772 35.58 1.05 -3.44
C VAL B 772 37.05 1.39 -3.58
N LYS B 773 37.49 2.39 -2.83
CA LYS B 773 38.89 2.78 -2.80
C LYS B 773 39.59 2.01 -1.69
N GLN B 774 40.67 1.31 -2.05
CA GLN B 774 41.47 0.59 -1.07
C GLN B 774 41.96 1.56 0.01
N LEU B 775 41.97 1.09 1.26
CA LEU B 775 42.36 1.91 2.39
C LEU B 775 43.83 2.28 2.31
N GLU B 776 44.14 3.54 2.62
CA GLU B 776 45.52 4.01 2.66
C GLU B 776 46.24 3.46 3.88
N ARG B 777 47.53 3.19 3.70
CA ARG B 777 48.39 2.58 4.72
C ARG B 777 48.18 3.18 6.10
N SER B 778 48.36 4.50 6.18
CA SER B 778 48.15 5.25 7.42
C SER B 778 46.77 4.99 8.03
N VAL B 779 45.74 5.08 7.21
CA VAL B 779 44.36 4.95 7.66
C VAL B 779 44.03 3.55 8.17
N SER B 780 44.37 2.54 7.36
CA SER B 780 44.13 1.15 7.74
C SER B 780 44.87 0.80 9.02
N ARG B 781 46.15 1.17 9.08
CA ARG B 781 46.96 0.95 10.26
C ARG B 781 46.32 1.56 11.50
N GLN B 782 45.84 2.79 11.35
CA GLN B 782 45.23 3.52 12.46
C GLN B 782 43.86 2.95 12.83
N LEU B 783 43.19 2.34 11.87
CA LEU B 783 41.83 1.84 12.08
C LEU B 783 41.79 0.47 12.75
N TYR B 784 42.54 -0.49 12.23
CA TYR B 784 42.59 -1.83 12.81
C TYR B 784 43.62 -1.90 13.93
N GLY B 785 44.43 -0.86 14.04
CA GLY B 785 45.45 -0.80 15.07
C GLY B 785 46.78 -1.41 14.65
N GLU B 786 47.78 -1.22 15.49
CA GLU B 786 49.11 -1.78 15.29
C GLU B 786 49.06 -3.30 15.35
N ARG B 787 48.25 -3.82 16.26
CA ARG B 787 48.13 -5.25 16.50
C ARG B 787 46.68 -5.71 16.38
N ILE B 788 46.35 -6.34 15.25
CA ILE B 788 44.99 -6.80 15.01
C ILE B 788 44.63 -7.90 16.02
N GLN B 789 43.84 -7.52 17.02
CA GLN B 789 43.25 -8.47 17.94
C GLN B 789 41.91 -8.94 17.39
N GLY B 790 41.86 -10.20 16.99
CA GLY B 790 40.67 -10.75 16.37
C GLY B 790 40.43 -12.21 16.68
N SER B 791 39.42 -12.77 16.02
CA SER B 791 39.07 -14.16 16.21
C SER B 791 38.96 -14.85 14.86
N VAL B 792 38.91 -16.18 14.88
CA VAL B 792 38.70 -16.98 13.67
C VAL B 792 37.45 -16.49 12.96
N SER B 793 36.43 -16.18 13.74
CA SER B 793 35.16 -15.63 13.25
C SER B 793 35.38 -14.44 12.32
N ARG B 794 36.20 -13.50 12.78
CA ARG B 794 36.51 -12.27 12.03
C ARG B 794 37.20 -12.58 10.70
N MET B 795 38.17 -13.49 10.74
CA MET B 795 38.89 -13.89 9.54
C MET B 795 37.94 -14.55 8.54
N GLU B 796 36.99 -15.32 9.05
CA GLU B 796 35.99 -15.98 8.22
C GLU B 796 35.10 -14.96 7.55
N THR B 797 34.72 -13.93 8.29
CA THR B 797 33.94 -12.83 7.73
C THR B 797 34.69 -12.19 6.56
N PHE B 798 35.97 -11.92 6.77
CA PHE B 798 36.79 -11.32 5.72
C PHE B 798 36.82 -12.21 4.48
N ASN B 799 36.95 -13.52 4.69
CA ASN B 799 37.00 -14.45 3.58
C ASN B 799 35.68 -14.56 2.83
N ALA B 800 34.60 -14.16 3.49
CA ALA B 800 33.28 -14.15 2.85
C ALA B 800 33.19 -12.95 1.93
N CYS B 801 33.58 -11.79 2.46
CA CYS B 801 33.55 -10.54 1.73
C CYS B 801 34.35 -9.50 2.48
N PRO B 802 35.45 -9.01 1.86
CA PRO B 802 36.29 -8.01 2.51
C PRO B 802 35.51 -6.79 2.99
N PHE B 803 34.55 -6.32 2.20
CA PHE B 803 33.79 -5.15 2.60
C PHE B 803 33.00 -5.40 3.88
N SER B 804 32.34 -6.55 3.95
CA SER B 804 31.56 -6.89 5.14
C SER B 804 32.47 -6.87 6.37
N HIS B 805 33.70 -7.34 6.20
CA HIS B 805 34.67 -7.26 7.28
C HIS B 805 35.00 -5.81 7.62
N PHE B 806 35.00 -4.96 6.60
CA PHE B 806 35.29 -3.55 6.78
C PHE B 806 34.18 -2.87 7.58
N ALA B 807 32.94 -3.12 7.18
CA ALA B 807 31.79 -2.52 7.85
C ALA B 807 31.68 -3.03 9.29
N SER B 808 32.05 -4.29 9.51
CA SER B 808 31.87 -4.94 10.81
C SER B 808 33.01 -4.61 11.78
N HIS B 809 34.24 -4.85 11.35
CA HIS B 809 35.38 -4.75 12.25
C HIS B 809 36.22 -3.49 12.03
N GLY B 810 35.98 -2.81 10.92
CA GLY B 810 36.64 -1.55 10.65
C GLY B 810 35.83 -0.37 11.15
N LEU B 811 34.60 -0.26 10.66
CA LEU B 811 33.72 0.86 11.00
C LEU B 811 32.85 0.56 12.22
N HIS B 812 32.88 -0.69 12.68
CA HIS B 812 32.14 -1.13 13.85
C HIS B 812 30.68 -0.71 13.82
N LEU B 813 30.09 -0.77 12.63
CA LEU B 813 28.68 -0.46 12.44
C LEU B 813 27.80 -1.47 13.13
N LYS B 814 27.08 -1.02 14.16
CA LYS B 814 26.17 -1.89 14.89
C LYS B 814 24.76 -1.72 14.35
N GLU B 815 24.02 -2.82 14.26
CA GLU B 815 22.62 -2.73 13.86
C GLU B 815 21.73 -2.47 15.07
N ARG B 816 20.59 -1.84 14.84
CA ARG B 816 19.67 -1.47 15.90
C ARG B 816 19.19 -2.68 16.69
N GLN B 817 19.36 -2.63 18.00
CA GLN B 817 19.05 -3.77 18.87
C GLN B 817 17.55 -3.88 19.20
N PHE B 818 17.07 -5.12 19.30
CA PHE B 818 15.66 -5.34 19.61
C PHE B 818 15.47 -6.23 20.82
N PHE B 819 14.37 -6.03 21.53
CA PHE B 819 13.99 -6.87 22.67
C PHE B 819 13.43 -8.18 22.14
N LYS B 820 14.33 -9.06 21.74
CA LYS B 820 13.97 -10.25 20.96
C LYS B 820 15.03 -11.34 21.15
N LEU B 821 14.56 -12.58 21.32
CA LEU B 821 15.46 -13.69 21.59
C LEU B 821 15.92 -14.36 20.29
N GLU B 822 17.15 -14.09 19.89
CA GLU B 822 17.68 -14.63 18.64
C GLU B 822 18.48 -15.91 18.90
N ALA B 823 18.96 -16.52 17.82
CA ALA B 823 19.70 -17.79 17.89
C ALA B 823 21.03 -17.69 18.66
N PRO B 824 21.86 -16.67 18.37
CA PRO B 824 23.12 -16.59 19.11
C PRO B 824 22.96 -16.58 20.63
N ASP B 825 21.99 -15.81 21.13
CA ASP B 825 21.74 -15.72 22.57
C ASP B 825 21.41 -17.09 23.15
N ILE B 826 20.55 -17.83 22.45
CA ILE B 826 20.19 -19.18 22.85
C ILE B 826 21.43 -20.08 22.88
N GLY B 827 22.27 -19.94 21.86
CA GLY B 827 23.52 -20.68 21.78
C GLY B 827 24.38 -20.46 23.00
N GLN B 828 24.55 -19.19 23.37
CA GLN B 828 25.31 -18.83 24.56
C GLN B 828 24.69 -19.47 25.81
N LEU B 829 23.36 -19.54 25.84
CA LEU B 829 22.68 -20.16 26.97
C LEU B 829 23.01 -21.64 27.05
N PHE B 830 22.99 -22.31 25.90
CA PHE B 830 23.31 -23.73 25.84
C PHE B 830 24.71 -23.99 26.33
N HIS B 831 25.69 -23.30 25.73
CA HIS B 831 27.09 -23.42 26.10
C HIS B 831 27.31 -23.20 27.60
N SER B 832 26.90 -22.03 28.09
CA SER B 832 27.07 -21.68 29.49
C SER B 832 26.38 -22.66 30.43
N SER B 833 25.21 -23.16 30.02
CA SER B 833 24.48 -24.14 30.81
C SER B 833 25.29 -25.42 30.99
N LEU B 834 25.79 -25.95 29.88
CA LEU B 834 26.59 -27.17 29.90
C LEU B 834 27.83 -26.99 30.77
N LYS B 835 28.43 -25.80 30.69
CA LYS B 835 29.58 -25.46 31.52
C LYS B 835 29.22 -25.53 33.00
N LEU B 836 28.14 -24.85 33.38
CA LEU B 836 27.67 -24.83 34.77
C LEU B 836 27.44 -26.24 35.30
N ILE B 837 26.78 -27.07 34.49
CA ILE B 837 26.51 -28.45 34.87
C ILE B 837 27.82 -29.22 35.03
N SER B 838 28.77 -28.95 34.13
CA SER B 838 30.05 -29.62 34.15
C SER B 838 30.83 -29.29 35.41
N ASP B 839 30.92 -28.00 35.75
CA ASP B 839 31.60 -27.58 36.97
C ASP B 839 30.93 -28.16 38.21
N ARG B 840 29.59 -28.13 38.23
CA ARG B 840 28.85 -28.70 39.35
C ARG B 840 29.13 -30.19 39.47
N LEU B 841 29.29 -30.85 38.34
CA LEU B 841 29.61 -32.28 38.34
C LEU B 841 30.97 -32.55 39.00
N ARG B 842 31.94 -31.68 38.75
CA ARG B 842 33.27 -31.87 39.32
C ARG B 842 33.26 -31.54 40.81
N ASP B 843 32.42 -30.58 41.19
CA ASP B 843 32.30 -30.16 42.58
C ASP B 843 31.77 -31.29 43.46
N GLU B 844 30.84 -32.07 42.93
CA GLU B 844 30.20 -33.11 43.72
C GLU B 844 30.85 -34.46 43.47
N LYS B 845 32.07 -34.44 42.94
CA LYS B 845 32.82 -35.66 42.60
C LYS B 845 32.02 -36.58 41.70
N LEU B 846 31.12 -35.99 40.92
CA LEU B 846 30.28 -36.76 39.99
C LEU B 846 30.87 -36.72 38.60
N ASP B 847 30.55 -37.73 37.81
CA ASP B 847 30.97 -37.78 36.41
C ASP B 847 29.77 -37.96 35.51
N TRP B 848 29.89 -37.51 34.26
CA TRP B 848 28.80 -37.58 33.30
C TRP B 848 28.20 -38.99 33.19
N ARG B 849 29.02 -40.00 33.41
CA ARG B 849 28.55 -41.38 33.41
C ARG B 849 27.57 -41.64 34.55
N ASP B 850 27.83 -40.99 35.68
CA ASP B 850 27.10 -41.28 36.91
C ASP B 850 25.81 -40.46 37.06
N LEU B 851 25.41 -39.80 35.98
CA LEU B 851 24.19 -39.01 36.01
C LEU B 851 22.96 -39.88 35.81
N THR B 852 21.94 -39.62 36.62
CA THR B 852 20.65 -40.28 36.47
C THR B 852 19.70 -39.36 35.71
N LYS B 853 18.50 -39.85 35.41
CA LYS B 853 17.53 -39.03 34.69
C LYS B 853 17.09 -37.87 35.58
N GLU B 854 16.84 -38.17 36.85
CA GLU B 854 16.46 -37.14 37.82
C GLU B 854 17.53 -36.07 37.97
N GLN B 855 18.79 -36.49 38.04
CA GLN B 855 19.90 -35.56 38.19
C GLN B 855 20.05 -34.64 36.99
N CYS B 856 19.99 -35.24 35.79
CA CYS B 856 20.06 -34.48 34.55
C CYS B 856 19.03 -33.36 34.52
N GLU B 857 17.79 -33.70 34.87
CA GLU B 857 16.71 -32.73 34.89
C GLU B 857 16.98 -31.62 35.91
N LEU B 858 17.37 -32.01 37.12
CA LEU B 858 17.62 -31.05 38.19
C LEU B 858 18.73 -30.06 37.82
N PHE B 859 19.84 -30.59 37.31
CA PHE B 859 20.99 -29.76 37.01
C PHE B 859 20.71 -28.82 35.85
N SER B 860 20.04 -29.33 34.83
CA SER B 860 19.65 -28.54 33.67
C SER B 860 18.76 -27.38 34.09
N TYR B 861 17.74 -27.70 34.89
CA TYR B 861 16.81 -26.69 35.39
C TYR B 861 17.55 -25.60 36.17
N ASP B 862 18.43 -26.02 37.07
CA ASP B 862 19.10 -25.07 37.97
C ASP B 862 20.01 -24.16 37.18
N ALA B 863 20.71 -24.76 36.22
CA ALA B 863 21.64 -24.02 35.38
C ALA B 863 20.94 -22.96 34.55
N VAL B 864 19.90 -23.36 33.82
CA VAL B 864 19.12 -22.41 33.02
C VAL B 864 18.55 -21.31 33.90
N GLU B 865 18.03 -21.71 35.07
CA GLU B 865 17.48 -20.78 36.04
C GLU B 865 18.48 -19.70 36.42
N ARG B 866 19.74 -20.10 36.63
CA ARG B 866 20.78 -19.15 36.99
C ARG B 866 21.04 -18.15 35.86
N LEU B 867 21.07 -18.67 34.63
CA LEU B 867 21.48 -17.89 33.47
C LEU B 867 20.38 -16.97 32.92
N ALA B 868 19.13 -17.32 33.20
CA ALA B 868 17.98 -16.61 32.63
C ALA B 868 17.98 -15.11 32.90
N PRO B 869 18.26 -14.67 34.15
CA PRO B 869 18.27 -13.21 34.35
C PRO B 869 19.37 -12.49 33.58
N LYS B 870 20.44 -13.19 33.25
CA LYS B 870 21.58 -12.57 32.57
C LYS B 870 21.38 -12.44 31.07
N LEU B 871 20.54 -13.30 30.51
CA LEU B 871 20.39 -13.40 29.06
C LEU B 871 19.46 -12.34 28.46
N GLN B 872 19.95 -11.65 27.44
CA GLN B 872 19.18 -10.69 26.63
C GLN B 872 18.22 -9.82 27.43
N LYS B 873 18.79 -8.95 28.26
CA LYS B 873 18.04 -7.98 29.07
C LYS B 873 16.81 -8.59 29.73
N GLU B 874 17.01 -9.76 30.32
CA GLU B 874 15.97 -10.44 31.11
C GLU B 874 14.72 -10.77 30.31
N ILE B 875 14.86 -11.05 29.02
CA ILE B 875 13.69 -11.29 28.16
C ILE B 875 12.97 -12.60 28.49
N LEU B 876 13.70 -13.55 29.08
CA LEU B 876 13.09 -14.82 29.45
C LEU B 876 12.19 -14.68 30.67
N LEU B 877 12.21 -13.49 31.26
CA LEU B 877 11.38 -13.20 32.43
C LEU B 877 10.34 -12.14 32.10
N SER B 878 10.24 -11.78 30.82
CA SER B 878 9.47 -10.62 30.39
C SER B 878 8.01 -10.92 30.06
N SER B 879 7.68 -12.21 30.00
CA SER B 879 6.33 -12.63 29.62
C SER B 879 6.10 -14.11 29.88
N ASN B 880 4.85 -14.53 29.80
CA ASN B 880 4.50 -15.92 30.02
C ASN B 880 4.94 -16.77 28.85
N ARG B 881 4.80 -16.20 27.65
CA ARG B 881 5.28 -16.85 26.43
C ARG B 881 6.77 -17.15 26.52
N HIS B 882 7.52 -16.24 27.14
CA HIS B 882 8.95 -16.41 27.30
C HIS B 882 9.28 -17.36 28.43
N TYR B 883 8.40 -17.41 29.43
CA TYR B 883 8.53 -18.41 30.49
C TYR B 883 8.51 -19.80 29.86
N TYR B 884 7.66 -19.96 28.85
CA TYR B 884 7.55 -21.26 28.19
C TYR B 884 8.75 -21.55 27.30
N VAL B 885 9.29 -20.49 26.68
CA VAL B 885 10.49 -20.63 25.88
C VAL B 885 11.59 -21.12 26.80
N LYS B 886 11.64 -20.55 28.00
CA LYS B 886 12.61 -20.94 29.01
C LYS B 886 12.47 -22.42 29.39
N GLU B 887 11.23 -22.88 29.56
CA GLU B 887 10.98 -24.28 29.89
C GLU B 887 11.43 -25.18 28.75
N LYS B 888 11.16 -24.75 27.53
CA LYS B 888 11.59 -25.47 26.33
C LYS B 888 13.09 -25.65 26.32
N LEU B 889 13.81 -24.57 26.58
CA LEU B 889 15.27 -24.59 26.63
C LEU B 889 15.76 -25.56 27.71
N GLN B 890 15.01 -25.61 28.81
CA GLN B 890 15.34 -26.51 29.91
C GLN B 890 15.17 -27.97 29.49
N LYS B 891 14.12 -28.24 28.74
CA LYS B 891 13.90 -29.59 28.21
C LYS B 891 15.06 -29.99 27.31
N ILE B 892 15.52 -29.06 26.46
CA ILE B 892 16.64 -29.33 25.56
C ILE B 892 17.92 -29.67 26.34
N VAL B 893 18.25 -28.83 27.32
CA VAL B 893 19.46 -29.02 28.11
C VAL B 893 19.40 -30.34 28.86
N THR B 894 18.20 -30.70 29.32
CA THR B 894 18.01 -31.97 30.02
C THR B 894 18.34 -33.15 29.11
N ARG B 895 17.71 -33.19 27.94
CA ARG B 895 17.96 -34.30 27.01
C ARG B 895 19.43 -34.37 26.60
N VAL B 896 20.03 -33.20 26.37
CA VAL B 896 21.43 -33.13 25.98
C VAL B 896 22.33 -33.69 27.07
N SER B 897 22.04 -33.34 28.32
CA SER B 897 22.78 -33.88 29.46
C SER B 897 22.72 -35.41 29.45
N GLY B 898 21.52 -35.93 29.20
CA GLY B 898 21.31 -37.35 29.12
C GLY B 898 22.16 -37.99 28.03
N ILE B 899 22.19 -37.35 26.86
CA ILE B 899 22.93 -37.86 25.72
C ILE B 899 24.43 -37.86 25.97
N LEU B 900 24.94 -36.74 26.46
CA LEU B 900 26.34 -36.62 26.81
C LEU B 900 26.73 -37.68 27.83
N SER B 901 25.81 -37.97 28.75
CA SER B 901 26.01 -39.02 29.73
C SER B 901 26.19 -40.39 29.08
N GLU B 902 25.38 -40.66 28.06
CA GLU B 902 25.44 -41.93 27.34
C GLU B 902 26.74 -42.02 26.55
N HIS B 903 27.14 -40.90 25.95
CA HIS B 903 28.36 -40.88 25.14
C HIS B 903 29.61 -41.06 25.99
N ALA B 904 29.62 -40.46 27.18
CA ALA B 904 30.74 -40.60 28.10
C ALA B 904 30.92 -42.06 28.48
N LYS B 905 29.82 -42.78 28.62
CA LYS B 905 29.85 -44.19 29.00
C LYS B 905 30.33 -45.09 27.86
N ALA B 906 30.53 -44.51 26.69
CA ALA B 906 30.92 -45.30 25.52
C ALA B 906 32.16 -44.76 24.83
N SER B 907 32.76 -43.71 25.39
CA SER B 907 33.95 -43.13 24.78
C SER B 907 35.20 -43.37 25.60
N GLY B 908 36.34 -43.49 24.92
CA GLY B 908 37.63 -43.61 25.57
C GLY B 908 38.26 -42.25 25.76
N PHE B 909 37.60 -41.23 25.20
CA PHE B 909 38.04 -39.84 25.36
C PHE B 909 37.42 -39.21 26.61
N VAL B 910 38.24 -38.45 27.33
CA VAL B 910 37.78 -37.70 28.49
C VAL B 910 38.05 -36.22 28.25
N PRO B 911 37.10 -35.35 28.60
CA PRO B 911 37.36 -33.93 28.39
C PRO B 911 38.49 -33.38 29.26
N ILE B 912 39.51 -32.81 28.62
CA ILE B 912 40.55 -32.08 29.31
C ILE B 912 40.01 -30.73 29.76
N GLY B 913 39.41 -30.02 28.82
CA GLY B 913 38.95 -28.66 29.05
C GLY B 913 37.62 -28.36 28.39
N LEU B 914 36.82 -27.56 29.07
CA LEU B 914 35.51 -27.16 28.59
C LEU B 914 35.45 -25.63 28.53
N GLU B 915 35.09 -25.08 27.38
CA GLU B 915 35.14 -23.65 27.13
C GLU B 915 36.53 -23.11 27.46
N LEU B 916 37.53 -23.78 26.90
CA LEU B 916 38.93 -23.48 27.16
C LEU B 916 39.42 -22.32 26.28
N GLY B 917 39.58 -21.16 26.89
CA GLY B 917 40.00 -19.98 26.15
C GLY B 917 41.46 -20.01 25.73
N PHE B 918 41.73 -19.62 24.49
CA PHE B 918 43.11 -19.44 24.02
C PHE B 918 43.37 -17.97 23.78
N GLY B 919 44.61 -17.54 23.99
CA GLY B 919 44.94 -16.13 23.89
C GLY B 919 44.28 -15.34 25.00
N GLY B 920 44.20 -14.03 24.82
CA GLY B 920 43.61 -13.16 25.82
C GLY B 920 44.31 -13.29 27.15
N LYS B 921 43.57 -13.74 28.16
CA LYS B 921 44.14 -13.97 29.48
C LYS B 921 43.86 -15.39 29.97
N GLY B 922 43.41 -16.24 29.04
CA GLY B 922 43.09 -17.62 29.37
C GLY B 922 44.34 -18.49 29.45
N PRO B 923 44.13 -19.81 29.58
CA PRO B 923 45.21 -20.80 29.70
C PRO B 923 46.13 -20.84 28.49
N LEU B 924 45.57 -21.25 27.35
CA LEU B 924 46.34 -21.38 26.12
C LEU B 924 46.75 -20.01 25.57
N PRO B 925 47.94 -19.94 24.96
CA PRO B 925 48.41 -18.69 24.34
C PRO B 925 47.78 -18.46 22.98
N PRO B 926 47.80 -17.21 22.49
CA PRO B 926 47.14 -16.91 21.21
C PRO B 926 47.86 -17.51 20.01
N LEU B 927 47.24 -17.37 18.84
CA LEU B 927 47.87 -17.77 17.59
C LEU B 927 48.38 -16.51 16.89
N THR B 928 49.69 -16.29 16.96
CA THR B 928 50.27 -15.04 16.45
C THR B 928 50.73 -15.15 15.00
N PHE B 929 50.65 -14.03 14.29
CA PHE B 929 51.09 -13.95 12.90
C PHE B 929 51.87 -12.66 12.67
N GLN B 930 52.95 -12.76 11.91
CA GLN B 930 53.75 -11.58 11.59
C GLN B 930 53.43 -11.06 10.19
N LEU B 931 52.88 -9.85 10.12
CA LEU B 931 52.55 -9.25 8.84
C LEU B 931 53.65 -8.29 8.43
N LYS B 932 53.90 -8.20 7.12
CA LYS B 932 55.06 -7.49 6.58
C LYS B 932 55.12 -6.01 6.96
N ASN B 933 53.95 -5.40 7.17
CA ASN B 933 53.87 -4.01 7.61
C ASN B 933 54.56 -3.81 8.96
N GLY B 934 54.78 -4.91 9.69
CA GLY B 934 55.30 -4.83 11.03
C GLY B 934 54.13 -4.99 11.97
N CYS B 935 52.94 -4.75 11.44
CA CYS B 935 51.71 -5.02 12.17
C CYS B 935 51.63 -6.51 12.48
N THR B 936 51.17 -6.82 13.68
CA THR B 936 51.08 -8.21 14.12
C THR B 936 49.60 -8.60 14.25
N MET B 937 49.27 -9.83 13.90
CA MET B 937 47.90 -10.31 14.04
C MET B 937 47.81 -11.35 15.16
N GLU B 938 46.92 -11.10 16.11
CA GLU B 938 46.73 -12.00 17.24
C GLU B 938 45.30 -12.53 17.29
N LEU B 939 45.15 -13.85 17.22
CA LEU B 939 43.83 -14.48 17.22
C LEU B 939 43.49 -15.11 18.56
N VAL B 940 42.46 -14.58 19.22
CA VAL B 940 42.06 -15.09 20.53
C VAL B 940 40.61 -15.57 20.52
N GLY B 941 40.31 -16.54 21.38
CA GLY B 941 38.97 -17.11 21.41
C GLY B 941 38.77 -18.16 22.49
N ARG B 942 37.99 -19.19 22.16
CA ARG B 942 37.53 -20.17 23.13
C ARG B 942 37.12 -21.49 22.49
N ILE B 943 37.82 -22.57 22.84
CA ILE B 943 37.46 -23.90 22.34
C ILE B 943 36.35 -24.50 23.19
N ASP B 944 35.33 -25.03 22.54
CA ASP B 944 34.18 -25.61 23.24
C ASP B 944 34.58 -26.79 24.11
N ARG B 945 35.20 -27.79 23.50
CA ARG B 945 35.65 -28.95 24.26
C ARG B 945 36.87 -29.61 23.61
N VAL B 946 37.82 -30.01 24.45
CA VAL B 946 38.97 -30.79 24.01
C VAL B 946 39.02 -32.12 24.78
N ASP B 947 39.18 -33.21 24.05
CA ASP B 947 39.19 -34.54 24.64
C ASP B 947 40.54 -35.23 24.46
N LYS B 948 41.02 -35.89 25.52
CA LYS B 948 42.23 -36.70 25.41
C LYS B 948 41.91 -38.18 25.56
N ALA B 949 42.74 -39.00 24.93
CA ALA B 949 42.59 -40.45 25.03
C ALA B 949 43.93 -41.12 24.75
N GLU B 950 44.32 -42.04 25.63
CA GLU B 950 45.56 -42.79 25.46
C GLU B 950 45.40 -43.85 24.39
N SER B 951 46.49 -44.17 23.68
CA SER B 951 46.43 -45.17 22.63
C SER B 951 47.80 -45.78 22.34
N SER B 952 47.82 -46.76 21.44
CA SER B 952 49.07 -47.40 21.02
C SER B 952 49.92 -46.41 20.22
N LYS B 953 49.25 -45.58 19.43
CA LYS B 953 49.93 -44.57 18.63
C LYS B 953 50.50 -43.46 19.51
N GLY B 954 49.83 -43.22 20.64
CA GLY B 954 50.29 -42.22 21.59
C GLY B 954 49.13 -41.48 22.24
N LEU B 955 49.38 -40.24 22.65
CA LEU B 955 48.33 -39.40 23.20
C LEU B 955 47.47 -38.83 22.09
N LEU B 956 46.16 -38.97 22.23
CA LEU B 956 45.24 -38.49 21.19
C LEU B 956 44.36 -37.35 21.67
N LEU B 957 44.26 -36.31 20.85
CA LEU B 957 43.40 -35.16 21.13
C LEU B 957 42.34 -35.00 20.06
N ARG B 958 41.12 -34.67 20.48
CA ARG B 958 40.06 -34.33 19.54
C ARG B 958 39.35 -33.08 20.02
N ILE B 959 38.73 -32.36 19.09
CA ILE B 959 38.00 -31.15 19.43
C ILE B 959 36.51 -31.35 19.17
N VAL B 960 35.68 -30.98 20.13
CA VAL B 960 34.23 -31.10 19.99
C VAL B 960 33.57 -29.73 20.15
N ALA B 961 32.70 -29.39 19.20
CA ALA B 961 32.00 -28.11 19.25
C ALA B 961 30.51 -28.31 19.36
N TYR B 962 29.88 -27.56 20.27
CA TYR B 962 28.44 -27.58 20.44
C TYR B 962 27.77 -26.66 19.43
N LYS B 963 27.15 -27.25 18.41
CA LYS B 963 26.49 -26.46 17.38
C LYS B 963 24.97 -26.62 17.44
N SER B 964 24.26 -25.55 17.13
CA SER B 964 22.81 -25.55 17.15
C SER B 964 22.26 -25.83 15.76
N SER B 965 23.00 -26.63 15.00
CA SER B 965 22.63 -27.00 13.63
C SER B 965 22.92 -28.47 13.38
N ASP B 966 22.50 -28.97 12.22
CA ASP B 966 22.61 -30.39 11.94
C ASP B 966 23.89 -30.76 11.17
N LYS B 967 24.43 -29.80 10.42
CA LYS B 967 25.56 -30.10 9.53
C LYS B 967 26.92 -30.03 10.22
N GLY B 968 27.93 -30.62 9.57
CA GLY B 968 29.25 -30.76 10.16
C GLY B 968 30.32 -29.91 9.50
N LEU B 969 31.31 -30.57 8.90
CA LEU B 969 32.45 -29.85 8.31
C LEU B 969 32.56 -30.07 6.80
N ASP B 970 32.51 -28.97 6.06
CA ASP B 970 32.65 -29.00 4.61
C ASP B 970 34.07 -28.59 4.22
N LEU B 971 34.82 -29.53 3.65
CA LEU B 971 36.21 -29.29 3.30
C LEU B 971 36.35 -28.20 2.25
N ALA B 972 35.31 -28.04 1.43
CA ALA B 972 35.30 -26.97 0.43
C ALA B 972 35.31 -25.61 1.11
N GLU B 973 34.47 -25.45 2.13
CA GLU B 973 34.40 -24.21 2.89
C GLU B 973 35.71 -23.94 3.63
N VAL B 974 36.37 -25.01 4.06
CA VAL B 974 37.67 -24.89 4.70
C VAL B 974 38.69 -24.34 3.71
N TYR B 975 38.63 -24.84 2.47
CA TYR B 975 39.54 -24.41 1.43
C TYR B 975 39.42 -22.92 1.16
N TYR B 976 38.19 -22.43 1.13
CA TYR B 976 37.95 -21.02 0.83
C TYR B 976 37.97 -20.15 2.09
N GLY B 977 38.31 -20.75 3.21
CA GLY B 977 38.46 -20.02 4.46
C GLY B 977 37.15 -19.56 5.06
N LEU B 978 36.09 -20.31 4.83
CA LEU B 978 34.77 -19.98 5.38
C LEU B 978 34.51 -20.78 6.64
N ALA B 979 35.22 -21.90 6.79
CA ALA B 979 35.10 -22.77 7.95
C ALA B 979 36.48 -23.09 8.53
N LEU B 980 36.91 -22.31 9.52
CA LEU B 980 38.28 -22.37 9.99
C LEU B 980 38.42 -22.58 11.50
N GLN B 981 37.29 -22.55 12.22
CA GLN B 981 37.34 -22.60 13.68
C GLN B 981 37.87 -23.93 14.20
N MET B 982 37.21 -25.02 13.83
CA MET B 982 37.56 -26.35 14.32
C MET B 982 39.02 -26.73 14.11
N LEU B 983 39.48 -26.62 12.87
CA LEU B 983 40.85 -26.98 12.52
C LEU B 983 41.86 -26.07 13.24
N THR B 984 41.43 -24.85 13.54
CA THR B 984 42.28 -23.93 14.29
C THR B 984 42.42 -24.39 15.73
N TYR B 985 41.32 -24.83 16.32
CA TYR B 985 41.32 -25.33 17.69
C TYR B 985 42.17 -26.59 17.79
N LEU B 986 42.04 -27.47 16.81
CA LEU B 986 42.82 -28.69 16.75
C LEU B 986 44.30 -28.35 16.61
N ASP B 987 44.59 -27.41 15.72
CA ASP B 987 45.96 -26.94 15.49
C ASP B 987 46.61 -26.48 16.79
N LEU B 988 45.92 -25.62 17.51
CA LEU B 988 46.43 -25.09 18.78
C LEU B 988 46.62 -26.20 19.82
N SER B 989 45.60 -27.01 20.00
CA SER B 989 45.62 -28.08 21.00
C SER B 989 46.78 -29.05 20.78
N ILE B 990 47.06 -29.36 19.51
CA ILE B 990 48.15 -30.27 19.19
C ILE B 990 49.51 -29.60 19.36
N THR B 991 49.62 -28.36 18.88
CA THR B 991 50.88 -27.64 18.94
C THR B 991 51.32 -27.36 20.37
N HIS B 992 50.35 -27.19 21.27
CA HIS B 992 50.66 -26.85 22.65
C HIS B 992 50.41 -28.00 23.62
N SER B 993 50.13 -29.19 23.09
CA SER B 993 49.81 -30.34 23.91
C SER B 993 50.92 -30.66 24.92
N ALA B 994 52.16 -30.74 24.43
CA ALA B 994 53.31 -31.05 25.28
C ALA B 994 53.44 -30.07 26.43
N ASP B 995 53.37 -28.79 26.13
CA ASP B 995 53.51 -27.74 27.14
C ASP B 995 52.29 -27.71 28.07
N TRP B 996 51.10 -27.79 27.48
CA TRP B 996 49.85 -27.64 28.22
C TRP B 996 49.49 -28.90 29.00
N LEU B 997 49.70 -30.06 28.40
CA LEU B 997 49.35 -31.32 29.05
C LEU B 997 50.56 -32.02 29.67
N GLY B 998 51.58 -32.28 28.85
CA GLY B 998 52.76 -32.97 29.31
C GLY B 998 53.42 -33.76 28.20
N MET B 999 52.60 -34.22 27.25
CA MET B 999 53.09 -35.03 26.14
C MET B 999 52.59 -34.49 24.80
N ARG B 1000 53.39 -34.66 23.75
CA ARG B 1000 52.95 -34.33 22.40
C ARG B 1000 51.82 -35.29 21.98
N ALA B 1001 50.84 -34.77 21.27
CA ALA B 1001 49.67 -35.56 20.91
C ALA B 1001 49.47 -35.68 19.41
N THR B 1002 48.49 -36.49 19.02
CA THR B 1002 48.14 -36.68 17.61
C THR B 1002 46.67 -36.32 17.40
N PRO B 1003 46.39 -35.56 16.32
CA PRO B 1003 45.01 -35.23 15.94
C PRO B 1003 44.12 -36.46 15.80
N ALA B 1004 43.15 -36.61 16.70
CA ALA B 1004 42.20 -37.70 16.62
C ALA B 1004 40.99 -37.28 15.79
N GLY B 1005 40.69 -35.99 15.78
CA GLY B 1005 39.63 -35.47 14.95
C GLY B 1005 38.95 -34.22 15.44
N VAL B 1006 37.94 -33.79 14.68
CA VAL B 1006 37.10 -32.64 15.06
C VAL B 1006 35.64 -33.07 14.92
N LEU B 1007 34.85 -32.81 15.95
CA LEU B 1007 33.47 -33.28 16.00
C LEU B 1007 32.46 -32.19 16.34
N TYR B 1008 31.30 -32.23 15.70
CA TYR B 1008 30.21 -31.31 15.98
C TYR B 1008 29.11 -32.00 16.78
N PHE B 1009 28.64 -31.36 17.85
CA PHE B 1009 27.54 -31.91 18.61
C PHE B 1009 26.29 -31.05 18.48
N HIS B 1010 25.22 -31.66 17.98
CA HIS B 1010 23.96 -30.97 17.74
C HIS B 1010 23.11 -30.89 19.00
N ILE B 1011 23.07 -29.71 19.63
CA ILE B 1011 22.24 -29.48 20.80
C ILE B 1011 20.81 -29.19 20.36
N HIS B 1012 19.91 -30.14 20.63
CA HIS B 1012 18.51 -30.00 20.27
C HIS B 1012 17.70 -31.10 20.91
N ASP B 1013 16.38 -30.93 20.95
CA ASP B 1013 15.48 -31.96 21.46
C ASP B 1013 14.69 -32.55 20.31
N PRO B 1014 15.24 -33.61 19.68
CA PRO B 1014 14.70 -34.13 18.42
C PRO B 1014 13.32 -34.75 18.54
N MET B 1015 12.66 -34.90 17.39
CA MET B 1015 11.39 -35.59 17.29
C MET B 1015 11.55 -36.78 16.34
N ILE B 1016 11.08 -37.94 16.76
CA ILE B 1016 11.26 -39.14 15.95
C ILE B 1016 10.08 -39.40 15.03
N GLN B 1017 10.35 -39.53 13.74
CA GLN B 1017 9.32 -39.85 12.74
C GLN B 1017 9.47 -41.28 12.26
N SER B 1018 8.71 -42.19 12.87
CA SER B 1018 8.87 -43.62 12.58
C SER B 1018 7.64 -44.20 11.91
N ASN B 1019 7.86 -45.02 10.89
CA ASN B 1019 6.77 -45.70 10.20
C ASN B 1019 6.42 -47.00 10.90
N LEU B 1020 7.37 -47.53 11.66
CA LEU B 1020 7.14 -48.75 12.41
C LEU B 1020 6.80 -48.44 13.87
N PRO B 1021 5.84 -49.17 14.45
CA PRO B 1021 5.57 -48.99 15.87
C PRO B 1021 6.78 -49.34 16.70
N LEU B 1022 7.17 -48.45 17.61
CA LEU B 1022 8.37 -48.68 18.40
C LEU B 1022 8.06 -48.88 19.87
N GLY B 1023 8.76 -49.83 20.49
CA GLY B 1023 8.74 -49.96 21.92
C GLY B 1023 9.56 -48.83 22.50
N LEU B 1024 9.44 -48.61 23.81
CA LEU B 1024 10.09 -47.48 24.46
C LEU B 1024 11.61 -47.53 24.29
N ASP B 1025 12.18 -48.72 24.38
CA ASP B 1025 13.63 -48.88 24.22
C ASP B 1025 14.08 -48.50 22.82
N GLU B 1026 13.29 -48.88 21.82
CA GLU B 1026 13.60 -48.58 20.43
C GLU B 1026 13.52 -47.07 20.16
N ILE B 1027 12.53 -46.42 20.77
CA ILE B 1027 12.41 -44.97 20.68
C ILE B 1027 13.64 -44.29 21.27
N GLU B 1028 14.02 -44.72 22.45
CA GLU B 1028 15.20 -44.18 23.14
C GLU B 1028 16.44 -44.35 22.26
N GLN B 1029 16.47 -45.45 21.51
CA GLN B 1029 17.59 -45.71 20.62
C GLN B 1029 17.60 -44.77 19.43
N GLU B 1030 16.40 -44.48 18.90
CA GLU B 1030 16.29 -43.57 17.77
C GLU B 1030 16.66 -42.15 18.19
N ILE B 1031 16.16 -41.71 19.34
CA ILE B 1031 16.54 -40.41 19.88
C ILE B 1031 18.05 -40.32 20.06
N PHE B 1032 18.63 -41.38 20.61
CA PHE B 1032 20.07 -41.46 20.83
C PHE B 1032 20.80 -41.32 19.50
N LYS B 1033 20.26 -41.94 18.46
CA LYS B 1033 20.87 -41.90 17.13
C LYS B 1033 20.92 -40.49 16.56
N LYS B 1034 19.89 -39.69 16.87
CA LYS B 1034 19.76 -38.33 16.34
C LYS B 1034 20.95 -37.45 16.73
N PHE B 1035 21.73 -37.90 17.70
CA PHE B 1035 22.86 -37.13 18.20
C PHE B 1035 24.21 -37.63 17.69
N LYS B 1036 24.18 -38.49 16.68
CA LYS B 1036 25.40 -38.99 16.05
C LYS B 1036 26.21 -37.83 15.47
N MET B 1037 27.46 -37.72 15.88
CA MET B 1037 28.26 -36.54 15.59
C MET B 1037 28.89 -36.57 14.20
N LYS B 1038 28.64 -35.53 13.41
CA LYS B 1038 29.34 -35.33 12.15
C LYS B 1038 30.71 -34.69 12.41
N GLY B 1039 31.54 -34.63 11.39
CA GLY B 1039 32.85 -34.01 11.53
C GLY B 1039 33.91 -34.76 10.76
N LEU B 1040 35.15 -34.67 11.23
CA LEU B 1040 36.27 -35.34 10.58
C LEU B 1040 37.06 -36.19 11.57
N LEU B 1041 37.48 -37.36 11.12
CA LEU B 1041 38.16 -38.32 11.99
C LEU B 1041 39.53 -38.72 11.44
N LEU B 1042 40.26 -39.48 12.25
CA LEU B 1042 41.50 -40.12 11.80
C LEU B 1042 41.17 -41.55 11.38
N GLY B 1043 41.48 -41.89 10.13
CA GLY B 1043 41.12 -43.18 9.57
C GLY B 1043 41.86 -44.36 10.16
N ASP B 1044 41.57 -44.65 11.43
CA ASP B 1044 42.21 -45.77 12.13
C ASP B 1044 41.17 -46.53 12.93
N GLN B 1045 41.27 -47.86 12.94
CA GLN B 1045 40.28 -48.67 13.65
C GLN B 1045 40.37 -48.39 15.16
N GLU B 1046 41.57 -48.09 15.64
CA GLU B 1046 41.80 -47.86 17.05
C GLU B 1046 41.17 -46.56 17.53
N VAL B 1047 41.35 -45.50 16.73
CA VAL B 1047 40.74 -44.21 17.03
C VAL B 1047 39.23 -44.34 17.07
N VAL B 1048 38.67 -44.98 16.05
CA VAL B 1048 37.24 -45.23 15.98
C VAL B 1048 36.73 -45.96 17.23
N ARG B 1049 37.42 -47.04 17.59
CA ARG B 1049 37.04 -47.82 18.77
C ARG B 1049 37.18 -47.02 20.06
N LEU B 1050 38.09 -46.05 20.06
CA LEU B 1050 38.26 -45.18 21.22
C LEU B 1050 37.15 -44.14 21.30
N MET B 1051 36.49 -43.89 20.17
CA MET B 1051 35.41 -42.91 20.13
C MET B 1051 34.07 -43.58 20.41
N ASP B 1052 33.98 -44.87 20.12
CA ASP B 1052 32.77 -45.63 20.40
C ASP B 1052 33.12 -47.06 20.80
N THR B 1053 33.38 -47.26 22.10
CA THR B 1053 33.82 -48.54 22.62
C THR B 1053 32.75 -49.62 22.49
N THR B 1054 31.53 -49.21 22.17
CA THR B 1054 30.41 -50.13 21.96
C THR B 1054 30.52 -50.85 20.62
N LEU B 1055 30.97 -50.10 19.61
CA LEU B 1055 31.03 -50.60 18.23
C LEU B 1055 31.94 -51.82 18.07
N GLN B 1056 31.34 -52.97 17.76
CA GLN B 1056 32.09 -54.19 17.50
C GLN B 1056 32.14 -54.46 16.00
N GLU B 1057 31.00 -54.27 15.35
CA GLU B 1057 30.87 -54.47 13.91
C GLU B 1057 29.65 -53.71 13.38
N GLY B 1058 29.81 -53.03 12.25
CA GLY B 1058 28.72 -52.29 11.66
C GLY B 1058 28.89 -50.80 11.81
N ARG B 1059 27.78 -50.06 11.80
CA ARG B 1059 27.81 -48.60 11.87
C ARG B 1059 27.76 -48.09 13.30
N SER B 1060 28.45 -46.98 13.55
CA SER B 1060 28.44 -46.34 14.86
C SER B 1060 27.25 -45.40 15.00
N ASN B 1061 26.74 -45.28 16.22
CA ASN B 1061 25.65 -44.36 16.51
C ASN B 1061 26.15 -43.09 17.17
N ILE B 1062 27.46 -42.97 17.31
CA ILE B 1062 28.05 -41.83 17.99
C ILE B 1062 28.90 -40.98 17.04
N ILE B 1063 29.54 -41.64 16.08
CA ILE B 1063 30.36 -40.95 15.09
C ILE B 1063 30.10 -41.47 13.69
N ASN B 1064 30.51 -40.72 12.67
CA ASN B 1064 30.31 -41.13 11.30
C ASN B 1064 31.38 -42.11 10.88
N ALA B 1065 31.40 -43.26 11.55
CA ALA B 1065 32.36 -44.32 11.24
C ALA B 1065 31.69 -45.68 11.41
N GLY B 1066 32.29 -46.70 10.81
CA GLY B 1066 31.77 -48.04 10.90
C GLY B 1066 32.85 -49.06 10.63
N LEU B 1067 32.70 -50.25 11.22
CA LEU B 1067 33.67 -51.30 11.00
C LEU B 1067 33.05 -52.45 10.24
N LYS B 1068 33.75 -52.93 9.21
CA LYS B 1068 33.30 -54.08 8.44
C LYS B 1068 33.41 -55.34 9.28
N LYS B 1069 32.87 -56.45 8.78
CA LYS B 1069 33.06 -57.75 9.41
C LYS B 1069 34.55 -58.04 9.54
N ASP B 1070 35.30 -57.52 8.56
CA ASP B 1070 36.75 -57.56 8.56
CA ASP B 1070 36.75 -57.59 8.58
C ASP B 1070 37.30 -56.92 9.83
N GLY B 1071 36.72 -55.79 10.21
CA GLY B 1071 37.18 -55.05 11.37
C GLY B 1071 37.92 -53.83 10.88
N SER B 1072 38.01 -53.70 9.55
CA SER B 1072 38.59 -52.54 8.91
C SER B 1072 37.55 -51.42 8.80
N LEU B 1073 38.00 -50.21 8.52
CA LEU B 1073 37.09 -49.07 8.44
C LEU B 1073 36.15 -49.15 7.23
N ARG B 1074 34.86 -48.91 7.46
CA ARG B 1074 33.91 -48.73 6.38
C ARG B 1074 34.30 -47.51 5.55
N SER B 1075 34.07 -47.57 4.25
CA SER B 1075 34.41 -46.46 3.36
C SER B 1075 33.38 -45.34 3.46
N ASP B 1076 32.30 -45.58 4.20
CA ASP B 1076 31.31 -44.54 4.45
C ASP B 1076 31.80 -43.59 5.53
N SER B 1077 32.84 -44.02 6.26
CA SER B 1077 33.35 -43.29 7.40
C SER B 1077 33.94 -41.95 6.99
N ALA B 1078 33.62 -40.91 7.76
CA ALA B 1078 34.14 -39.57 7.51
C ALA B 1078 35.50 -39.39 8.17
N ALA B 1079 36.53 -39.97 7.55
CA ALA B 1079 37.87 -39.96 8.14
C ALA B 1079 38.95 -39.65 7.12
N VAL B 1080 40.13 -39.28 7.61
CA VAL B 1080 41.29 -39.04 6.78
C VAL B 1080 42.57 -39.45 7.51
N GLY B 1081 43.66 -39.56 6.76
CA GLY B 1081 44.93 -39.95 7.33
C GLY B 1081 45.64 -38.81 8.04
N GLU B 1082 46.79 -39.13 8.62
CA GLU B 1082 47.63 -38.18 9.32
C GLU B 1082 48.03 -37.00 8.44
N LYS B 1083 48.66 -37.32 7.31
CA LYS B 1083 49.10 -36.33 6.33
C LYS B 1083 47.99 -35.34 5.94
N GLU B 1084 46.78 -35.85 5.83
CA GLU B 1084 45.63 -35.03 5.43
C GLU B 1084 45.26 -34.01 6.50
N PHE B 1085 45.17 -34.46 7.75
CA PHE B 1085 44.87 -33.56 8.85
C PHE B 1085 45.88 -32.42 8.96
N ASP B 1086 47.16 -32.77 8.84
CA ASP B 1086 48.24 -31.79 8.90
C ASP B 1086 48.17 -30.87 7.70
N LEU B 1087 47.87 -31.44 6.54
CA LEU B 1087 47.66 -30.68 5.31
C LEU B 1087 46.62 -29.58 5.53
N LEU B 1088 45.46 -29.98 6.05
CA LEU B 1088 44.36 -29.05 6.32
C LEU B 1088 44.78 -27.91 7.25
N THR B 1089 45.39 -28.27 8.38
CA THR B 1089 45.79 -27.28 9.38
C THR B 1089 46.79 -26.29 8.82
N LYS B 1090 47.72 -26.79 8.00
CA LYS B 1090 48.68 -25.91 7.33
C LYS B 1090 47.97 -24.92 6.42
N HIS B 1091 46.99 -25.42 5.66
CA HIS B 1091 46.20 -24.58 4.78
C HIS B 1091 45.47 -23.51 5.57
N VAL B 1092 44.97 -23.89 6.75
CA VAL B 1092 44.27 -22.95 7.62
C VAL B 1092 45.18 -21.78 7.99
N ARG B 1093 46.39 -22.10 8.44
CA ARG B 1093 47.33 -21.06 8.84
C ARG B 1093 47.75 -20.19 7.67
N ARG B 1094 47.81 -20.80 6.48
CA ARG B 1094 48.04 -20.04 5.26
C ARG B 1094 46.92 -19.03 5.06
N THR B 1095 45.67 -19.47 5.21
CA THR B 1095 44.50 -18.61 5.07
C THR B 1095 44.58 -17.40 6.00
N PHE B 1096 44.93 -17.65 7.26
CA PHE B 1096 45.05 -16.60 8.26
C PHE B 1096 46.13 -15.59 7.90
N GLN B 1097 47.29 -16.09 7.47
CA GLN B 1097 48.40 -15.23 7.10
C GLN B 1097 48.02 -14.31 5.95
N GLU B 1098 47.52 -14.90 4.87
CA GLU B 1098 47.12 -14.13 3.69
C GLU B 1098 46.03 -13.11 4.02
N ALA B 1099 45.03 -13.54 4.77
CA ALA B 1099 43.91 -12.68 5.12
C ALA B 1099 44.37 -11.47 5.92
N GLY B 1100 45.12 -11.73 6.97
CA GLY B 1100 45.67 -10.68 7.80
C GLY B 1100 46.52 -9.71 7.00
N GLU B 1101 47.28 -10.26 6.06
CA GLU B 1101 48.10 -9.45 5.16
C GLU B 1101 47.22 -8.47 4.39
N GLN B 1102 46.17 -9.00 3.76
CA GLN B 1102 45.26 -8.19 2.95
C GLN B 1102 44.48 -7.20 3.80
N ILE B 1103 44.21 -7.55 5.05
CA ILE B 1103 43.51 -6.64 5.95
C ILE B 1103 44.38 -5.41 6.25
N THR B 1104 45.66 -5.64 6.52
CA THR B 1104 46.60 -4.55 6.76
C THR B 1104 46.96 -3.83 5.48
N ASP B 1105 46.81 -4.52 4.35
CA ASP B 1105 47.00 -3.90 3.04
C ASP B 1105 45.84 -2.94 2.73
N GLY B 1106 44.83 -2.93 3.58
CA GLY B 1106 43.71 -2.02 3.45
C GLY B 1106 42.66 -2.51 2.45
N ARG B 1107 42.67 -3.80 2.16
CA ARG B 1107 41.73 -4.36 1.21
C ARG B 1107 40.34 -4.44 1.80
N VAL B 1108 39.41 -3.66 1.24
CA VAL B 1108 38.03 -3.63 1.71
C VAL B 1108 37.04 -3.87 0.57
N SER B 1109 37.48 -4.56 -0.46
CA SER B 1109 36.70 -4.71 -1.69
C SER B 1109 35.41 -5.52 -1.51
N ILE B 1110 34.37 -5.13 -2.24
CA ILE B 1110 33.09 -5.82 -2.20
C ILE B 1110 33.14 -7.06 -3.09
N GLU B 1111 33.42 -8.21 -2.48
CA GLU B 1111 33.55 -9.45 -3.24
C GLU B 1111 32.79 -10.60 -2.61
N PRO B 1112 31.46 -10.61 -2.77
CA PRO B 1112 30.60 -11.68 -2.26
C PRO B 1112 30.83 -12.98 -3.01
N TYR B 1113 30.89 -14.11 -2.29
CA TYR B 1113 31.02 -15.38 -2.95
C TYR B 1113 29.64 -15.94 -3.28
N LYS B 1114 29.60 -16.91 -4.18
CA LYS B 1114 28.38 -17.67 -4.44
C LYS B 1114 28.75 -19.13 -4.64
N MET B 1115 28.23 -19.99 -3.77
CA MET B 1115 28.58 -21.40 -3.77
C MET B 1115 27.37 -22.23 -3.33
N LYS B 1116 26.93 -23.11 -4.22
CA LYS B 1116 25.74 -23.93 -4.00
C LYS B 1116 24.49 -23.06 -3.80
N ASN B 1117 24.39 -21.99 -4.58
CA ASN B 1117 23.31 -21.02 -4.50
C ASN B 1117 23.27 -20.25 -3.18
N LYS B 1118 24.30 -20.42 -2.36
CA LYS B 1118 24.37 -19.73 -1.07
C LYS B 1118 25.38 -18.59 -1.10
N THR B 1119 24.95 -17.42 -0.64
CA THR B 1119 25.80 -16.25 -0.59
C THR B 1119 25.93 -15.75 0.84
N PRO B 1120 26.98 -14.96 1.14
CA PRO B 1120 27.06 -14.40 2.50
C PRO B 1120 26.08 -13.24 2.70
N CYS B 1121 25.56 -12.72 1.60
CA CYS B 1121 24.70 -11.54 1.61
C CYS B 1121 23.39 -11.75 2.37
N THR B 1122 22.84 -12.95 2.27
CA THR B 1122 21.58 -13.31 2.90
C THR B 1122 21.57 -13.00 4.40
N TYR B 1123 22.71 -13.27 5.06
CA TYR B 1123 22.83 -13.08 6.50
C TYR B 1123 23.55 -11.78 6.88
N CYS B 1124 23.81 -10.92 5.91
CA CYS B 1124 24.65 -9.76 6.15
C CYS B 1124 23.86 -8.48 6.36
N ALA B 1125 24.21 -7.76 7.42
CA ALA B 1125 23.50 -6.55 7.81
C ALA B 1125 23.82 -5.36 6.91
N PHE B 1126 24.87 -5.47 6.11
CA PHE B 1126 25.44 -4.31 5.43
C PHE B 1126 25.10 -4.21 3.95
N LYS B 1127 23.99 -4.82 3.55
CA LYS B 1127 23.58 -4.83 2.16
C LYS B 1127 23.30 -3.43 1.61
N SER B 1128 22.81 -2.54 2.47
CA SER B 1128 22.50 -1.19 2.02
C SER B 1128 23.70 -0.24 2.13
N VAL B 1129 24.78 -0.73 2.73
CA VAL B 1129 26.01 0.05 2.82
C VAL B 1129 26.87 -0.24 1.59
N CYS B 1130 27.07 -1.51 1.30
CA CYS B 1130 27.81 -1.94 0.13
C CYS B 1130 27.11 -1.48 -1.16
N GLN B 1131 25.79 -1.61 -1.16
CA GLN B 1131 24.95 -1.23 -2.29
C GLN B 1131 25.35 -2.04 -3.53
N PHE B 1132 25.73 -3.29 -3.27
CA PHE B 1132 26.08 -4.26 -4.29
C PHE B 1132 24.98 -4.40 -5.35
N ASP B 1133 25.34 -4.13 -6.60
CA ASP B 1133 24.40 -4.17 -7.70
C ASP B 1133 24.94 -5.04 -8.84
N GLU B 1134 24.48 -6.28 -8.92
CA GLU B 1134 24.96 -7.22 -9.93
C GLU B 1134 24.77 -6.70 -11.35
N SER B 1135 23.67 -6.00 -11.58
CA SER B 1135 23.37 -5.40 -12.88
C SER B 1135 24.44 -4.38 -13.27
N LEU B 1136 25.03 -3.76 -12.26
CA LEU B 1136 26.16 -2.86 -12.48
C LEU B 1136 27.37 -3.63 -12.99
N GLU B 1137 28.13 -3.02 -13.88
CA GLU B 1137 29.41 -3.56 -14.26
C GLU B 1137 30.38 -3.26 -13.12
N GLU B 1138 31.28 -4.22 -12.83
CA GLU B 1138 32.26 -4.20 -11.74
C GLU B 1138 31.70 -4.72 -10.42
N ASN B 1139 30.46 -5.20 -10.43
CA ASN B 1139 29.88 -5.86 -9.26
C ASN B 1139 29.40 -7.26 -9.60
N GLU B 1140 30.16 -8.27 -9.20
CA GLU B 1140 29.76 -9.65 -9.45
C GLU B 1140 30.15 -10.58 -8.31
N TYR B 1141 29.38 -11.65 -8.16
CA TYR B 1141 29.67 -12.66 -7.15
C TYR B 1141 30.92 -13.45 -7.52
N ARG B 1142 31.55 -14.06 -6.52
CA ARG B 1142 32.63 -14.99 -6.76
C ARG B 1142 32.10 -16.41 -6.83
N PRO B 1143 32.04 -16.99 -8.04
CA PRO B 1143 31.60 -18.37 -8.17
C PRO B 1143 32.61 -19.34 -7.56
N LEU B 1144 32.18 -20.11 -6.56
CA LEU B 1144 33.03 -21.12 -5.96
C LEU B 1144 32.51 -22.51 -6.32
N LYS B 1145 33.36 -23.34 -6.91
CA LYS B 1145 32.97 -24.71 -7.25
C LYS B 1145 32.93 -25.59 -6.02
N ALA B 1146 31.78 -26.21 -5.78
CA ALA B 1146 31.61 -27.10 -4.64
C ALA B 1146 32.21 -28.47 -4.93
N GLU B 1147 33.54 -28.54 -4.88
CA GLU B 1147 34.24 -29.78 -5.24
C GLU B 1147 34.16 -30.84 -4.14
N LYS B 1148 34.51 -32.07 -4.51
CA LYS B 1148 34.52 -33.19 -3.57
C LYS B 1148 35.78 -33.15 -2.72
N ASP B 1149 35.70 -33.74 -1.54
CA ASP B 1149 36.80 -33.73 -0.57
C ASP B 1149 38.15 -34.11 -1.17
N LYS B 1150 38.15 -35.19 -1.95
CA LYS B 1150 39.37 -35.69 -2.56
C LYS B 1150 40.00 -34.62 -3.46
N THR B 1151 39.16 -33.93 -4.21
CA THR B 1151 39.60 -32.84 -5.08
C THR B 1151 40.20 -31.70 -4.28
N ILE B 1152 39.55 -31.34 -3.18
CA ILE B 1152 40.00 -30.24 -2.33
C ILE B 1152 41.39 -30.52 -1.77
N LEU B 1153 41.54 -31.69 -1.15
CA LEU B 1153 42.83 -32.10 -0.58
C LEU B 1153 43.90 -32.18 -1.66
N GLU B 1154 43.48 -32.58 -2.86
CA GLU B 1154 44.36 -32.62 -4.01
C GLU B 1154 44.91 -31.22 -4.27
N TRP B 1155 44.01 -30.24 -4.28
CA TRP B 1155 44.38 -28.84 -4.47
C TRP B 1155 45.36 -28.36 -3.40
N ILE B 1156 45.07 -28.71 -2.15
CA ILE B 1156 45.89 -28.29 -1.02
C ILE B 1156 47.30 -28.85 -1.13
N LYS B 1157 47.41 -30.10 -1.56
CA LYS B 1157 48.72 -30.72 -1.75
C LYS B 1157 49.51 -30.01 -2.85
N LYS B 1158 48.86 -29.77 -3.99
CA LYS B 1158 49.50 -29.12 -5.13
C LYS B 1158 49.80 -27.64 -4.87
N GLU B 1159 49.35 -27.15 -3.72
CA GLU B 1159 49.53 -25.75 -3.38
C GLU B 1159 50.13 -25.57 -1.99
#